data_8XFS
#
_entry.id   8XFS
#
_cell.length_a   1.00
_cell.length_b   1.00
_cell.length_c   1.00
_cell.angle_alpha   90.00
_cell.angle_beta   90.00
_cell.angle_gamma   90.00
#
_symmetry.space_group_name_H-M   'P 1'
#
loop_
_entity.id
_entity.type
_entity.pdbx_description
1 polymer 'Leucine-rich repeat-containing G-protein coupled receptor 4'
2 polymer 'E3 ubiquitin-protein ligase ZNRF3'
3 polymer 'nanobody Nb52'
4 polymer R-spondin-2
#
loop_
_entity_poly.entity_id
_entity_poly.type
_entity_poly.pdbx_seq_one_letter_code
_entity_poly.pdbx_strand_id
1 'polypeptide(L)'
;APCSCDGDRRVDCSGKGLTAVPEGLSAFTQALDISMNNITQLPEDAFANFPFLEELQLAGNDLSFIHPKALSGLKELKVL
TLQNNQLKTVPSEAIRGLSALQSLRLDANHITSVPEDSFEGLVQLRHLWLDDNSLTEVPVHPLSNLPTLQALTLALNKIS
SIPDFAFTNLSSLVVLHLHNNKIRSLSQHCFDGLDNLETLDLNYNNLGEFPQAIKALPSLKELGFHSNSISVIPDGAFDG
NPLLRTIHLYDNPLSFVGNSAFHNLSDLHSLVIRGASMVQQFPNLTGTVHLESLTLTGTKISSIPNNLCQEQKMLRTLDL
SYNNIRDLPSFNGCHALEEISLQRNQIYQIKEGTFQGLISLRILDLSRNLIHEIHSRAFATLGPITNLDVSFNELTSFPT
EGLNGLNQLKLVGNFKLKEALAAKDFVNLRSLSVPYAYQCCAFWGCDSYANLNTEDNSLQDHSVAQEKGTADAANVTSTL
ENEEHSQIIIHCTPSTGAFKPCEYLLGSWMIRLTVWFIFLVALFFNLLVILTTFASCTSLPSSKLFIGLISVSNLFMGIY
TGILTFLDAVSWGRFAEFGIWWETGSGCKVAGFLAVFSSESAIFLLMLATVERSLSAKDIMKNGKSNHLKQFRVAALLAF
LGATVAGCFPLFHRGEYSASPLCLPFPTGETPSLGFTVTLVLLNSLAFLLMAVIYTKLYCNLEKEDLSENSQSSMIKHVA
WLIFTNCIFFCPVAFFSFAPLITAISISPEIMKSVTLIFFPLPACLNPVLYVFFNPKFKEDWKLLKRRVTK
;
A
2 'polypeptide(L)'
;KETAFVEVVLFESSPSGDYTTYTTGLTGRFSRAGATLSAEGEIVQMHPLGLCNNNDEEDLYEYGWVGVVKLEQPELDPKP
CLTVLGKAKRAVQRGATAVIFDVSENPEAIDQLNQGSEDPLKRPVVYVKGADAIKLMNIVNKQKVARARIQHRPPRQPTE
YFDMGIFLAFFVVVSLVCLILLVKIKLKQR
;
C,E
3 'polypeptide(L)'
;SLRLSCAASGYTYSPYCMGWFRQAPGKAREGVATVDLDGSTIYADSVKGRFTISQDNAKNTLYLQMNSLKPEDTAMYYCA
SRTRAGVTCGLNWAIFSYWGQGTQVT
;
F
4 'polypeptide(L)'
;KGCLSCSKDNGCSRCQQKLFFFLRREGMRQYGECLHSCPSGYYGHRAPDMNRCARCRIENCDSCFSKDFCTKCKVGFYLH
RGRCFDECPDGFAPLDETMEC
;
B,D
#
# COMPACT_ATOMS: atom_id res chain seq x y z
N ALA A 1 -0.93 -49.73 -6.92
CA ALA A 1 0.34 -49.28 -7.50
C ALA A 1 0.44 -47.75 -7.65
N PRO A 2 -0.59 -47.08 -8.17
CA PRO A 2 -0.53 -45.61 -8.23
C PRO A 2 -0.46 -44.96 -6.85
N CYS A 3 -0.88 -45.64 -5.80
CA CYS A 3 -0.83 -45.08 -4.46
C CYS A 3 0.62 -44.83 -4.04
N SER A 4 0.81 -43.76 -3.27
CA SER A 4 2.13 -43.37 -2.76
C SER A 4 2.12 -43.59 -1.24
N CYS A 5 2.50 -44.80 -0.83
CA CYS A 5 2.51 -45.13 0.59
C CYS A 5 3.56 -44.29 1.32
N ASP A 6 3.20 -43.84 2.51
CA ASP A 6 4.08 -43.04 3.35
C ASP A 6 4.81 -43.94 4.34
N GLY A 7 5.60 -43.30 5.21
CA GLY A 7 6.40 -44.05 6.17
C GLY A 7 5.54 -44.82 7.17
N ASP A 8 4.54 -44.14 7.73
CA ASP A 8 3.66 -44.77 8.72
C ASP A 8 2.43 -45.39 8.06
N ARG A 9 2.67 -46.21 7.04
CA ARG A 9 1.65 -46.92 6.26
C ARG A 9 0.42 -46.06 5.98
N ARG A 10 0.65 -44.80 5.65
CA ARG A 10 -0.43 -43.86 5.31
C ARG A 10 -0.57 -43.82 3.81
N VAL A 11 -1.57 -44.52 3.28
CA VAL A 11 -1.79 -44.59 1.84
C VAL A 11 -2.30 -43.24 1.36
N ASP A 12 -1.69 -42.73 0.29
CA ASP A 12 -2.12 -41.48 -0.35
C ASP A 12 -2.25 -41.74 -1.85
N CYS A 13 -3.50 -41.86 -2.31
CA CYS A 13 -3.80 -42.10 -3.72
C CYS A 13 -4.84 -41.08 -4.14
N SER A 14 -4.40 -39.89 -4.54
CA SER A 14 -5.28 -38.81 -4.93
C SER A 14 -4.91 -38.31 -6.31
N GLY A 15 -5.92 -38.00 -7.12
CA GLY A 15 -5.70 -37.51 -8.46
C GLY A 15 -5.29 -38.55 -9.47
N LYS A 16 -5.40 -39.84 -9.14
CA LYS A 16 -5.00 -40.91 -10.03
C LYS A 16 -6.11 -41.35 -10.98
N GLY A 17 -7.29 -40.72 -10.90
CA GLY A 17 -8.37 -41.08 -11.80
C GLY A 17 -8.97 -42.44 -11.56
N LEU A 18 -8.90 -42.94 -10.33
CA LEU A 18 -9.47 -44.26 -10.03
C LEU A 18 -10.99 -44.21 -10.10
N THR A 19 -11.58 -45.38 -10.35
CA THR A 19 -13.03 -45.53 -10.38
C THR A 19 -13.53 -46.46 -9.28
N ALA A 20 -12.66 -46.92 -8.40
CA ALA A 20 -13.05 -47.81 -7.32
C ALA A 20 -12.03 -47.69 -6.19
N VAL A 21 -12.31 -48.40 -5.10
CA VAL A 21 -11.40 -48.38 -3.96
C VAL A 21 -10.08 -49.03 -4.36
N PRO A 22 -8.93 -48.48 -3.95
CA PRO A 22 -7.65 -49.12 -4.29
C PRO A 22 -7.56 -50.53 -3.71
N GLU A 23 -6.92 -51.41 -4.46
CA GLU A 23 -6.76 -52.81 -4.09
C GLU A 23 -5.27 -53.16 -4.04
N GLY A 24 -4.97 -54.24 -3.33
CA GLY A 24 -3.58 -54.64 -3.14
C GLY A 24 -2.80 -53.70 -2.25
N LEU A 25 -3.42 -53.20 -1.19
CA LEU A 25 -2.77 -52.34 -0.22
C LEU A 25 -2.61 -53.08 1.11
N SER A 26 -1.71 -52.56 1.93
CA SER A 26 -1.47 -53.16 3.24
C SER A 26 -2.74 -53.09 4.09
N ALA A 27 -3.11 -54.23 4.67
CA ALA A 27 -4.32 -54.30 5.49
C ALA A 27 -4.17 -53.57 6.82
N PHE A 28 -2.97 -53.15 7.19
CA PHE A 28 -2.73 -52.49 8.46
C PHE A 28 -2.67 -50.97 8.33
N THR A 29 -3.02 -50.42 7.16
CA THR A 29 -2.92 -48.99 6.94
C THR A 29 -3.88 -48.23 7.84
N GLN A 30 -3.50 -46.99 8.16
CA GLN A 30 -4.28 -46.15 9.08
C GLN A 30 -5.16 -45.16 8.34
N ALA A 31 -4.59 -44.33 7.48
CA ALA A 31 -5.32 -43.29 6.78
C ALA A 31 -5.36 -43.59 5.29
N LEU A 32 -6.56 -43.50 4.72
CA LEU A 32 -6.77 -43.66 3.29
C LEU A 32 -7.27 -42.35 2.70
N ASP A 33 -6.62 -41.90 1.64
CA ASP A 33 -6.89 -40.59 1.03
C ASP A 33 -7.10 -40.78 -0.47
N ILE A 34 -8.33 -41.08 -0.87
CA ILE A 34 -8.71 -41.09 -2.28
C ILE A 34 -9.62 -39.91 -2.52
N SER A 35 -9.04 -38.77 -2.92
CA SER A 35 -9.75 -37.51 -2.93
C SER A 35 -10.25 -37.11 -4.31
N MET A 36 -9.35 -36.97 -5.28
CA MET A 36 -9.72 -36.44 -6.59
C MET A 36 -10.06 -37.53 -7.60
N ASN A 37 -10.12 -38.78 -7.17
CA ASN A 37 -10.45 -39.85 -8.10
C ASN A 37 -11.91 -39.77 -8.51
N ASN A 38 -12.26 -40.53 -9.54
CA ASN A 38 -13.64 -40.58 -10.03
C ASN A 38 -14.38 -41.80 -9.47
N ILE A 39 -14.54 -41.80 -8.15
CA ILE A 39 -15.30 -42.85 -7.47
C ILE A 39 -16.75 -42.38 -7.41
N THR A 40 -17.57 -42.88 -8.34
CA THR A 40 -18.95 -42.41 -8.43
C THR A 40 -19.80 -43.01 -7.31
N GLN A 41 -19.61 -44.28 -7.00
CA GLN A 41 -20.43 -44.97 -6.01
C GLN A 41 -19.55 -45.88 -5.17
N LEU A 42 -20.02 -46.16 -3.95
CA LEU A 42 -19.32 -47.08 -3.06
C LEU A 42 -20.05 -48.40 -2.99
N PRO A 43 -19.52 -49.48 -3.56
CA PRO A 43 -20.21 -50.77 -3.52
C PRO A 43 -20.18 -51.38 -2.14
N GLU A 44 -20.97 -52.44 -1.97
CA GLU A 44 -21.05 -53.13 -0.70
C GLU A 44 -19.71 -53.74 -0.32
N ASP A 45 -19.32 -53.57 0.95
CA ASP A 45 -18.07 -54.09 1.48
C ASP A 45 -16.87 -53.65 0.65
N ALA A 46 -16.86 -52.36 0.28
CA ALA A 46 -15.74 -51.81 -0.47
C ALA A 46 -14.50 -51.60 0.39
N PHE A 47 -14.65 -51.55 1.70
CA PHE A 47 -13.54 -51.35 2.62
C PHE A 47 -13.33 -52.57 3.51
N ALA A 48 -13.54 -53.76 2.95
CA ALA A 48 -13.33 -54.99 3.70
C ALA A 48 -11.85 -55.32 3.86
N ASN A 49 -10.97 -54.70 3.08
CA ASN A 49 -9.54 -54.96 3.13
C ASN A 49 -8.79 -54.00 4.05
N PHE A 50 -9.49 -53.10 4.74
CA PHE A 50 -8.86 -52.11 5.61
C PHE A 50 -9.53 -52.15 6.98
N PRO A 51 -9.35 -53.24 7.74
CA PRO A 51 -10.00 -53.33 9.05
C PRO A 51 -9.58 -52.25 10.02
N PHE A 52 -8.33 -51.79 9.96
CA PHE A 52 -7.80 -50.83 10.91
C PHE A 52 -7.75 -49.41 10.35
N LEU A 53 -8.70 -49.05 9.51
CA LEU A 53 -8.72 -47.72 8.94
C LEU A 53 -9.04 -46.68 10.01
N GLU A 54 -8.35 -45.55 9.95
CA GLU A 54 -8.45 -44.52 10.98
C GLU A 54 -8.93 -43.18 10.45
N GLU A 55 -8.74 -42.89 9.16
CA GLU A 55 -9.11 -41.60 8.61
C GLU A 55 -9.37 -41.78 7.12
N LEU A 56 -10.63 -41.66 6.71
CA LEU A 56 -11.03 -41.87 5.33
C LEU A 56 -11.37 -40.54 4.68
N GLN A 57 -10.73 -40.23 3.56
CA GLN A 57 -10.98 -39.00 2.83
C GLN A 57 -11.55 -39.35 1.46
N LEU A 58 -12.72 -38.78 1.14
CA LEU A 58 -13.35 -38.95 -0.16
C LEU A 58 -13.73 -37.61 -0.76
N ALA A 59 -12.91 -36.60 -0.53
CA ALA A 59 -13.24 -35.22 -0.90
C ALA A 59 -12.88 -34.98 -2.36
N GLY A 60 -13.88 -34.90 -3.22
CA GLY A 60 -13.63 -34.51 -4.60
C GLY A 60 -14.31 -35.37 -5.64
N ASN A 61 -14.50 -36.65 -5.34
CA ASN A 61 -15.16 -37.54 -6.29
C ASN A 61 -16.61 -37.14 -6.48
N ASP A 62 -17.15 -37.50 -7.65
CA ASP A 62 -18.57 -37.33 -7.91
C ASP A 62 -19.35 -38.46 -7.25
N LEU A 63 -19.23 -38.52 -5.93
CA LEU A 63 -19.85 -39.58 -5.14
C LEU A 63 -21.32 -39.26 -4.96
N SER A 64 -22.20 -40.18 -5.36
CA SER A 64 -23.63 -39.98 -5.29
C SER A 64 -24.38 -41.14 -4.65
N PHE A 65 -23.70 -42.24 -4.33
CA PHE A 65 -24.37 -43.37 -3.70
C PHE A 65 -23.38 -44.11 -2.81
N ILE A 66 -23.80 -44.38 -1.58
CA ILE A 66 -23.02 -45.17 -0.63
C ILE A 66 -23.91 -46.32 -0.17
N HIS A 67 -23.46 -47.55 -0.42
CA HIS A 67 -24.25 -48.71 -0.06
C HIS A 67 -24.40 -48.78 1.46
N PRO A 68 -25.55 -49.22 1.97
CA PRO A 68 -25.70 -49.33 3.43
C PRO A 68 -24.66 -50.23 4.06
N LYS A 69 -24.29 -51.33 3.40
CA LYS A 69 -23.22 -52.19 3.88
C LYS A 69 -21.88 -51.79 3.27
N ALA A 70 -21.56 -50.50 3.37
CA ALA A 70 -20.26 -49.98 2.98
C ALA A 70 -19.69 -49.20 4.14
N LEU A 71 -18.36 -49.07 4.15
CA LEU A 71 -17.61 -48.60 5.30
C LEU A 71 -18.18 -49.18 6.59
N SER A 72 -18.38 -50.50 6.58
CA SER A 72 -18.91 -51.24 7.72
C SER A 72 -17.80 -52.07 8.33
N GLY A 73 -17.81 -52.18 9.65
CA GLY A 73 -16.71 -52.79 10.37
C GLY A 73 -15.55 -51.87 10.62
N LEU A 74 -15.62 -50.62 10.16
CA LEU A 74 -14.56 -49.64 10.38
C LEU A 74 -14.72 -49.01 11.77
N LYS A 75 -14.64 -49.87 12.80
CA LYS A 75 -14.83 -49.43 14.17
C LYS A 75 -13.68 -48.57 14.68
N GLU A 76 -12.58 -48.49 13.95
CA GLU A 76 -11.47 -47.61 14.32
C GLU A 76 -11.49 -46.29 13.55
N LEU A 77 -12.48 -46.08 12.69
CA LEU A 77 -12.55 -44.84 11.93
C LEU A 77 -12.86 -43.66 12.85
N LYS A 78 -12.16 -42.55 12.62
CA LYS A 78 -12.32 -41.37 13.47
C LYS A 78 -12.61 -40.12 12.66
N VAL A 79 -12.11 -40.06 11.43
CA VAL A 79 -12.28 -38.90 10.56
C VAL A 79 -12.84 -39.37 9.23
N LEU A 80 -13.91 -38.72 8.77
CA LEU A 80 -14.52 -39.05 7.49
C LEU A 80 -14.77 -37.76 6.71
N THR A 81 -14.31 -37.72 5.46
CA THR A 81 -14.44 -36.53 4.64
C THR A 81 -15.25 -36.85 3.40
N LEU A 82 -16.39 -36.15 3.23
CA LEU A 82 -17.26 -36.32 2.08
C LEU A 82 -17.74 -34.99 1.53
N GLN A 83 -16.87 -33.98 1.54
CA GLN A 83 -17.32 -32.60 1.36
C GLN A 83 -17.76 -32.33 -0.08
N ASN A 84 -16.83 -32.43 -1.03
CA ASN A 84 -17.07 -31.94 -2.38
C ASN A 84 -17.74 -32.98 -3.28
N ASN A 85 -18.44 -33.95 -2.71
CA ASN A 85 -19.13 -34.95 -3.50
C ASN A 85 -20.47 -34.39 -3.98
N GLN A 86 -21.32 -35.26 -4.53
CA GLN A 86 -22.62 -34.86 -5.06
C GLN A 86 -23.76 -35.53 -4.32
N LEU A 87 -23.56 -35.84 -3.04
CA LEU A 87 -24.64 -36.41 -2.24
C LEU A 87 -25.78 -35.43 -2.11
N LYS A 88 -27.00 -35.91 -2.30
CA LYS A 88 -28.20 -35.09 -2.16
C LYS A 88 -28.78 -35.15 -0.75
N THR A 89 -28.22 -35.94 0.14
CA THR A 89 -28.72 -36.07 1.50
C THR A 89 -27.63 -36.65 2.37
N VAL A 90 -27.77 -36.48 3.68
CA VAL A 90 -26.84 -37.12 4.61
C VAL A 90 -27.03 -38.64 4.54
N PRO A 91 -25.96 -39.42 4.44
CA PRO A 91 -26.14 -40.88 4.39
C PRO A 91 -26.51 -41.46 5.74
N SER A 92 -27.80 -41.42 6.08
CA SER A 92 -28.23 -41.83 7.42
C SER A 92 -27.93 -43.31 7.67
N GLU A 93 -28.27 -44.17 6.72
CA GLU A 93 -28.04 -45.61 6.91
C GLU A 93 -26.57 -45.97 6.74
N ALA A 94 -25.88 -45.34 5.78
CA ALA A 94 -24.47 -45.67 5.56
C ALA A 94 -23.60 -45.23 6.72
N ILE A 95 -23.92 -44.08 7.32
CA ILE A 95 -23.06 -43.51 8.35
C ILE A 95 -23.22 -44.21 9.69
N ARG A 96 -24.33 -44.91 9.93
CA ARG A 96 -24.54 -45.56 11.21
C ARG A 96 -23.57 -46.72 11.39
N GLY A 97 -23.30 -47.05 12.65
CA GLY A 97 -22.33 -48.09 12.96
C GLY A 97 -20.91 -47.61 13.13
N LEU A 98 -20.64 -46.32 12.90
CA LEU A 98 -19.30 -45.77 13.10
C LEU A 98 -19.23 -45.17 14.51
N SER A 99 -19.19 -46.07 15.50
CA SER A 99 -19.25 -45.67 16.90
C SER A 99 -18.00 -44.92 17.36
N ALA A 100 -16.92 -44.92 16.58
CA ALA A 100 -15.71 -44.22 16.96
C ALA A 100 -15.45 -42.98 16.12
N LEU A 101 -16.41 -42.56 15.30
CA LEU A 101 -16.22 -41.40 14.45
C LEU A 101 -16.15 -40.13 15.30
N GLN A 102 -15.19 -39.26 14.99
CA GLN A 102 -15.00 -38.03 15.74
C GLN A 102 -15.09 -36.77 14.89
N SER A 103 -15.14 -36.90 13.56
CA SER A 103 -15.27 -35.72 12.70
C SER A 103 -15.82 -36.18 11.36
N LEU A 104 -16.85 -35.47 10.89
CA LEU A 104 -17.53 -35.79 9.64
C LEU A 104 -17.65 -34.54 8.81
N ARG A 105 -17.27 -34.62 7.54
CA ARG A 105 -17.33 -33.48 6.63
C ARG A 105 -18.41 -33.72 5.57
N LEU A 106 -19.32 -32.78 5.45
CA LEU A 106 -20.37 -32.82 4.44
C LEU A 106 -20.56 -31.42 3.82
N ASP A 107 -19.46 -30.74 3.54
CA ASP A 107 -19.48 -29.33 3.17
C ASP A 107 -20.24 -29.03 1.89
N ALA A 108 -19.72 -29.52 0.75
CA ALA A 108 -20.19 -29.06 -0.54
C ALA A 108 -21.26 -29.95 -1.16
N ASN A 109 -21.68 -31.00 -0.48
CA ASN A 109 -22.77 -31.82 -1.00
C ASN A 109 -24.05 -31.01 -1.10
N HIS A 110 -24.76 -31.16 -2.21
CA HIS A 110 -26.01 -30.43 -2.43
C HIS A 110 -27.14 -31.09 -1.65
N ILE A 111 -26.97 -31.13 -0.33
CA ILE A 111 -27.93 -31.78 0.55
C ILE A 111 -29.12 -30.86 0.76
N THR A 112 -30.32 -31.39 0.52
CA THR A 112 -31.55 -30.65 0.76
C THR A 112 -32.50 -31.35 1.71
N SER A 113 -32.30 -32.63 2.01
CA SER A 113 -33.16 -33.37 2.91
C SER A 113 -32.31 -34.12 3.93
N VAL A 114 -32.79 -34.15 5.17
CA VAL A 114 -32.10 -34.87 6.24
C VAL A 114 -33.08 -35.87 6.87
N PRO A 115 -32.85 -37.17 6.73
CA PRO A 115 -33.76 -38.14 7.34
C PRO A 115 -33.85 -37.96 8.85
N GLU A 116 -35.04 -38.20 9.39
CA GLU A 116 -35.30 -37.95 10.80
C GLU A 116 -34.49 -38.86 11.72
N ASP A 117 -33.99 -39.98 11.22
CA ASP A 117 -33.24 -40.93 12.04
C ASP A 117 -31.74 -40.89 11.74
N SER A 118 -31.27 -39.83 11.10
CA SER A 118 -29.85 -39.73 10.78
C SER A 118 -29.02 -39.52 12.03
N PHE A 119 -27.71 -39.72 11.88
CA PHE A 119 -26.74 -39.55 12.97
C PHE A 119 -27.05 -40.45 14.16
N GLU A 120 -27.63 -41.62 13.90
CA GLU A 120 -27.87 -42.61 14.95
C GLU A 120 -26.60 -43.39 15.23
N GLY A 121 -26.27 -43.54 16.52
CA GLY A 121 -25.13 -44.32 16.92
C GLY A 121 -23.80 -43.59 16.92
N LEU A 122 -23.77 -42.33 16.49
CA LEU A 122 -22.54 -41.53 16.53
C LEU A 122 -22.38 -41.02 17.95
N VAL A 123 -21.90 -41.92 18.82
CA VAL A 123 -21.88 -41.63 20.26
C VAL A 123 -20.85 -40.55 20.58
N GLN A 124 -19.71 -40.56 19.90
CA GLN A 124 -18.61 -39.66 20.23
C GLN A 124 -18.23 -38.78 19.04
N LEU A 125 -19.22 -38.26 18.33
CA LEU A 125 -18.96 -37.28 17.29
C LEU A 125 -18.70 -35.92 17.92
N ARG A 126 -17.66 -35.24 17.45
CA ARG A 126 -17.25 -33.98 18.06
C ARG A 126 -17.08 -32.84 17.07
N HIS A 127 -17.20 -33.08 15.77
CA HIS A 127 -17.11 -32.02 14.77
C HIS A 127 -18.05 -32.36 13.63
N LEU A 128 -18.82 -31.38 13.16
CA LEU A 128 -19.75 -31.60 12.07
C LEU A 128 -19.67 -30.45 11.09
N TRP A 129 -19.61 -30.77 9.81
CA TRP A 129 -19.54 -29.77 8.74
C TRP A 129 -20.77 -29.91 7.86
N LEU A 130 -21.53 -28.83 7.71
CA LEU A 130 -22.67 -28.76 6.80
C LEU A 130 -22.70 -27.42 6.09
N ASP A 131 -21.54 -26.95 5.64
CA ASP A 131 -21.38 -25.57 5.17
C ASP A 131 -22.26 -25.22 3.98
N ASP A 132 -22.02 -25.84 2.83
CA ASP A 132 -22.56 -25.36 1.56
C ASP A 132 -23.80 -26.13 1.12
N ASN A 133 -24.38 -26.95 1.98
CA ASN A 133 -25.61 -27.65 1.62
C ASN A 133 -26.75 -26.66 1.47
N SER A 134 -27.78 -27.08 0.75
CA SER A 134 -28.99 -26.28 0.58
C SER A 134 -30.06 -26.70 1.57
N LEU A 135 -29.69 -26.66 2.85
CA LEU A 135 -30.64 -26.97 3.91
C LEU A 135 -31.66 -25.84 4.05
N THR A 136 -32.90 -26.22 4.38
CA THR A 136 -33.99 -25.28 4.58
C THR A 136 -34.20 -24.94 6.04
N GLU A 137 -34.20 -25.94 6.91
CA GLU A 137 -34.39 -25.73 8.34
C GLU A 137 -33.40 -26.59 9.11
N VAL A 138 -33.12 -26.17 10.34
CA VAL A 138 -32.17 -26.90 11.17
C VAL A 138 -32.73 -28.28 11.49
N PRO A 139 -31.96 -29.35 11.30
CA PRO A 139 -32.45 -30.69 11.64
C PRO A 139 -32.44 -30.93 13.14
N VAL A 140 -33.48 -30.49 13.82
CA VAL A 140 -33.50 -30.54 15.29
C VAL A 140 -33.44 -31.98 15.77
N HIS A 141 -34.31 -32.84 15.24
CA HIS A 141 -34.31 -34.24 15.67
C HIS A 141 -33.02 -34.96 15.31
N PRO A 142 -32.47 -34.85 14.09
CA PRO A 142 -31.16 -35.47 13.83
C PRO A 142 -30.06 -34.94 14.73
N LEU A 143 -30.08 -33.65 15.06
CA LEU A 143 -29.08 -33.12 15.98
C LEU A 143 -29.33 -33.51 17.43
N SER A 144 -30.52 -34.03 17.74
CA SER A 144 -30.81 -34.51 19.08
C SER A 144 -30.07 -35.79 19.42
N ASN A 145 -29.45 -36.45 18.45
CA ASN A 145 -28.74 -37.70 18.66
C ASN A 145 -27.25 -37.51 18.84
N LEU A 146 -26.79 -36.27 19.02
CA LEU A 146 -25.36 -35.96 19.15
C LEU A 146 -25.13 -35.13 20.40
N PRO A 147 -25.23 -35.75 21.58
CA PRO A 147 -25.03 -34.98 22.83
C PRO A 147 -23.58 -34.63 23.10
N THR A 148 -22.62 -35.14 22.31
CA THR A 148 -21.21 -34.87 22.53
C THR A 148 -20.62 -33.94 21.46
N LEU A 149 -21.46 -33.28 20.68
CA LEU A 149 -20.97 -32.42 19.61
C LEU A 149 -20.28 -31.18 20.20
N GLN A 150 -19.20 -30.76 19.55
CA GLN A 150 -18.44 -29.61 20.01
C GLN A 150 -18.25 -28.52 18.95
N ALA A 151 -18.52 -28.79 17.68
CA ALA A 151 -18.34 -27.80 16.63
C ALA A 151 -19.38 -28.04 15.54
N LEU A 152 -20.21 -27.04 15.27
CA LEU A 152 -21.26 -27.16 14.28
C LEU A 152 -21.26 -25.93 13.38
N THR A 153 -21.29 -26.16 12.07
CA THR A 153 -21.29 -25.07 11.10
C THR A 153 -22.39 -25.30 10.08
N LEU A 154 -23.25 -24.31 9.89
CA LEU A 154 -24.32 -24.31 8.90
C LEU A 154 -24.28 -23.02 8.09
N ALA A 155 -23.08 -22.68 7.62
CA ALA A 155 -22.83 -21.34 7.11
C ALA A 155 -23.66 -21.02 5.87
N LEU A 156 -23.42 -21.74 4.78
CA LEU A 156 -23.93 -21.34 3.47
C LEU A 156 -25.29 -21.95 3.15
N ASN A 157 -25.98 -22.52 4.13
CA ASN A 157 -27.30 -23.07 3.88
C ASN A 157 -28.32 -21.94 3.74
N LYS A 158 -29.58 -22.30 3.49
CA LYS A 158 -30.67 -21.34 3.32
C LYS A 158 -31.69 -21.60 4.42
N ILE A 159 -31.46 -20.99 5.58
CA ILE A 159 -32.29 -21.18 6.76
C ILE A 159 -33.09 -19.91 7.00
N SER A 160 -34.41 -20.06 7.15
CA SER A 160 -35.29 -18.91 7.32
C SER A 160 -35.39 -18.49 8.79
N SER A 161 -35.57 -19.45 9.70
CA SER A 161 -35.72 -19.13 11.11
C SER A 161 -35.30 -20.34 11.93
N ILE A 162 -34.99 -20.09 13.20
CA ILE A 162 -34.59 -21.11 14.16
C ILE A 162 -35.72 -21.27 15.17
N PRO A 163 -36.41 -22.40 15.18
CA PRO A 163 -37.52 -22.57 16.13
C PRO A 163 -37.06 -22.76 17.57
N ASP A 164 -38.00 -22.84 18.49
CA ASP A 164 -37.67 -23.00 19.90
C ASP A 164 -37.03 -24.37 20.15
N PHE A 165 -36.05 -24.39 21.06
CA PHE A 165 -35.39 -25.63 21.49
C PHE A 165 -34.78 -26.38 20.31
N ALA A 166 -34.20 -25.64 19.37
CA ALA A 166 -33.56 -26.27 18.23
C ALA A 166 -32.32 -27.04 18.65
N PHE A 167 -31.51 -26.47 19.53
CA PHE A 167 -30.27 -27.07 19.99
C PHE A 167 -30.31 -27.35 21.48
N THR A 168 -31.45 -27.87 21.96
CA THR A 168 -31.62 -28.05 23.40
C THR A 168 -30.73 -29.16 23.95
N ASN A 169 -30.49 -30.21 23.16
CA ASN A 169 -29.72 -31.36 23.64
C ASN A 169 -28.22 -31.23 23.40
N LEU A 170 -27.77 -30.19 22.69
CA LEU A 170 -26.34 -30.00 22.44
C LEU A 170 -25.70 -29.36 23.66
N SER A 171 -25.63 -30.15 24.74
CA SER A 171 -25.15 -29.64 26.02
C SER A 171 -23.66 -29.30 26.01
N SER A 172 -22.90 -29.77 25.01
CA SER A 172 -21.46 -29.56 24.99
C SER A 172 -21.00 -28.82 23.74
N LEU A 173 -21.88 -28.09 23.08
CA LEU A 173 -21.49 -27.33 21.91
C LEU A 173 -20.58 -26.17 22.29
N VAL A 174 -19.61 -25.87 21.43
CA VAL A 174 -18.62 -24.83 21.67
C VAL A 174 -18.64 -23.76 20.60
N VAL A 175 -18.66 -24.18 19.33
CA VAL A 175 -18.59 -23.27 18.19
C VAL A 175 -19.82 -23.48 17.33
N LEU A 176 -20.53 -22.40 17.01
CA LEU A 176 -21.72 -22.45 16.17
C LEU A 176 -21.60 -21.42 15.07
N HIS A 177 -21.63 -21.88 13.82
CA HIS A 177 -21.50 -21.02 12.65
C HIS A 177 -22.81 -21.02 11.85
N LEU A 178 -23.35 -19.83 11.63
CA LEU A 178 -24.55 -19.62 10.82
C LEU A 178 -24.34 -18.44 9.88
N HIS A 179 -23.21 -18.44 9.17
CA HIS A 179 -22.69 -17.28 8.47
C HIS A 179 -23.67 -16.63 7.50
N ASN A 180 -24.04 -17.33 6.42
CA ASN A 180 -24.72 -16.70 5.30
C ASN A 180 -26.12 -17.26 5.06
N ASN A 181 -26.75 -17.82 6.08
CA ASN A 181 -28.16 -18.17 5.93
C ASN A 181 -29.00 -16.90 5.89
N LYS A 182 -30.19 -17.01 5.29
CA LYS A 182 -31.10 -15.88 5.23
C LYS A 182 -32.06 -15.89 6.41
N ILE A 183 -31.51 -15.96 7.62
CA ILE A 183 -32.32 -15.97 8.83
C ILE A 183 -32.94 -14.59 9.03
N ARG A 184 -34.25 -14.56 9.32
CA ARG A 184 -34.95 -13.31 9.54
C ARG A 184 -35.60 -13.21 10.92
N SER A 185 -35.69 -14.30 11.66
CA SER A 185 -36.34 -14.27 12.97
C SER A 185 -35.76 -15.37 13.85
N LEU A 186 -35.50 -15.03 15.10
CA LEU A 186 -35.03 -15.98 16.10
C LEU A 186 -36.03 -16.04 17.24
N SER A 187 -36.43 -17.25 17.61
CA SER A 187 -37.37 -17.40 18.71
C SER A 187 -36.68 -17.08 20.03
N GLN A 188 -37.51 -16.87 21.07
CA GLN A 188 -36.98 -16.46 22.37
C GLN A 188 -36.14 -17.54 23.01
N HIS A 189 -36.40 -18.81 22.70
CA HIS A 189 -35.72 -19.93 23.34
C HIS A 189 -35.05 -20.85 22.32
N CYS A 190 -34.65 -20.31 21.17
CA CYS A 190 -33.95 -21.13 20.18
C CYS A 190 -32.60 -21.59 20.72
N PHE A 191 -31.85 -20.68 21.34
CA PHE A 191 -30.57 -21.03 21.96
C PHE A 191 -30.75 -21.34 23.45
N ASP A 192 -31.67 -22.24 23.76
CA ASP A 192 -31.97 -22.60 25.14
C ASP A 192 -31.23 -23.88 25.52
N GLY A 193 -30.59 -23.86 26.68
CA GLY A 193 -29.82 -25.02 27.11
C GLY A 193 -28.51 -25.21 26.38
N LEU A 194 -28.10 -24.22 25.57
CA LEU A 194 -26.88 -24.34 24.78
C LEU A 194 -25.68 -23.76 25.55
N ASP A 195 -25.47 -24.32 26.73
CA ASP A 195 -24.36 -23.89 27.56
C ASP A 195 -23.03 -24.32 26.94
N ASN A 196 -21.94 -23.79 27.49
CA ASN A 196 -20.57 -24.00 27.05
C ASN A 196 -20.30 -23.39 25.68
N LEU A 197 -21.28 -22.77 25.04
CA LEU A 197 -21.06 -22.16 23.74
C LEU A 197 -20.17 -20.92 23.89
N GLU A 198 -19.15 -20.82 23.04
CA GLU A 198 -18.19 -19.73 23.13
C GLU A 198 -18.16 -18.84 21.90
N THR A 199 -18.40 -19.38 20.71
CA THR A 199 -18.36 -18.62 19.47
C THR A 199 -19.68 -18.77 18.74
N LEU A 200 -20.32 -17.64 18.43
CA LEU A 200 -21.60 -17.63 17.72
C LEU A 200 -21.48 -16.69 16.53
N ASP A 201 -21.68 -17.24 15.32
CA ASP A 201 -21.58 -16.47 14.10
C ASP A 201 -22.96 -16.29 13.47
N LEU A 202 -23.35 -15.04 13.27
CA LEU A 202 -24.59 -14.68 12.58
C LEU A 202 -24.33 -13.53 11.62
N ASN A 203 -23.22 -13.60 10.88
CA ASN A 203 -22.71 -12.45 10.16
C ASN A 203 -23.65 -11.94 9.06
N TYR A 204 -23.88 -12.74 8.03
CA TYR A 204 -24.56 -12.26 6.82
C TYR A 204 -26.02 -12.69 6.75
N ASN A 205 -26.70 -12.77 7.89
CA ASN A 205 -28.12 -13.10 7.91
C ASN A 205 -28.94 -11.84 7.65
N ASN A 206 -30.26 -11.94 7.82
CA ASN A 206 -31.14 -10.80 7.63
C ASN A 206 -31.97 -10.52 8.88
N LEU A 207 -31.31 -10.54 10.04
CA LEU A 207 -32.02 -10.28 11.30
C LEU A 207 -32.63 -8.90 11.30
N GLY A 208 -33.90 -8.81 11.70
CA GLY A 208 -34.59 -7.55 11.75
C GLY A 208 -34.22 -6.74 12.96
N GLU A 209 -34.50 -7.26 14.15
CA GLU A 209 -34.17 -6.62 15.41
C GLU A 209 -33.11 -7.44 16.14
N PHE A 210 -32.65 -6.93 17.26
CA PHE A 210 -31.60 -7.60 18.01
C PHE A 210 -32.17 -8.84 18.69
N PRO A 211 -31.59 -10.02 18.48
CA PRO A 211 -32.12 -11.23 19.09
C PRO A 211 -31.99 -11.21 20.61
N GLN A 212 -32.97 -11.83 21.26
CA GLN A 212 -32.96 -11.99 22.71
C GLN A 212 -32.44 -13.35 23.16
N ALA A 213 -32.35 -14.32 22.23
CA ALA A 213 -31.99 -15.68 22.60
C ALA A 213 -30.60 -15.74 23.23
N ILE A 214 -29.72 -14.79 22.89
CA ILE A 214 -28.38 -14.80 23.47
C ILE A 214 -28.41 -14.64 24.97
N LYS A 215 -29.53 -14.16 25.53
CA LYS A 215 -29.66 -14.07 26.98
C LYS A 215 -29.57 -15.43 27.64
N ALA A 216 -29.77 -16.51 26.89
CA ALA A 216 -29.65 -17.86 27.41
C ALA A 216 -28.26 -18.45 27.26
N LEU A 217 -27.30 -17.66 26.76
CA LEU A 217 -25.93 -18.15 26.62
C LEU A 217 -25.08 -17.59 27.75
N PRO A 218 -24.70 -18.40 28.74
CA PRO A 218 -23.92 -17.87 29.86
C PRO A 218 -22.42 -17.91 29.69
N SER A 219 -21.91 -18.55 28.64
CA SER A 219 -20.47 -18.67 28.43
C SER A 219 -20.03 -18.12 27.08
N LEU A 220 -20.84 -17.28 26.46
CA LEU A 220 -20.49 -16.73 25.16
C LEU A 220 -19.27 -15.84 25.27
N LYS A 221 -18.38 -15.93 24.29
CA LYS A 221 -17.17 -15.13 24.27
C LYS A 221 -17.01 -14.31 23.00
N GLU A 222 -17.42 -14.84 21.86
CA GLU A 222 -17.35 -14.12 20.60
C GLU A 222 -18.70 -14.17 19.92
N LEU A 223 -19.21 -13.00 19.52
CA LEU A 223 -20.50 -12.88 18.88
C LEU A 223 -20.36 -12.06 17.62
N GLY A 224 -20.96 -12.52 16.53
CA GLY A 224 -20.84 -11.83 15.25
C GLY A 224 -22.17 -11.60 14.57
N PHE A 225 -22.32 -10.41 13.99
CA PHE A 225 -23.40 -10.14 13.04
C PHE A 225 -22.94 -8.98 12.15
N HIS A 226 -22.57 -9.29 10.91
CA HIS A 226 -21.90 -8.35 10.02
C HIS A 226 -22.82 -7.67 9.03
N SER A 227 -23.84 -8.34 8.51
CA SER A 227 -24.64 -7.77 7.43
C SER A 227 -26.13 -7.98 7.67
N ASN A 228 -26.55 -7.81 8.92
CA ASN A 228 -27.97 -7.91 9.23
C ASN A 228 -28.64 -6.55 9.03
N SER A 229 -29.96 -6.54 9.23
CA SER A 229 -30.75 -5.31 9.17
C SER A 229 -31.01 -4.74 10.56
N ILE A 230 -30.14 -5.02 11.53
CA ILE A 230 -30.32 -4.53 12.89
C ILE A 230 -30.24 -3.01 12.90
N SER A 231 -31.21 -2.37 13.56
CA SER A 231 -31.26 -0.92 13.63
C SER A 231 -31.16 -0.38 15.05
N VAL A 232 -31.69 -1.09 16.04
CA VAL A 232 -31.70 -0.63 17.43
C VAL A 232 -31.17 -1.75 18.31
N ILE A 233 -30.27 -1.40 19.24
CA ILE A 233 -29.75 -2.33 20.22
C ILE A 233 -30.26 -1.91 21.60
N PRO A 234 -31.28 -2.57 22.14
CA PRO A 234 -31.85 -2.12 23.41
C PRO A 234 -30.85 -2.25 24.55
N ASP A 235 -30.99 -1.36 25.54
CA ASP A 235 -30.15 -1.43 26.72
C ASP A 235 -30.42 -2.72 27.48
N GLY A 236 -29.37 -3.28 28.07
CA GLY A 236 -29.48 -4.57 28.71
C GLY A 236 -29.46 -5.75 27.77
N ALA A 237 -29.09 -5.54 26.51
CA ALA A 237 -29.04 -6.65 25.56
C ALA A 237 -27.96 -7.65 25.93
N PHE A 238 -26.81 -7.18 26.40
CA PHE A 238 -25.68 -8.02 26.74
C PHE A 238 -25.53 -8.25 28.24
N ASP A 239 -26.64 -8.33 28.97
CA ASP A 239 -26.58 -8.58 30.40
C ASP A 239 -26.49 -10.06 30.74
N GLY A 240 -26.67 -10.95 29.76
CA GLY A 240 -26.57 -12.38 29.96
C GLY A 240 -25.27 -13.00 29.52
N ASN A 241 -24.29 -12.21 29.09
CA ASN A 241 -23.01 -12.71 28.60
C ASN A 241 -21.88 -11.99 29.30
N PRO A 242 -21.66 -12.26 30.59
CA PRO A 242 -20.60 -11.55 31.32
C PRO A 242 -19.21 -11.81 30.79
N LEU A 243 -18.99 -12.93 30.11
CA LEU A 243 -17.67 -13.29 29.59
C LEU A 243 -17.47 -12.86 28.14
N LEU A 244 -18.39 -12.09 27.58
CA LEU A 244 -18.28 -11.67 26.19
C LEU A 244 -16.98 -10.89 25.97
N ARG A 245 -16.29 -11.21 24.89
CA ARG A 245 -14.98 -10.64 24.60
C ARG A 245 -14.95 -9.83 23.32
N THR A 246 -15.46 -10.36 22.21
CA THR A 246 -15.49 -9.65 20.95
C THR A 246 -16.91 -9.64 20.41
N ILE A 247 -17.37 -8.44 20.03
CA ILE A 247 -18.67 -8.25 19.40
C ILE A 247 -18.42 -7.63 18.04
N HIS A 248 -18.86 -8.33 16.99
CA HIS A 248 -18.70 -7.86 15.61
C HIS A 248 -20.03 -7.24 15.19
N LEU A 249 -20.12 -5.92 15.25
CA LEU A 249 -21.31 -5.17 14.89
C LEU A 249 -20.89 -4.00 14.00
N TYR A 250 -20.81 -4.26 12.70
CA TYR A 250 -20.52 -3.20 11.74
C TYR A 250 -21.25 -3.52 10.45
N ASP A 251 -21.15 -2.61 9.48
CA ASP A 251 -21.74 -2.77 8.16
C ASP A 251 -23.24 -3.03 8.22
N ASN A 252 -23.90 -2.66 9.31
CA ASN A 252 -25.34 -2.79 9.44
C ASN A 252 -25.95 -1.46 9.86
N PRO A 253 -27.16 -1.14 9.40
CA PRO A 253 -27.71 0.19 9.65
C PRO A 253 -28.13 0.42 11.09
N LEU A 254 -27.16 0.61 11.99
CA LEU A 254 -27.47 0.97 13.36
C LEU A 254 -28.05 2.38 13.42
N SER A 255 -29.06 2.56 14.25
CA SER A 255 -29.70 3.86 14.43
C SER A 255 -29.61 4.36 15.86
N PHE A 256 -29.93 3.52 16.84
CA PHE A 256 -29.93 3.93 18.24
C PHE A 256 -29.52 2.73 19.09
N VAL A 257 -28.37 2.84 19.74
CA VAL A 257 -27.80 1.73 20.50
C VAL A 257 -28.09 1.87 22.00
N GLY A 258 -29.02 2.75 22.37
CA GLY A 258 -29.29 2.91 23.78
C GLY A 258 -28.13 3.58 24.50
N ASN A 259 -28.14 3.44 25.83
CA ASN A 259 -27.12 4.03 26.68
C ASN A 259 -26.29 2.98 27.41
N SER A 260 -26.95 2.03 28.09
CA SER A 260 -26.26 1.01 28.87
C SER A 260 -26.21 -0.33 28.16
N ALA A 261 -26.13 -0.33 26.83
CA ALA A 261 -26.04 -1.58 26.09
C ALA A 261 -24.73 -2.30 26.38
N PHE A 262 -23.61 -1.60 26.27
CA PHE A 262 -22.30 -2.17 26.54
C PHE A 262 -21.89 -1.83 27.97
N HIS A 263 -22.60 -2.45 28.91
CA HIS A 263 -22.42 -2.17 30.33
C HIS A 263 -22.05 -3.45 31.06
N ASN A 264 -21.12 -3.32 32.02
CA ASN A 264 -20.71 -4.43 32.89
C ASN A 264 -20.15 -5.60 32.06
N LEU A 265 -19.44 -5.29 30.99
CA LEU A 265 -18.70 -6.27 30.22
C LEU A 265 -17.23 -6.20 30.65
N SER A 266 -16.81 -7.21 31.42
CA SER A 266 -15.48 -7.15 32.04
C SER A 266 -14.37 -7.35 31.01
N ASP A 267 -14.52 -8.33 30.13
CA ASP A 267 -13.44 -8.73 29.24
C ASP A 267 -13.58 -8.17 27.83
N LEU A 268 -14.50 -7.24 27.60
CA LEU A 268 -14.63 -6.63 26.29
C LEU A 268 -13.36 -5.88 25.94
N HIS A 269 -12.88 -6.08 24.71
CA HIS A 269 -11.62 -5.49 24.26
C HIS A 269 -11.81 -4.26 23.38
N SER A 270 -12.63 -4.36 22.34
CA SER A 270 -12.80 -3.27 21.39
C SER A 270 -14.28 -2.96 21.21
N LEU A 271 -14.60 -1.66 21.15
CA LEU A 271 -15.95 -1.20 20.86
C LEU A 271 -15.90 -0.27 19.66
N VAL A 272 -16.66 -0.59 18.62
CA VAL A 272 -16.66 0.17 17.37
C VAL A 272 -18.11 0.36 16.94
N ILE A 273 -18.58 1.60 17.01
CA ILE A 273 -19.93 1.95 16.57
C ILE A 273 -19.82 3.02 15.50
N ARG A 274 -20.43 2.77 14.35
CA ARG A 274 -20.44 3.72 13.24
C ARG A 274 -21.85 3.86 12.69
N GLY A 275 -22.25 5.10 12.41
CA GLY A 275 -23.53 5.37 11.79
C GLY A 275 -24.72 5.43 12.73
N ALA A 276 -24.51 5.32 14.04
CA ALA A 276 -25.60 5.39 15.01
C ALA A 276 -26.01 6.85 15.16
N SER A 277 -26.81 7.32 14.21
CA SER A 277 -27.11 8.75 14.12
C SER A 277 -27.88 9.24 15.34
N MET A 278 -28.87 8.48 15.80
CA MET A 278 -29.76 8.97 16.85
C MET A 278 -29.10 9.02 18.23
N VAL A 279 -27.91 8.45 18.38
CA VAL A 279 -27.24 8.49 19.68
C VAL A 279 -26.82 9.92 19.97
N GLN A 280 -27.10 10.39 21.20
CA GLN A 280 -26.71 11.73 21.60
C GLN A 280 -26.13 11.77 23.00
N GLN A 281 -25.80 10.62 23.60
CA GLN A 281 -25.15 10.57 24.89
C GLN A 281 -24.03 9.55 24.84
N PHE A 282 -22.96 9.82 25.58
CA PHE A 282 -21.85 8.88 25.62
C PHE A 282 -22.27 7.59 26.31
N PRO A 283 -21.85 6.43 25.80
CA PRO A 283 -22.29 5.17 26.39
C PRO A 283 -21.86 5.03 27.84
N ASN A 284 -22.73 4.42 28.65
CA ASN A 284 -22.46 4.20 30.07
C ASN A 284 -21.53 2.99 30.19
N LEU A 285 -20.24 3.24 30.01
CA LEU A 285 -19.23 2.19 30.01
C LEU A 285 -18.76 1.80 31.39
N THR A 286 -19.49 2.18 32.45
CA THR A 286 -19.10 1.77 33.79
C THR A 286 -19.09 0.26 33.92
N GLY A 287 -18.02 -0.28 34.48
CA GLY A 287 -17.84 -1.71 34.60
C GLY A 287 -17.00 -2.33 33.51
N THR A 288 -16.83 -1.62 32.39
CA THR A 288 -15.98 -2.09 31.29
C THR A 288 -14.66 -1.34 31.38
N VAL A 289 -13.71 -1.91 32.11
CA VAL A 289 -12.43 -1.27 32.33
C VAL A 289 -11.30 -1.90 31.52
N HIS A 290 -11.56 -3.00 30.81
CA HIS A 290 -10.55 -3.67 30.01
C HIS A 290 -10.63 -3.30 28.54
N LEU A 291 -11.42 -2.29 28.19
CA LEU A 291 -11.54 -1.87 26.81
C LEU A 291 -10.20 -1.37 26.29
N GLU A 292 -9.92 -1.67 25.02
CA GLU A 292 -8.63 -1.35 24.42
C GLU A 292 -8.72 -0.34 23.28
N SER A 293 -9.80 -0.35 22.49
CA SER A 293 -9.96 0.61 21.41
C SER A 293 -11.43 0.98 21.30
N LEU A 294 -11.73 2.26 21.45
CA LEU A 294 -13.09 2.78 21.47
C LEU A 294 -13.27 3.75 20.30
N THR A 295 -14.25 3.48 19.45
CA THR A 295 -14.55 4.34 18.30
C THR A 295 -16.05 4.58 18.23
N LEU A 296 -16.45 5.85 18.23
CA LEU A 296 -17.83 6.28 17.98
C LEU A 296 -17.74 7.32 16.87
N THR A 297 -17.73 6.87 15.61
CA THR A 297 -17.47 7.80 14.52
C THR A 297 -18.73 8.59 14.15
N GLY A 298 -19.75 7.89 13.66
CA GLY A 298 -20.95 8.58 13.20
C GLY A 298 -22.08 8.59 14.19
N THR A 299 -22.23 9.70 14.91
CA THR A 299 -23.28 9.86 15.91
C THR A 299 -23.42 11.34 16.20
N LYS A 300 -24.17 11.67 17.27
CA LYS A 300 -24.40 13.05 17.66
C LYS A 300 -23.95 13.29 19.10
N ILE A 301 -22.76 12.79 19.44
CA ILE A 301 -22.22 12.99 20.79
C ILE A 301 -21.95 14.46 21.01
N SER A 302 -22.45 14.99 22.13
CA SER A 302 -22.30 16.41 22.44
C SER A 302 -21.15 16.71 23.37
N SER A 303 -20.72 15.75 24.19
CA SER A 303 -19.64 15.99 25.14
C SER A 303 -19.01 14.67 25.52
N ILE A 304 -17.80 14.76 26.07
CA ILE A 304 -17.04 13.61 26.55
C ILE A 304 -17.03 13.64 28.07
N PRO A 305 -17.44 12.58 28.76
CA PRO A 305 -17.36 12.56 30.21
C PRO A 305 -15.91 12.63 30.68
N ASN A 306 -15.71 13.30 31.82
CA ASN A 306 -14.37 13.38 32.40
C ASN A 306 -13.87 12.03 32.90
N ASN A 307 -14.74 11.03 33.00
CA ASN A 307 -14.39 9.72 33.51
C ASN A 307 -13.98 8.75 32.41
N LEU A 308 -13.94 9.19 31.15
CA LEU A 308 -13.44 8.33 30.08
C LEU A 308 -12.00 7.92 30.35
N CYS A 309 -11.15 8.88 30.65
CA CYS A 309 -9.83 8.58 31.19
C CYS A 309 -9.97 8.19 32.67
N GLN A 310 -8.89 7.65 33.23
CA GLN A 310 -8.86 7.11 34.59
C GLN A 310 -9.64 5.80 34.66
N GLU A 311 -10.29 5.44 33.56
CA GLU A 311 -10.91 4.15 33.35
C GLU A 311 -10.55 3.67 31.96
N GLN A 312 -10.76 2.38 31.70
CA GLN A 312 -10.24 1.74 30.50
C GLN A 312 -8.75 2.01 30.37
N LYS A 313 -8.00 1.48 31.34
CA LYS A 313 -6.61 1.87 31.53
C LYS A 313 -5.75 1.56 30.32
N MET A 314 -6.16 0.63 29.46
CA MET A 314 -5.38 0.38 28.24
C MET A 314 -5.69 1.43 27.18
N LEU A 315 -6.92 1.42 26.67
CA LEU A 315 -7.44 2.42 25.74
C LEU A 315 -6.38 2.84 24.72
N ARG A 316 -5.89 1.85 23.96
CA ARG A 316 -4.82 2.11 23.01
C ARG A 316 -5.26 2.93 21.80
N THR A 317 -6.56 3.12 21.61
CA THR A 317 -7.05 3.86 20.45
C THR A 317 -8.39 4.51 20.79
N LEU A 318 -8.51 5.80 20.49
CA LEU A 318 -9.75 6.55 20.68
C LEU A 318 -10.12 7.21 19.37
N ASP A 319 -11.41 7.14 19.00
CA ASP A 319 -11.86 7.70 17.74
C ASP A 319 -13.24 8.32 17.91
N LEU A 320 -13.35 9.60 17.52
CA LEU A 320 -14.64 10.31 17.45
C LEU A 320 -14.55 11.23 16.24
N SER A 321 -15.03 10.75 15.09
CA SER A 321 -14.78 11.41 13.81
C SER A 321 -15.94 12.24 13.28
N TYR A 322 -17.17 11.98 13.72
CA TYR A 322 -18.33 12.77 13.30
C TYR A 322 -19.21 12.98 14.54
N ASN A 323 -18.97 14.08 15.23
CA ASN A 323 -19.69 14.34 16.48
C ASN A 323 -19.84 15.84 16.65
N ASN A 324 -20.76 16.21 17.54
CA ASN A 324 -20.92 17.61 17.94
C ASN A 324 -20.12 17.91 19.20
N ILE A 325 -18.83 17.57 19.16
CA ILE A 325 -17.95 17.78 20.31
C ILE A 325 -17.50 19.24 20.32
N ARG A 326 -17.68 19.90 21.45
CA ARG A 326 -17.27 21.29 21.61
C ARG A 326 -16.23 21.50 22.69
N ASP A 327 -16.32 20.78 23.80
CA ASP A 327 -15.36 20.88 24.89
C ASP A 327 -14.56 19.60 25.00
N LEU A 328 -13.27 19.73 25.31
CA LEU A 328 -12.40 18.57 25.47
C LEU A 328 -11.91 18.50 26.91
N PRO A 329 -12.48 17.62 27.73
CA PRO A 329 -11.94 17.42 29.09
C PRO A 329 -10.52 16.90 29.04
N SER A 330 -9.74 17.29 30.06
CA SER A 330 -8.33 16.92 30.10
C SER A 330 -8.19 15.41 30.20
N PHE A 331 -7.26 14.85 29.42
CA PHE A 331 -6.96 13.42 29.44
C PHE A 331 -5.86 13.12 30.45
N ASN A 332 -6.12 13.48 31.71
CA ASN A 332 -5.16 13.30 32.79
C ASN A 332 -5.13 11.82 33.16
N GLY A 333 -4.03 11.14 32.86
CA GLY A 333 -3.92 9.71 33.06
C GLY A 333 -3.90 8.98 31.73
N CYS A 334 -4.51 7.79 31.69
CA CYS A 334 -4.64 6.97 30.48
C CYS A 334 -3.34 7.00 29.66
N HIS A 335 -2.26 6.60 30.32
CA HIS A 335 -0.92 6.73 29.76
C HIS A 335 -0.66 5.81 28.58
N ALA A 336 -1.49 4.80 28.36
CA ALA A 336 -1.29 3.88 27.25
C ALA A 336 -1.99 4.32 25.98
N LEU A 337 -2.62 5.49 25.97
CA LEU A 337 -3.32 5.98 24.80
C LEU A 337 -2.33 6.42 23.73
N GLU A 338 -2.38 5.80 22.56
CA GLU A 338 -1.42 6.04 21.49
C GLU A 338 -1.95 6.98 20.41
N GLU A 339 -3.19 6.80 19.97
CA GLU A 339 -3.74 7.56 18.86
C GLU A 339 -5.02 8.27 19.30
N ILE A 340 -5.16 9.53 18.90
CA ILE A 340 -6.36 10.30 19.15
C ILE A 340 -6.80 10.93 17.84
N SER A 341 -8.06 10.70 17.46
CA SER A 341 -8.63 11.23 16.22
C SER A 341 -9.92 11.97 16.57
N LEU A 342 -9.83 13.29 16.71
CA LEU A 342 -10.98 14.13 17.00
C LEU A 342 -11.12 15.11 15.85
N GLN A 343 -11.81 14.69 14.79
CA GLN A 343 -11.96 15.47 13.58
C GLN A 343 -13.43 15.68 13.27
N ARG A 344 -13.69 16.67 12.41
CA ARG A 344 -15.05 16.99 11.94
C ARG A 344 -15.99 17.21 13.11
N ASN A 345 -15.52 17.94 14.12
CA ASN A 345 -16.29 18.28 15.29
C ASN A 345 -16.35 19.80 15.42
N GLN A 346 -16.91 20.27 16.54
CA GLN A 346 -17.11 21.69 16.78
C GLN A 346 -16.14 22.25 17.83
N ILE A 347 -14.91 21.72 17.85
CA ILE A 347 -13.92 22.18 18.81
C ILE A 347 -13.46 23.58 18.42
N TYR A 348 -13.42 24.50 19.39
CA TYR A 348 -13.07 25.87 19.12
C TYR A 348 -11.82 26.35 19.85
N GLN A 349 -11.18 25.49 20.65
CA GLN A 349 -9.97 25.87 21.36
C GLN A 349 -9.32 24.62 21.93
N ILE A 350 -8.01 24.73 22.17
CA ILE A 350 -7.25 23.68 22.85
C ILE A 350 -6.53 24.33 24.01
N LYS A 351 -6.73 23.80 25.21
CA LYS A 351 -6.19 24.38 26.42
C LYS A 351 -4.88 23.70 26.82
N GLU A 352 -4.13 24.38 27.69
CA GLU A 352 -2.79 23.92 28.04
C GLU A 352 -2.81 22.52 28.64
N GLY A 353 -3.75 22.25 29.53
CA GLY A 353 -3.87 20.93 30.12
C GLY A 353 -4.60 19.91 29.27
N THR A 354 -5.12 20.31 28.11
CA THR A 354 -5.95 19.41 27.31
C THR A 354 -5.22 18.11 26.99
N PHE A 355 -3.92 18.19 26.71
CA PHE A 355 -3.11 17.01 26.47
C PHE A 355 -2.02 16.88 27.54
N GLN A 356 -2.37 17.14 28.79
CA GLN A 356 -1.43 16.95 29.88
C GLN A 356 -1.06 15.48 30.01
N GLY A 357 0.23 15.21 30.22
CA GLY A 357 0.71 13.85 30.25
C GLY A 357 0.76 13.23 28.86
N LEU A 358 -0.13 12.27 28.60
CA LEU A 358 -0.27 11.64 27.28
C LEU A 358 1.06 11.06 26.79
N ILE A 359 1.70 10.28 27.66
CA ILE A 359 2.92 9.58 27.25
C ILE A 359 2.58 8.57 26.16
N SER A 360 3.50 8.42 25.22
CA SER A 360 3.35 7.48 24.10
C SER A 360 2.16 7.84 23.21
N LEU A 361 1.85 9.13 23.10
CA LEU A 361 0.80 9.60 22.18
C LEU A 361 1.45 9.84 20.82
N ARG A 362 1.27 8.88 19.91
CA ARG A 362 1.97 8.94 18.64
C ARG A 362 1.26 9.85 17.63
N ILE A 363 -0.05 9.68 17.48
CA ILE A 363 -0.82 10.35 16.43
C ILE A 363 -1.92 11.18 17.08
N LEU A 364 -1.99 12.46 16.70
CA LEU A 364 -3.06 13.35 17.11
C LEU A 364 -3.65 14.00 15.88
N ASP A 365 -4.97 13.94 15.74
CA ASP A 365 -5.64 14.40 14.53
C ASP A 365 -6.83 15.27 14.90
N LEU A 366 -6.79 16.55 14.51
CA LEU A 366 -7.93 17.45 14.57
C LEU A 366 -7.95 18.15 13.21
N SER A 367 -8.61 17.52 12.23
CA SER A 367 -8.49 17.97 10.85
C SER A 367 -9.68 18.80 10.36
N ARG A 368 -10.75 18.89 11.14
CA ARG A 368 -11.87 19.75 10.76
C ARG A 368 -12.54 20.23 12.05
N ASN A 369 -12.18 21.42 12.49
CA ASN A 369 -12.76 22.01 13.69
C ASN A 369 -12.74 23.51 13.56
N LEU A 370 -13.51 24.18 14.42
CA LEU A 370 -13.55 25.64 14.43
C LEU A 370 -12.51 26.20 15.41
N ILE A 371 -11.28 25.71 15.29
CA ILE A 371 -10.20 26.11 16.18
C ILE A 371 -9.68 27.46 15.75
N HIS A 372 -9.63 28.41 16.69
CA HIS A 372 -9.09 29.74 16.42
C HIS A 372 -7.98 30.12 17.39
N GLU A 373 -7.63 29.27 18.34
CA GLU A 373 -6.55 29.56 19.27
C GLU A 373 -6.01 28.27 19.83
N ILE A 374 -4.70 28.26 20.09
CA ILE A 374 -4.02 27.14 20.72
C ILE A 374 -3.09 27.71 21.79
N HIS A 375 -3.11 27.11 22.98
CA HIS A 375 -2.28 27.60 24.06
C HIS A 375 -0.80 27.43 23.73
N SER A 376 0.03 28.26 24.36
CA SER A 376 1.44 28.32 23.99
C SER A 376 2.14 26.97 24.22
N ARG A 377 1.86 26.33 25.35
CA ARG A 377 2.48 25.05 25.69
C ARG A 377 1.47 23.90 25.66
N ALA A 378 0.55 23.94 24.69
CA ALA A 378 -0.45 22.89 24.57
C ALA A 378 0.16 21.54 24.19
N PHE A 379 1.39 21.53 23.66
CA PHE A 379 2.03 20.30 23.24
C PHE A 379 3.32 20.02 23.99
N ALA A 380 3.55 20.71 25.11
CA ALA A 380 4.82 20.55 25.84
C ALA A 380 4.98 19.15 26.40
N THR A 381 3.90 18.57 26.94
CA THR A 381 3.99 17.30 27.64
C THR A 381 3.94 16.10 26.71
N LEU A 382 3.80 16.30 25.41
CA LEU A 382 3.70 15.18 24.49
C LEU A 382 5.00 14.38 24.46
N GLY A 383 4.87 13.08 24.19
CA GLY A 383 6.01 12.20 24.11
C GLY A 383 6.54 12.07 22.70
N PRO A 384 6.65 10.84 22.21
CA PRO A 384 7.15 10.57 20.86
C PRO A 384 6.10 10.73 19.76
N ILE A 385 5.47 11.90 19.70
CA ILE A 385 4.42 12.14 18.72
C ILE A 385 5.05 12.26 17.35
N THR A 386 4.59 11.43 16.40
CA THR A 386 5.11 11.45 15.04
C THR A 386 4.13 12.03 14.04
N ASN A 387 2.89 12.32 14.43
CA ASN A 387 1.91 12.89 13.51
C ASN A 387 1.00 13.83 14.29
N LEU A 388 0.95 15.08 13.84
CA LEU A 388 0.05 16.09 14.39
C LEU A 388 -0.66 16.74 13.22
N ASP A 389 -1.88 16.31 12.94
CA ASP A 389 -2.63 16.75 11.76
C ASP A 389 -3.67 17.76 12.21
N VAL A 390 -3.34 19.04 12.11
CA VAL A 390 -4.25 20.13 12.47
C VAL A 390 -4.44 20.97 11.21
N SER A 391 -5.48 20.68 10.44
CA SER A 391 -5.72 21.37 9.18
C SER A 391 -7.18 21.81 9.12
N PHE A 392 -7.47 22.65 8.12
CA PHE A 392 -8.82 23.11 7.83
C PHE A 392 -9.49 23.72 9.06
N ASN A 393 -8.74 24.52 9.80
CA ASN A 393 -9.25 25.23 10.95
C ASN A 393 -9.03 26.74 10.76
N GLU A 394 -9.56 27.52 11.69
CA GLU A 394 -9.39 28.98 11.64
C GLU A 394 -8.18 29.42 12.47
N LEU A 395 -7.03 28.80 12.21
CA LEU A 395 -5.84 29.10 12.98
C LEU A 395 -5.28 30.47 12.60
N THR A 396 -4.66 31.13 13.58
CA THR A 396 -4.03 32.42 13.35
C THR A 396 -2.58 32.38 13.82
N SER A 397 -2.30 31.59 14.86
CA SER A 397 -0.94 31.44 15.38
C SER A 397 -0.75 30.01 15.85
N PHE A 398 0.31 29.37 15.38
CA PHE A 398 0.57 27.97 15.70
C PHE A 398 1.74 27.86 16.67
N PRO A 399 1.50 27.53 17.93
CA PRO A 399 2.61 27.35 18.88
C PRO A 399 3.48 26.16 18.49
N THR A 400 4.77 26.28 18.81
CA THR A 400 5.75 25.25 18.49
C THR A 400 6.47 24.69 19.71
N GLU A 401 6.10 25.12 20.91
CA GLU A 401 6.78 24.64 22.10
C GLU A 401 6.53 23.14 22.30
N GLY A 402 7.59 22.43 22.69
CA GLY A 402 7.47 21.00 22.93
C GLY A 402 7.06 20.20 21.72
N LEU A 403 7.53 20.58 20.54
CA LEU A 403 7.18 19.88 19.31
C LEU A 403 8.43 19.52 18.49
N ASN A 404 9.58 19.41 19.15
CA ASN A 404 10.81 19.10 18.43
C ASN A 404 10.79 17.70 17.86
N GLY A 405 10.11 16.76 18.50
CA GLY A 405 10.08 15.39 18.07
C GLY A 405 9.10 15.08 16.96
N LEU A 406 8.39 16.07 16.45
CA LEU A 406 7.40 15.82 15.40
C LEU A 406 8.07 15.28 14.15
N ASN A 407 7.42 14.29 13.52
CA ASN A 407 7.93 13.69 12.30
C ASN A 407 7.13 14.07 11.06
N GLN A 408 5.91 14.60 11.23
CA GLN A 408 5.09 15.00 10.09
C GLN A 408 4.05 15.98 10.57
N LEU A 409 3.97 17.14 9.93
CA LEU A 409 3.08 18.21 10.34
C LEU A 409 2.21 18.64 9.17
N LYS A 410 0.91 18.79 9.42
CA LYS A 410 -0.04 19.15 8.38
C LYS A 410 -0.79 20.41 8.77
N LEU A 411 -0.78 21.40 7.87
CA LEU A 411 -1.51 22.66 8.06
C LEU A 411 -2.15 23.08 6.74
N VAL A 412 -2.80 22.11 6.06
CA VAL A 412 -3.28 22.35 4.71
C VAL A 412 -4.27 23.50 4.67
N GLY A 413 -5.18 23.56 5.63
CA GLY A 413 -6.13 24.66 5.70
C GLY A 413 -5.51 25.89 6.32
N ASN A 414 -6.28 26.59 7.15
CA ASN A 414 -5.80 27.74 7.90
C ASN A 414 -5.24 28.83 6.97
N PHE A 415 -6.12 29.35 6.12
CA PHE A 415 -5.72 30.42 5.22
C PHE A 415 -5.38 31.72 5.94
N LYS A 416 -5.74 31.82 7.22
CA LYS A 416 -5.43 33.00 8.03
C LYS A 416 -4.10 32.88 8.76
N LEU A 417 -3.38 31.77 8.57
CA LEU A 417 -2.08 31.56 9.24
C LEU A 417 -0.96 32.19 8.39
N LYS A 418 -0.94 33.52 8.42
CA LYS A 418 0.06 34.25 7.63
C LYS A 418 1.46 34.17 8.23
N GLU A 419 1.57 33.76 9.50
CA GLU A 419 2.87 33.70 10.14
C GLU A 419 3.74 32.62 9.50
N ALA A 420 5.05 32.85 9.52
CA ALA A 420 6.03 31.92 8.97
C ALA A 420 6.59 31.05 10.08
N LEU A 421 6.61 29.74 9.86
CA LEU A 421 7.10 28.82 10.87
C LEU A 421 8.62 28.92 11.02
N ALA A 422 9.09 28.62 12.22
CA ALA A 422 10.52 28.62 12.53
C ALA A 422 11.05 27.20 12.38
N ALA A 423 11.97 27.01 11.41
CA ALA A 423 12.52 25.69 11.16
C ALA A 423 13.43 25.19 12.26
N LYS A 424 13.85 26.07 13.18
CA LYS A 424 14.72 25.64 14.27
C LYS A 424 14.00 24.67 15.20
N ASP A 425 12.72 24.92 15.47
CA ASP A 425 11.98 24.08 16.42
C ASP A 425 11.84 22.65 15.91
N PHE A 426 11.56 22.49 14.62
CA PHE A 426 11.38 21.15 14.03
C PHE A 426 12.72 20.71 13.45
N VAL A 427 13.37 19.77 14.13
CA VAL A 427 14.69 19.31 13.72
C VAL A 427 14.55 18.13 12.77
N ASN A 428 13.91 17.05 13.22
CA ASN A 428 13.81 15.83 12.45
C ASN A 428 12.46 15.71 11.73
N LEU A 429 11.77 16.83 11.51
CA LEU A 429 10.54 16.81 10.74
C LEU A 429 10.83 16.36 9.31
N ARG A 430 10.01 15.45 8.80
CA ARG A 430 10.22 14.89 7.48
C ARG A 430 9.24 15.42 6.44
N SER A 431 7.95 15.45 6.75
CA SER A 431 6.93 15.91 5.83
C SER A 431 6.15 17.06 6.46
N LEU A 432 5.90 18.11 5.67
CA LEU A 432 5.20 19.28 6.14
C LEU A 432 4.26 19.79 5.07
N SER A 433 3.05 20.15 5.47
CA SER A 433 2.09 20.80 4.60
C SER A 433 1.67 22.12 5.23
N VAL A 434 1.74 23.20 4.45
CA VAL A 434 1.52 24.54 4.98
C VAL A 434 0.52 25.26 4.09
N PRO A 435 -0.18 26.27 4.63
CA PRO A 435 -1.16 26.99 3.81
C PRO A 435 -0.57 27.62 2.57
N TYR A 436 0.65 28.15 2.64
CA TYR A 436 1.31 28.79 1.51
C TYR A 436 2.73 28.27 1.39
N ALA A 437 3.23 28.22 0.15
CA ALA A 437 4.56 27.69 -0.09
C ALA A 437 5.65 28.55 0.54
N TYR A 438 5.35 29.81 0.86
CA TYR A 438 6.35 30.66 1.48
C TYR A 438 6.68 30.22 2.90
N GLN A 439 5.74 29.58 3.58
CA GLN A 439 6.05 28.98 4.87
C GLN A 439 7.04 27.84 4.71
N CYS A 440 6.85 26.99 3.71
CA CYS A 440 7.79 25.90 3.45
C CYS A 440 9.15 26.43 3.02
N CYS A 441 9.18 27.57 2.34
CA CYS A 441 10.43 28.12 1.83
C CYS A 441 11.46 28.32 2.94
N ALA A 442 11.02 28.59 4.16
CA ALA A 442 11.94 28.78 5.27
C ALA A 442 12.61 27.48 5.72
N PHE A 443 12.16 26.34 5.21
CA PHE A 443 12.69 25.04 5.61
C PHE A 443 13.77 24.52 4.66
N TRP A 444 14.23 25.35 3.72
CA TRP A 444 15.31 24.98 2.80
C TRP A 444 14.97 23.72 2.01
N GLY A 445 13.73 23.65 1.52
CA GLY A 445 13.33 22.52 0.71
C GLY A 445 14.01 22.51 -0.64
N CYS A 446 14.05 21.32 -1.24
CA CYS A 446 14.65 21.09 -2.55
C CYS A 446 16.12 21.52 -2.55
N ASP A 447 16.90 20.85 -1.71
CA ASP A 447 18.32 21.14 -1.59
C ASP A 447 19.10 19.92 -1.10
N ILE A 488 16.92 16.07 8.08
CA ILE A 488 17.47 17.29 7.51
C ILE A 488 16.75 17.63 6.22
N ILE A 489 16.55 16.63 5.36
CA ILE A 489 15.81 16.82 4.12
C ILE A 489 14.32 16.76 4.42
N ILE A 490 13.59 17.78 3.99
CA ILE A 490 12.18 17.95 4.33
C ILE A 490 11.37 18.04 3.04
N HIS A 491 10.24 17.34 3.02
CA HIS A 491 9.31 17.36 1.90
C HIS A 491 8.12 18.25 2.22
N CYS A 492 7.63 18.96 1.22
CA CYS A 492 6.47 19.82 1.35
C CYS A 492 5.43 19.46 0.30
N THR A 493 4.15 19.60 0.67
CA THR A 493 3.09 19.39 -0.30
C THR A 493 2.93 20.61 -1.21
N PRO A 494 2.89 21.87 -0.70
CA PRO A 494 2.89 23.00 -1.64
C PRO A 494 4.30 23.34 -2.06
N SER A 495 4.64 23.01 -3.31
CA SER A 495 6.00 23.20 -3.79
C SER A 495 6.23 24.64 -4.21
N THR A 496 7.41 25.16 -3.93
CA THR A 496 7.78 26.48 -4.43
C THR A 496 7.82 26.48 -5.96
N GLY A 497 8.42 25.45 -6.55
CA GLY A 497 8.38 25.26 -7.99
C GLY A 497 8.96 26.40 -8.80
N ALA A 498 9.81 27.23 -8.20
CA ALA A 498 10.46 28.35 -8.86
C ALA A 498 9.46 29.38 -9.39
N PHE A 499 8.17 29.16 -9.11
CA PHE A 499 7.13 30.14 -9.44
C PHE A 499 6.75 31.00 -8.24
N LYS A 500 6.73 30.42 -7.04
CA LYS A 500 6.71 31.18 -5.80
C LYS A 500 8.14 31.20 -5.30
N PRO A 501 8.92 32.23 -5.63
CA PRO A 501 10.37 32.19 -5.42
C PRO A 501 10.73 32.26 -3.94
N CYS A 502 11.38 31.20 -3.45
CA CYS A 502 11.99 31.26 -2.14
C CYS A 502 13.14 32.26 -2.13
N GLU A 503 13.87 32.34 -3.24
CA GLU A 503 14.93 33.32 -3.44
C GLU A 503 14.33 34.57 -4.07
N TYR A 504 15.17 35.45 -4.63
CA TYR A 504 14.71 36.69 -5.25
C TYR A 504 13.66 36.41 -6.32
N LEU A 505 12.81 37.41 -6.56
CA LEU A 505 11.67 37.24 -7.45
C LEU A 505 12.11 36.93 -8.88
N LEU A 506 12.83 37.87 -9.51
CA LEU A 506 13.17 37.73 -10.92
C LEU A 506 14.07 36.51 -11.14
N GLY A 507 15.05 36.29 -10.27
CA GLY A 507 15.90 35.13 -10.37
C GLY A 507 17.29 35.44 -10.88
N SER A 508 17.60 34.99 -12.09
CA SER A 508 18.93 35.17 -12.65
C SER A 508 19.23 36.65 -12.86
N TRP A 509 20.50 37.01 -12.68
CA TRP A 509 20.90 38.40 -12.86
C TRP A 509 20.71 38.85 -14.30
N MET A 510 20.85 37.94 -15.26
CA MET A 510 20.59 38.28 -16.66
C MET A 510 19.14 38.72 -16.84
N ILE A 511 18.19 37.94 -16.28
CA ILE A 511 16.79 38.30 -16.37
C ILE A 511 16.52 39.61 -15.65
N ARG A 512 17.12 39.78 -14.47
CA ARG A 512 16.90 41.02 -13.73
C ARG A 512 17.36 42.23 -14.52
N LEU A 513 18.55 42.16 -15.12
CA LEU A 513 19.06 43.29 -15.89
C LEU A 513 18.23 43.54 -17.14
N THR A 514 17.82 42.49 -17.84
CA THR A 514 17.05 42.72 -19.05
C THR A 514 15.66 43.26 -18.74
N VAL A 515 15.06 42.85 -17.61
CA VAL A 515 13.77 43.40 -17.23
C VAL A 515 13.91 44.86 -16.82
N TRP A 516 15.00 45.20 -16.11
CA TRP A 516 15.25 46.60 -15.80
C TRP A 516 15.41 47.43 -17.06
N PHE A 517 16.15 46.91 -18.04
CA PHE A 517 16.32 47.62 -19.30
C PHE A 517 14.98 47.79 -20.02
N ILE A 518 14.17 46.73 -20.03
CA ILE A 518 12.86 46.81 -20.68
C ILE A 518 12.00 47.88 -20.03
N PHE A 519 11.97 47.90 -18.70
CA PHE A 519 11.19 48.92 -18.00
C PHE A 519 11.68 50.32 -18.32
N LEU A 520 13.01 50.52 -18.27
CA LEU A 520 13.54 51.85 -18.52
C LEU A 520 13.22 52.33 -19.92
N VAL A 521 13.48 51.48 -20.93
CA VAL A 521 13.24 51.90 -22.31
C VAL A 521 11.76 52.13 -22.56
N ALA A 522 10.90 51.24 -22.05
CA ALA A 522 9.47 51.40 -22.25
C ALA A 522 8.97 52.70 -21.64
N LEU A 523 9.29 52.93 -20.36
CA LEU A 523 8.84 54.14 -19.69
C LEU A 523 9.31 55.39 -20.41
N PHE A 524 10.62 55.49 -20.65
CA PHE A 524 11.17 56.72 -21.21
C PHE A 524 10.66 56.97 -22.63
N PHE A 525 10.70 55.95 -23.48
CA PHE A 525 10.31 56.18 -24.87
C PHE A 525 8.80 56.40 -25.01
N ASN A 526 7.99 55.70 -24.21
CA ASN A 526 6.56 55.96 -24.25
C ASN A 526 6.24 57.38 -23.77
N LEU A 527 6.91 57.83 -22.71
CA LEU A 527 6.71 59.20 -22.26
C LEU A 527 7.10 60.19 -23.35
N LEU A 528 8.24 59.94 -24.01
CA LEU A 528 8.69 60.85 -25.07
C LEU A 528 7.71 60.87 -26.24
N VAL A 529 7.21 59.69 -26.65
CA VAL A 529 6.27 59.63 -27.75
C VAL A 529 4.99 60.36 -27.41
N ILE A 530 4.48 60.17 -26.18
CA ILE A 530 3.26 60.86 -25.79
C ILE A 530 3.47 62.37 -25.78
N LEU A 531 4.60 62.83 -25.23
CA LEU A 531 4.88 64.25 -25.17
C LEU A 531 5.00 64.85 -26.58
N THR A 532 5.63 64.12 -27.50
CA THR A 532 5.75 64.61 -28.86
C THR A 532 4.39 64.66 -29.55
N THR A 533 3.57 63.63 -29.38
CA THR A 533 2.34 63.53 -30.15
C THR A 533 1.23 64.40 -29.58
N PHE A 534 0.83 64.15 -28.33
CA PHE A 534 -0.40 64.74 -27.81
C PHE A 534 -0.23 66.18 -27.34
N ALA A 535 0.99 66.67 -27.17
CA ALA A 535 1.21 67.98 -26.56
C ALA A 535 1.48 69.07 -27.59
N SER A 536 2.53 68.93 -28.38
CA SER A 536 2.98 70.05 -29.21
C SER A 536 2.17 70.18 -30.49
N CYS A 537 2.21 69.16 -31.35
CA CYS A 537 1.57 69.25 -32.65
C CYS A 537 0.06 69.15 -32.51
N THR A 538 -0.66 70.05 -33.19
CA THR A 538 -2.11 70.08 -33.13
C THR A 538 -2.76 69.14 -34.13
N SER A 539 -2.00 68.52 -35.02
CA SER A 539 -2.57 67.56 -35.96
C SER A 539 -3.01 66.31 -35.24
N LEU A 540 -4.26 65.91 -35.45
CA LEU A 540 -4.85 64.76 -34.78
C LEU A 540 -5.60 63.87 -35.77
N PRO A 541 -4.88 63.18 -36.65
CA PRO A 541 -5.52 62.17 -37.50
C PRO A 541 -5.75 60.89 -36.72
N SER A 542 -6.54 59.99 -37.33
CA SER A 542 -6.90 58.75 -36.67
C SER A 542 -5.67 57.88 -36.40
N SER A 543 -4.77 57.79 -37.37
CA SER A 543 -3.57 56.96 -37.19
C SER A 543 -2.70 57.50 -36.06
N LYS A 544 -2.50 58.81 -36.00
CA LYS A 544 -1.71 59.39 -34.93
C LYS A 544 -2.38 59.19 -33.58
N LEU A 545 -3.72 59.32 -33.54
CA LEU A 545 -4.44 59.08 -32.30
C LEU A 545 -4.26 57.64 -31.82
N PHE A 546 -4.35 56.68 -32.74
CA PHE A 546 -4.17 55.29 -32.37
C PHE A 546 -2.74 55.02 -31.91
N ILE A 547 -1.76 55.64 -32.56
CA ILE A 547 -0.37 55.48 -32.15
C ILE A 547 -0.17 56.01 -30.74
N GLY A 548 -0.71 57.20 -30.46
CA GLY A 548 -0.59 57.76 -29.12
C GLY A 548 -1.27 56.91 -28.07
N LEU A 549 -2.44 56.36 -28.40
CA LEU A 549 -3.15 55.53 -27.42
C LEU A 549 -2.43 54.22 -27.16
N ILE A 550 -1.88 53.60 -28.21
CA ILE A 550 -1.13 52.36 -27.98
C ILE A 550 0.16 52.66 -27.22
N SER A 551 0.73 53.85 -27.41
CA SER A 551 1.88 54.24 -26.60
C SER A 551 1.48 54.44 -25.14
N VAL A 552 0.28 54.96 -24.89
CA VAL A 552 -0.21 55.07 -23.52
C VAL A 552 -0.36 53.70 -22.88
N SER A 553 -0.94 52.75 -23.62
CA SER A 553 -1.09 51.40 -23.11
C SER A 553 0.26 50.75 -22.82
N ASN A 554 1.22 50.95 -23.73
CA ASN A 554 2.56 50.44 -23.48
C ASN A 554 3.21 51.12 -22.28
N LEU A 555 2.91 52.40 -22.05
CA LEU A 555 3.42 53.09 -20.88
C LEU A 555 2.86 52.47 -19.61
N PHE A 556 1.58 52.11 -19.61
CA PHE A 556 1.01 51.44 -18.44
C PHE A 556 1.65 50.07 -18.22
N MET A 557 1.90 49.33 -19.30
CA MET A 557 2.61 48.07 -19.15
C MET A 557 4.00 48.29 -18.57
N GLY A 558 4.68 49.34 -19.03
CA GLY A 558 6.00 49.65 -18.50
C GLY A 558 5.98 50.02 -17.03
N ILE A 559 4.95 50.76 -16.60
CA ILE A 559 4.88 51.11 -15.19
C ILE A 559 4.55 49.89 -14.34
N TYR A 560 3.79 48.94 -14.89
CA TYR A 560 3.60 47.67 -14.19
C TYR A 560 4.93 46.95 -14.02
N THR A 561 5.71 46.85 -15.09
CA THR A 561 7.02 46.23 -14.99
C THR A 561 7.92 46.98 -14.00
N GLY A 562 7.78 48.30 -13.96
CA GLY A 562 8.58 49.08 -13.04
C GLY A 562 8.24 48.82 -11.58
N ILE A 563 6.95 48.75 -11.25
CA ILE A 563 6.60 48.43 -9.87
C ILE A 563 7.02 47.01 -9.53
N LEU A 564 6.94 46.09 -10.49
CA LEU A 564 7.39 44.73 -10.24
C LEU A 564 8.88 44.69 -9.93
N THR A 565 9.69 45.41 -10.72
CA THR A 565 11.12 45.40 -10.49
C THR A 565 11.51 46.18 -9.24
N PHE A 566 10.73 47.20 -8.88
CA PHE A 566 10.95 47.89 -7.61
C PHE A 566 10.70 46.95 -6.44
N LEU A 567 9.62 46.16 -6.52
CA LEU A 567 9.36 45.17 -5.47
C LEU A 567 10.50 44.16 -5.38
N ASP A 568 10.99 43.70 -6.54
CA ASP A 568 12.11 42.75 -6.54
C ASP A 568 13.35 43.37 -5.92
N ALA A 569 13.63 44.64 -6.24
CA ALA A 569 14.80 45.31 -5.67
C ALA A 569 14.66 45.46 -4.17
N VAL A 570 13.47 45.79 -3.69
CA VAL A 570 13.25 45.91 -2.25
C VAL A 570 13.45 44.57 -1.56
N SER A 571 12.89 43.51 -2.14
CA SER A 571 13.00 42.17 -1.56
C SER A 571 14.14 41.43 -2.27
N TRP A 572 15.35 41.64 -1.75
CA TRP A 572 16.57 41.08 -2.33
C TRP A 572 17.03 39.93 -1.45
N GLY A 573 16.73 38.70 -1.86
CA GLY A 573 17.13 37.52 -1.15
C GLY A 573 16.20 37.07 -0.05
N ARG A 574 15.27 37.93 0.37
CA ARG A 574 14.32 37.62 1.43
C ARG A 574 12.89 37.75 0.92
N PHE A 575 12.63 37.20 -0.26
CA PHE A 575 11.35 37.44 -0.91
C PHE A 575 10.19 36.71 -0.24
N ALA A 576 10.47 35.71 0.60
CA ALA A 576 9.38 34.94 1.20
C ALA A 576 8.50 35.82 2.09
N GLU A 577 9.13 36.65 2.92
CA GLU A 577 8.37 37.50 3.84
C GLU A 577 7.51 38.49 3.06
N PHE A 578 8.06 39.08 1.99
CA PHE A 578 7.28 40.00 1.19
C PHE A 578 6.14 39.30 0.46
N GLY A 579 6.41 38.11 -0.08
CA GLY A 579 5.41 37.41 -0.87
C GLY A 579 4.31 36.79 -0.04
N ILE A 580 4.54 36.56 1.24
CA ILE A 580 3.47 36.01 2.08
C ILE A 580 2.31 36.99 2.21
N TRP A 581 2.55 38.28 1.97
CA TRP A 581 1.48 39.28 2.02
C TRP A 581 1.29 40.02 0.71
N TRP A 582 2.20 39.89 -0.25
CA TRP A 582 2.03 40.56 -1.54
C TRP A 582 0.86 39.98 -2.31
N GLU A 583 0.81 38.66 -2.43
CA GLU A 583 -0.28 38.01 -3.16
C GLU A 583 -1.62 38.26 -2.47
N THR A 584 -1.65 38.17 -1.14
CA THR A 584 -2.89 38.38 -0.40
C THR A 584 -3.32 39.84 -0.44
N GLY A 585 -2.36 40.76 -0.41
CA GLY A 585 -2.68 42.18 -0.36
C GLY A 585 -3.19 42.71 -1.68
N SER A 586 -3.50 44.01 -1.67
CA SER A 586 -4.04 44.68 -2.84
C SER A 586 -2.97 45.04 -3.87
N GLY A 587 -1.69 44.96 -3.51
CA GLY A 587 -0.64 45.26 -4.47
C GLY A 587 -0.64 44.31 -5.64
N CYS A 588 -0.78 43.01 -5.36
CA CYS A 588 -0.87 42.04 -6.44
C CYS A 588 -2.07 42.31 -7.32
N LYS A 589 -3.21 42.63 -6.72
CA LYS A 589 -4.42 42.90 -7.49
C LYS A 589 -4.24 44.11 -8.40
N VAL A 590 -3.68 45.20 -7.88
CA VAL A 590 -3.54 46.40 -8.69
C VAL A 590 -2.50 46.20 -9.79
N ALA A 591 -1.41 45.50 -9.49
CA ALA A 591 -0.41 45.24 -10.52
C ALA A 591 -0.95 44.34 -11.62
N GLY A 592 -1.68 43.29 -11.25
CA GLY A 592 -2.28 42.43 -12.25
C GLY A 592 -3.31 43.18 -13.09
N PHE A 593 -4.11 44.04 -12.45
CA PHE A 593 -5.05 44.85 -13.20
C PHE A 593 -4.32 45.74 -14.20
N LEU A 594 -3.24 46.39 -13.77
CA LEU A 594 -2.48 47.24 -14.68
C LEU A 594 -1.96 46.44 -15.86
N ALA A 595 -1.40 45.26 -15.60
CA ALA A 595 -0.83 44.45 -16.67
C ALA A 595 -1.89 44.02 -17.67
N VAL A 596 -2.99 43.45 -17.19
CA VAL A 596 -4.01 42.95 -18.10
C VAL A 596 -4.69 44.09 -18.84
N PHE A 597 -4.91 45.22 -18.16
CA PHE A 597 -5.48 46.39 -18.82
C PHE A 597 -4.57 46.89 -19.94
N SER A 598 -3.27 46.96 -19.68
CA SER A 598 -2.34 47.41 -20.71
C SER A 598 -2.36 46.46 -21.90
N SER A 599 -2.32 45.16 -21.64
CA SER A 599 -2.29 44.19 -22.74
C SER A 599 -3.55 44.27 -23.58
N GLU A 600 -4.72 44.27 -22.92
CA GLU A 600 -5.98 44.30 -23.67
C GLU A 600 -6.15 45.61 -24.42
N SER A 601 -5.79 46.73 -23.80
CA SER A 601 -5.88 48.02 -24.48
C SER A 601 -4.98 48.05 -25.70
N ALA A 602 -3.75 47.54 -25.58
CA ALA A 602 -2.86 47.51 -26.73
C ALA A 602 -3.42 46.66 -27.85
N ILE A 603 -3.97 45.49 -27.53
CA ILE A 603 -4.52 44.62 -28.56
C ILE A 603 -5.69 45.28 -29.25
N PHE A 604 -6.61 45.87 -28.46
CA PHE A 604 -7.79 46.49 -29.04
C PHE A 604 -7.42 47.69 -29.90
N LEU A 605 -6.46 48.50 -29.45
CA LEU A 605 -6.04 49.65 -30.23
C LEU A 605 -5.34 49.22 -31.52
N LEU A 606 -4.58 48.12 -31.47
CA LEU A 606 -3.99 47.59 -32.70
C LEU A 606 -5.06 47.15 -33.68
N MET A 607 -6.09 46.46 -33.18
CA MET A 607 -7.18 46.02 -34.06
C MET A 607 -7.89 47.21 -34.68
N LEU A 608 -8.18 48.24 -33.88
CA LEU A 608 -8.83 49.44 -34.40
C LEU A 608 -7.95 50.15 -35.42
N ALA A 609 -6.63 50.18 -35.18
CA ALA A 609 -5.72 50.78 -36.13
C ALA A 609 -5.72 50.02 -37.45
N THR A 610 -5.76 48.69 -37.39
CA THR A 610 -5.82 47.90 -38.61
C THR A 610 -7.11 48.18 -39.39
N VAL A 611 -8.24 48.24 -38.68
CA VAL A 611 -9.51 48.53 -39.34
C VAL A 611 -9.49 49.92 -39.97
N GLU A 612 -8.96 50.90 -39.24
CA GLU A 612 -8.89 52.26 -39.77
C GLU A 612 -7.99 52.32 -41.00
N ARG A 613 -6.87 51.61 -40.97
CA ARG A 613 -5.97 51.61 -42.12
C ARG A 613 -6.63 50.94 -43.32
N SER A 614 -7.38 49.86 -43.09
CA SER A 614 -8.12 49.23 -44.17
C SER A 614 -9.12 50.20 -44.79
N LEU A 615 -9.88 50.90 -43.94
CA LEU A 615 -10.87 51.84 -44.44
C LEU A 615 -10.21 52.99 -45.20
N SER A 616 -9.08 53.49 -44.70
CA SER A 616 -8.39 54.58 -45.38
C SER A 616 -7.83 54.14 -46.73
N ALA A 617 -7.23 52.94 -46.78
CA ALA A 617 -6.70 52.45 -48.04
C ALA A 617 -7.79 52.04 -49.01
N LYS A 618 -9.02 51.82 -48.53
CA LYS A 618 -10.13 51.55 -49.43
C LYS A 618 -10.37 52.73 -50.36
N ASP A 619 -10.32 53.95 -49.83
CA ASP A 619 -10.52 55.15 -50.64
C ASP A 619 -9.27 56.01 -50.67
N ASN A 627 -14.60 63.68 -40.26
CA ASN A 627 -15.85 62.93 -40.27
C ASN A 627 -15.70 61.63 -39.48
N HIS A 628 -14.71 60.82 -39.85
CA HIS A 628 -14.46 59.57 -39.16
C HIS A 628 -13.84 59.76 -37.78
N LEU A 629 -13.42 60.99 -37.44
CA LEU A 629 -12.74 61.22 -36.18
C LEU A 629 -13.63 60.89 -34.99
N LYS A 630 -14.90 61.28 -35.04
CA LYS A 630 -15.80 61.04 -33.92
C LYS A 630 -16.03 59.55 -33.69
N GLN A 631 -16.33 58.81 -34.76
CA GLN A 631 -16.55 57.38 -34.61
C GLN A 631 -15.29 56.65 -34.16
N PHE A 632 -14.14 57.04 -34.69
CA PHE A 632 -12.90 56.41 -34.25
C PHE A 632 -12.60 56.72 -32.79
N ARG A 633 -12.87 57.95 -32.35
CA ARG A 633 -12.65 58.30 -30.95
C ARG A 633 -13.59 57.51 -30.03
N VAL A 634 -14.86 57.38 -30.41
CA VAL A 634 -15.76 56.62 -29.55
C VAL A 634 -15.41 55.14 -29.58
N ALA A 635 -14.89 54.64 -30.70
CA ALA A 635 -14.42 53.25 -30.75
C ALA A 635 -13.22 53.06 -29.84
N ALA A 636 -12.31 54.02 -29.81
CA ALA A 636 -11.17 53.96 -28.89
C ALA A 636 -11.63 53.99 -27.44
N LEU A 637 -12.62 54.83 -27.13
CA LEU A 637 -13.18 54.85 -25.78
C LEU A 637 -13.81 53.51 -25.42
N LEU A 638 -14.53 52.91 -26.36
CA LEU A 638 -15.10 51.59 -26.14
C LEU A 638 -14.02 50.56 -25.88
N ALA A 639 -12.92 50.63 -26.65
CA ALA A 639 -11.82 49.70 -26.44
C ALA A 639 -11.20 49.87 -25.06
N PHE A 640 -11.01 51.11 -24.63
CA PHE A 640 -10.47 51.36 -23.30
C PHE A 640 -11.39 50.83 -22.21
N LEU A 641 -12.70 51.06 -22.36
CA LEU A 641 -13.65 50.57 -21.36
C LEU A 641 -13.69 49.04 -21.34
N GLY A 642 -13.59 48.41 -22.53
CA GLY A 642 -13.51 46.95 -22.56
C GLY A 642 -12.28 46.41 -21.88
N ALA A 643 -11.13 47.07 -22.11
CA ALA A 643 -9.92 46.66 -21.40
C ALA A 643 -10.09 46.83 -19.90
N THR A 644 -10.71 47.92 -19.47
CA THR A 644 -10.90 48.17 -18.05
C THR A 644 -11.80 47.11 -17.42
N VAL A 645 -12.91 46.77 -18.09
CA VAL A 645 -13.82 45.78 -17.53
C VAL A 645 -13.18 44.39 -17.53
N ALA A 646 -12.39 44.07 -18.57
CA ALA A 646 -11.67 42.81 -18.58
C ALA A 646 -10.67 42.74 -17.44
N GLY A 647 -10.00 43.86 -17.16
CA GLY A 647 -9.06 43.89 -16.04
C GLY A 647 -9.75 43.74 -14.70
N CYS A 648 -10.88 44.42 -14.52
CA CYS A 648 -11.58 44.38 -13.23
C CYS A 648 -12.40 43.11 -13.05
N PHE A 649 -12.59 42.31 -14.10
CA PHE A 649 -13.34 41.07 -13.95
C PHE A 649 -12.72 40.12 -12.92
N PRO A 650 -11.42 39.78 -12.98
CA PRO A 650 -10.87 38.91 -11.93
C PRO A 650 -10.70 39.61 -10.59
N LEU A 651 -10.73 40.95 -10.56
CA LEU A 651 -10.57 41.66 -9.31
C LEU A 651 -11.72 41.35 -8.36
N PHE A 652 -12.95 41.28 -8.88
CA PHE A 652 -14.12 40.99 -8.07
C PHE A 652 -14.70 39.60 -8.28
N HIS A 653 -14.29 38.89 -9.34
CA HIS A 653 -14.88 37.61 -9.68
C HIS A 653 -13.82 36.52 -9.60
N ARG A 654 -14.08 35.51 -8.75
CA ARG A 654 -13.34 34.25 -8.71
C ARG A 654 -11.93 34.39 -8.16
N GLY A 655 -11.47 35.61 -7.92
CA GLY A 655 -10.14 35.83 -7.38
C GLY A 655 -9.03 35.23 -8.21
N GLU A 656 -9.08 35.43 -9.53
CA GLU A 656 -8.12 34.80 -10.42
C GLU A 656 -6.69 35.28 -10.21
N TYR A 657 -6.50 36.40 -9.50
CA TYR A 657 -5.15 36.89 -9.21
C TYR A 657 -4.55 36.07 -8.08
N SER A 658 -3.40 36.51 -7.57
CA SER A 658 -2.70 35.90 -6.45
C SER A 658 -2.27 34.46 -6.75
N ALA A 659 -2.25 34.07 -8.03
CA ALA A 659 -1.73 32.76 -8.40
C ALA A 659 -0.22 32.72 -8.45
N SER A 660 0.43 33.88 -8.48
CA SER A 660 1.88 33.98 -8.54
C SER A 660 2.28 35.37 -8.11
N PRO A 661 3.52 35.57 -7.64
CA PRO A 661 3.98 36.93 -7.34
C PRO A 661 3.98 37.83 -8.56
N LEU A 662 4.08 37.26 -9.77
CA LEU A 662 3.88 38.05 -10.98
C LEU A 662 2.46 38.57 -11.11
N CYS A 663 1.53 37.99 -10.34
CA CYS A 663 0.12 38.37 -10.32
C CYS A 663 -0.46 38.51 -11.72
N LEU A 664 -0.14 37.55 -12.58
CA LEU A 664 -0.67 37.48 -13.94
C LEU A 664 -1.51 36.23 -14.09
N PRO A 665 -2.83 36.36 -14.33
CA PRO A 665 -3.65 35.15 -14.52
C PRO A 665 -3.37 34.45 -15.84
N PHE A 666 -2.80 35.15 -16.82
CA PHE A 666 -2.57 34.55 -18.14
C PHE A 666 -1.61 33.35 -18.09
N PRO A 667 -0.41 33.45 -17.49
CA PRO A 667 0.46 32.25 -17.44
C PRO A 667 -0.14 31.11 -16.65
N THR A 668 -0.94 31.40 -15.62
CA THR A 668 -1.64 30.42 -14.79
C THR A 668 -0.80 29.18 -14.49
N GLY A 669 0.29 29.37 -13.74
CA GLY A 669 1.16 28.25 -13.41
C GLY A 669 0.42 27.09 -12.78
N GLU A 670 -0.49 27.38 -11.86
CA GLU A 670 -1.38 26.35 -11.34
C GLU A 670 -2.53 26.12 -12.31
N THR A 671 -3.17 24.97 -12.17
CA THR A 671 -4.25 24.60 -13.07
C THR A 671 -5.43 25.56 -12.91
N PRO A 672 -5.84 26.26 -13.97
CA PRO A 672 -6.91 27.25 -13.82
C PRO A 672 -8.31 26.63 -13.91
N SER A 673 -9.33 27.47 -13.76
CA SER A 673 -10.71 27.05 -13.95
C SER A 673 -11.15 27.17 -15.41
N LEU A 674 -10.28 27.65 -16.29
CA LEU A 674 -10.58 27.81 -17.71
C LEU A 674 -11.83 28.65 -17.93
N GLY A 675 -11.96 29.72 -17.15
CA GLY A 675 -13.07 30.65 -17.31
C GLY A 675 -12.61 32.01 -17.78
N PHE A 676 -11.34 32.32 -17.55
CA PHE A 676 -10.75 33.59 -17.93
C PHE A 676 -9.55 33.43 -18.87
N THR A 677 -8.65 32.50 -18.57
CA THR A 677 -7.43 32.36 -19.37
C THR A 677 -7.75 31.92 -20.79
N VAL A 678 -8.60 30.90 -20.95
CA VAL A 678 -8.92 30.40 -22.28
C VAL A 678 -9.71 31.45 -23.07
N THR A 679 -10.61 32.17 -22.39
CA THR A 679 -11.36 33.22 -23.07
C THR A 679 -10.44 34.32 -23.57
N LEU A 680 -9.48 34.74 -22.74
CA LEU A 680 -8.54 35.77 -23.17
C LEU A 680 -7.67 35.26 -24.32
N VAL A 681 -7.22 34.00 -24.25
CA VAL A 681 -6.40 33.44 -25.31
C VAL A 681 -7.16 33.44 -26.64
N LEU A 682 -8.40 32.96 -26.62
CA LEU A 682 -9.16 32.89 -27.86
C LEU A 682 -9.48 34.28 -28.38
N LEU A 683 -9.80 35.22 -27.50
CA LEU A 683 -10.09 36.58 -27.94
C LEU A 683 -8.87 37.21 -28.61
N ASN A 684 -7.70 37.09 -27.98
CA ASN A 684 -6.50 37.67 -28.55
C ASN A 684 -6.12 37.00 -29.87
N SER A 685 -6.26 35.67 -29.94
CA SER A 685 -5.95 34.96 -31.17
C SER A 685 -6.90 35.37 -32.29
N LEU A 686 -8.19 35.52 -31.99
CA LEU A 686 -9.14 35.97 -33.00
C LEU A 686 -8.82 37.37 -33.47
N ALA A 687 -8.46 38.27 -32.55
CA ALA A 687 -8.11 39.63 -32.93
C ALA A 687 -6.88 39.65 -33.83
N PHE A 688 -5.87 38.86 -33.48
CA PHE A 688 -4.66 38.80 -34.31
C PHE A 688 -4.96 38.22 -35.68
N LEU A 689 -5.79 37.17 -35.74
CA LEU A 689 -6.13 36.59 -37.04
C LEU A 689 -6.88 37.59 -37.90
N LEU A 690 -7.84 38.32 -37.32
CA LEU A 690 -8.57 39.32 -38.08
C LEU A 690 -7.65 40.42 -38.58
N MET A 691 -6.74 40.89 -37.72
CA MET A 691 -5.81 41.93 -38.12
C MET A 691 -4.90 41.45 -39.25
N ALA A 692 -4.41 40.21 -39.16
CA ALA A 692 -3.56 39.67 -40.20
C ALA A 692 -4.30 39.53 -41.51
N VAL A 693 -5.55 39.05 -41.46
CA VAL A 693 -6.35 38.91 -42.68
C VAL A 693 -6.58 40.27 -43.32
N ILE A 694 -6.91 41.28 -42.51
CA ILE A 694 -7.13 42.62 -43.04
C ILE A 694 -5.86 43.16 -43.68
N TYR A 695 -4.73 42.99 -42.98
CA TYR A 695 -3.46 43.49 -43.50
C TYR A 695 -3.09 42.83 -44.81
N THR A 696 -3.24 41.51 -44.90
CA THR A 696 -2.87 40.83 -46.14
C THR A 696 -3.85 41.14 -47.27
N LYS A 697 -5.13 41.33 -46.97
CA LYS A 697 -6.08 41.74 -47.99
C LYS A 697 -5.73 43.11 -48.55
N LEU A 698 -5.38 44.06 -47.68
CA LEU A 698 -5.03 45.39 -48.15
C LEU A 698 -3.69 45.38 -48.89
N TYR A 699 -2.75 44.54 -48.45
CA TYR A 699 -1.49 44.41 -49.17
C TYR A 699 -1.72 43.84 -50.57
N CYS A 700 -2.60 42.85 -50.69
CA CYS A 700 -2.95 42.33 -52.01
C CYS A 700 -3.61 43.38 -52.87
N ASN A 701 -4.50 44.19 -52.27
CA ASN A 701 -5.14 45.26 -53.03
C ASN A 701 -4.10 46.27 -53.53
N LEU A 702 -3.14 46.63 -52.69
CA LEU A 702 -2.07 47.53 -53.11
C LEU A 702 -0.76 46.78 -53.32
N SER A 711 3.96 57.67 -49.60
CA SER A 711 3.04 58.44 -48.79
C SER A 711 2.49 57.60 -47.63
N GLN A 712 1.34 56.96 -47.85
CA GLN A 712 0.74 56.11 -46.83
C GLN A 712 1.49 54.80 -46.64
N SER A 713 2.46 54.49 -47.51
CA SER A 713 3.23 53.27 -47.35
C SER A 713 4.02 53.26 -46.04
N SER A 714 4.44 54.44 -45.58
CA SER A 714 5.13 54.52 -44.30
C SER A 714 4.23 54.04 -43.16
N MET A 715 2.99 54.52 -43.12
CA MET A 715 2.06 54.07 -42.10
C MET A 715 1.70 52.59 -42.30
N ILE A 716 1.58 52.15 -43.54
CA ILE A 716 1.29 50.74 -43.81
C ILE A 716 2.39 49.86 -43.22
N LYS A 717 3.65 50.20 -43.48
CA LYS A 717 4.74 49.37 -42.97
C LYS A 717 4.90 49.51 -41.47
N HIS A 718 4.61 50.68 -40.91
CA HIS A 718 4.64 50.82 -39.46
C HIS A 718 3.62 49.91 -38.80
N VAL A 719 2.40 49.89 -39.32
CA VAL A 719 1.37 49.02 -38.78
C VAL A 719 1.74 47.56 -38.99
N ALA A 720 2.35 47.23 -40.13
CA ALA A 720 2.76 45.85 -40.38
C ALA A 720 3.81 45.40 -39.37
N TRP A 721 4.82 46.25 -39.12
CA TRP A 721 5.83 45.93 -38.12
C TRP A 721 5.20 45.76 -36.75
N LEU A 722 4.26 46.64 -36.40
CA LEU A 722 3.59 46.55 -35.11
C LEU A 722 2.84 45.23 -34.97
N ILE A 723 2.10 44.85 -36.01
CA ILE A 723 1.34 43.60 -35.97
C ILE A 723 2.27 42.40 -35.84
N PHE A 724 3.34 42.39 -36.64
CA PHE A 724 4.28 41.28 -36.60
C PHE A 724 4.90 41.14 -35.21
N THR A 725 5.39 42.26 -34.66
CA THR A 725 6.01 42.22 -33.34
C THR A 725 5.04 41.75 -32.28
N ASN A 726 3.83 42.31 -32.27
CA ASN A 726 2.87 41.95 -31.24
C ASN A 726 2.48 40.48 -31.33
N CYS A 727 2.19 39.98 -32.53
CA CYS A 727 1.80 38.58 -32.67
C CYS A 727 2.94 37.64 -32.30
N ILE A 728 4.15 37.94 -32.77
CA ILE A 728 5.29 37.07 -32.50
C ILE A 728 5.57 37.02 -31.00
N PHE A 729 5.51 38.16 -30.31
CA PHE A 729 5.79 38.16 -28.89
C PHE A 729 4.62 37.65 -28.05
N PHE A 730 3.40 37.66 -28.59
CA PHE A 730 2.27 37.09 -27.86
C PHE A 730 2.18 35.57 -28.01
N CYS A 731 2.69 35.02 -29.11
CA CYS A 731 2.60 33.57 -29.31
C CYS A 731 3.19 32.76 -28.16
N PRO A 732 4.42 33.02 -27.67
CA PRO A 732 4.94 32.21 -26.57
C PRO A 732 4.13 32.32 -25.29
N VAL A 733 3.58 33.49 -24.99
CA VAL A 733 2.78 33.64 -23.77
C VAL A 733 1.53 32.77 -23.85
N ALA A 734 0.86 32.78 -25.01
CA ALA A 734 -0.29 31.90 -25.18
C ALA A 734 0.11 30.44 -25.12
N PHE A 735 1.27 30.10 -25.69
CA PHE A 735 1.75 28.72 -25.64
C PHE A 735 1.95 28.26 -24.19
N PHE A 736 2.62 29.08 -23.38
CA PHE A 736 2.90 28.72 -22.00
C PHE A 736 1.68 28.87 -21.10
N SER A 737 0.63 29.55 -21.54
CA SER A 737 -0.58 29.65 -20.73
C SER A 737 -1.19 28.27 -20.48
N PHE A 738 -1.27 27.44 -21.52
CA PHE A 738 -1.87 26.12 -21.40
C PHE A 738 -0.86 25.03 -21.14
N ALA A 739 0.42 25.37 -20.95
CA ALA A 739 1.44 24.36 -20.67
C ALA A 739 1.16 23.58 -19.38
N PRO A 740 0.80 24.21 -18.26
CA PRO A 740 0.46 23.41 -17.06
C PRO A 740 -0.71 22.48 -17.28
N LEU A 741 -1.69 22.87 -18.09
CA LEU A 741 -2.85 22.00 -18.32
C LEU A 741 -2.46 20.70 -19.00
N ILE A 742 -1.59 20.78 -20.02
CA ILE A 742 -1.12 19.58 -20.70
C ILE A 742 0.00 18.94 -19.88
N THR A 743 0.26 17.66 -20.19
CA THR A 743 1.35 16.95 -19.52
C THR A 743 2.68 17.65 -19.76
N ALA A 744 3.45 17.83 -18.69
CA ALA A 744 4.70 18.59 -18.75
C ALA A 744 5.83 17.67 -19.20
N ILE A 745 5.91 17.46 -20.51
CA ILE A 745 6.99 16.69 -21.11
C ILE A 745 8.21 17.61 -21.18
N SER A 746 9.11 17.47 -20.20
CA SER A 746 10.31 18.33 -20.10
C SER A 746 9.94 19.80 -20.08
N ILE A 747 8.84 20.13 -19.39
CA ILE A 747 8.36 21.50 -19.25
C ILE A 747 8.65 21.95 -17.82
N SER A 748 9.36 23.07 -17.69
CA SER A 748 9.76 23.56 -16.39
C SER A 748 8.96 24.81 -16.01
N PRO A 749 8.37 24.84 -14.82
CA PRO A 749 7.74 26.11 -14.37
C PRO A 749 8.72 27.26 -14.31
N GLU A 750 9.99 26.98 -14.01
CA GLU A 750 10.99 28.05 -13.98
C GLU A 750 11.16 28.68 -15.37
N ILE A 751 11.32 27.84 -16.40
CA ILE A 751 11.48 28.40 -17.74
C ILE A 751 10.20 29.03 -18.22
N MET A 752 9.04 28.51 -17.80
CA MET A 752 7.77 29.16 -18.12
C MET A 752 7.70 30.56 -17.54
N LYS A 753 8.07 30.71 -16.27
CA LYS A 753 8.11 32.02 -15.64
C LYS A 753 9.11 32.93 -16.33
N SER A 754 10.27 32.40 -16.69
CA SER A 754 11.28 33.19 -17.39
C SER A 754 10.74 33.74 -18.71
N VAL A 755 10.13 32.86 -19.50
CA VAL A 755 9.62 33.28 -20.82
C VAL A 755 8.50 34.30 -20.65
N THR A 756 7.58 34.06 -19.74
CA THR A 756 6.49 34.99 -19.52
C THR A 756 7.02 36.35 -19.07
N LEU A 757 7.96 36.35 -18.14
CA LEU A 757 8.49 37.60 -17.61
C LEU A 757 9.27 38.38 -18.66
N ILE A 758 9.98 37.67 -19.55
CA ILE A 758 10.78 38.38 -20.53
C ILE A 758 9.95 38.83 -21.73
N PHE A 759 8.84 38.16 -22.02
CA PHE A 759 8.09 38.47 -23.23
C PHE A 759 6.82 39.28 -23.00
N PHE A 760 6.30 39.32 -21.77
CA PHE A 760 5.07 40.08 -21.54
C PHE A 760 5.23 41.57 -21.80
N PRO A 761 6.24 42.27 -21.27
CA PRO A 761 6.39 43.70 -21.57
C PRO A 761 7.25 44.02 -22.78
N LEU A 762 7.71 43.01 -23.52
CA LEU A 762 8.59 43.26 -24.66
C LEU A 762 7.94 44.12 -25.74
N PRO A 763 6.70 43.86 -26.17
CA PRO A 763 6.08 44.78 -27.15
C PRO A 763 5.98 46.20 -26.63
N ALA A 764 5.71 46.37 -25.33
CA ALA A 764 5.63 47.70 -24.75
C ALA A 764 6.99 48.39 -24.81
N CYS A 765 8.06 47.65 -24.58
CA CYS A 765 9.39 48.24 -24.67
C CYS A 765 9.84 48.47 -26.10
N LEU A 766 9.24 47.76 -27.07
CA LEU A 766 9.73 47.79 -28.44
C LEU A 766 8.98 48.74 -29.36
N ASN A 767 7.67 48.94 -29.16
CA ASN A 767 6.91 49.76 -30.10
C ASN A 767 7.40 51.20 -30.18
N PRO A 768 7.57 51.95 -29.08
CA PRO A 768 7.99 53.35 -29.23
C PRO A 768 9.35 53.51 -29.90
N VAL A 769 10.27 52.56 -29.68
CA VAL A 769 11.59 52.66 -30.32
C VAL A 769 11.43 52.59 -31.84
N LEU A 770 10.63 51.63 -32.32
CA LEU A 770 10.38 51.53 -33.75
C LEU A 770 9.70 52.77 -34.29
N TYR A 771 8.70 53.28 -33.56
CA TYR A 771 7.98 54.46 -34.02
C TYR A 771 8.91 55.66 -34.15
N VAL A 772 9.79 55.86 -33.17
CA VAL A 772 10.69 57.01 -33.20
C VAL A 772 11.74 56.85 -34.29
N PHE A 773 12.34 55.66 -34.39
CA PHE A 773 13.48 55.49 -35.28
C PHE A 773 13.08 55.37 -36.75
N PHE A 774 11.93 54.77 -37.05
CA PHE A 774 11.64 54.40 -38.43
C PHE A 774 10.79 55.44 -39.17
N ASN A 775 9.70 55.88 -38.56
CA ASN A 775 8.76 56.78 -39.23
C ASN A 775 9.41 58.11 -39.59
N PRO A 776 9.63 58.37 -40.89
CA PRO A 776 10.37 59.58 -41.29
C PRO A 776 9.57 60.87 -41.10
N LYS A 777 8.31 60.88 -41.54
CA LYS A 777 7.49 62.08 -41.38
C LYS A 777 7.22 62.37 -39.91
N PHE A 778 7.08 61.34 -39.09
CA PHE A 778 6.88 61.56 -37.67
C PHE A 778 8.17 61.97 -36.98
N LYS A 779 9.33 61.54 -37.49
CA LYS A 779 10.59 62.10 -37.04
C LYS A 779 10.68 63.59 -37.38
N GLU A 780 10.24 63.96 -38.57
CA GLU A 780 10.19 65.38 -38.94
C GLU A 780 9.24 66.15 -38.02
N ASP A 781 8.12 65.52 -37.67
CA ASP A 781 7.21 66.12 -36.70
C ASP A 781 7.90 66.32 -35.36
N TRP A 782 8.68 65.33 -34.92
CA TRP A 782 9.44 65.48 -33.68
C TRP A 782 10.41 66.66 -33.78
N LYS A 783 11.09 66.80 -34.92
CA LYS A 783 12.03 67.89 -35.10
C LYS A 783 11.32 69.24 -35.01
N LEU A 784 10.19 69.37 -35.72
CA LEU A 784 9.48 70.65 -35.73
C LEU A 784 8.90 70.98 -34.36
N LEU A 785 8.41 69.97 -33.63
CA LEU A 785 7.89 70.24 -32.31
C LEU A 785 9.00 70.56 -31.31
N LYS A 786 10.18 69.96 -31.49
CA LYS A 786 11.33 70.34 -30.67
C LYS A 786 11.71 71.79 -30.93
N ARG A 787 11.70 72.20 -32.19
CA ARG A 787 11.96 73.61 -32.51
C ARG A 787 10.90 74.50 -31.87
N ARG A 788 9.64 74.08 -31.92
CA ARG A 788 8.55 74.86 -31.34
C ARG A 788 8.73 75.02 -29.84
N VAL A 789 9.07 73.94 -29.14
CA VAL A 789 9.19 74.02 -27.68
C VAL A 789 10.44 74.79 -27.29
N THR A 790 11.50 74.73 -28.10
CA THR A 790 12.66 75.58 -27.84
C THR A 790 12.31 77.05 -28.03
N LYS A 791 11.52 77.36 -29.07
CA LYS A 791 11.08 78.74 -29.30
C LYS A 791 9.97 79.12 -28.34
N LYS B 1 7.33 8.30 -15.64
CA LYS B 1 7.54 9.73 -15.84
C LYS B 1 9.01 10.11 -15.65
N GLU B 2 9.56 9.75 -14.50
CA GLU B 2 10.94 10.08 -14.17
C GLU B 2 11.93 9.00 -14.60
N THR B 3 11.45 7.90 -15.17
CA THR B 3 12.30 6.84 -15.72
C THR B 3 13.24 6.28 -14.65
N ALA B 4 12.62 5.65 -13.65
CA ALA B 4 13.39 5.03 -12.57
C ALA B 4 14.27 3.91 -13.11
N PHE B 5 15.48 3.81 -12.58
CA PHE B 5 16.41 2.75 -12.94
C PHE B 5 16.30 1.64 -11.92
N VAL B 6 15.77 0.49 -12.33
CA VAL B 6 15.60 -0.66 -11.44
C VAL B 6 16.68 -1.67 -11.77
N GLU B 7 17.53 -1.97 -10.79
CA GLU B 7 18.60 -2.94 -10.94
C GLU B 7 18.31 -4.14 -10.06
N VAL B 8 18.28 -5.32 -10.65
CA VAL B 8 18.09 -6.57 -9.92
C VAL B 8 19.44 -7.25 -9.80
N VAL B 9 19.83 -7.57 -8.58
CA VAL B 9 21.11 -8.17 -8.27
C VAL B 9 20.88 -9.63 -7.91
N LEU B 10 21.53 -10.52 -8.66
CA LEU B 10 21.54 -11.95 -8.37
C LEU B 10 22.88 -12.25 -7.71
N PHE B 11 22.85 -12.62 -6.44
CA PHE B 11 24.06 -12.84 -5.67
C PHE B 11 24.19 -14.32 -5.29
N GLU B 12 25.41 -14.83 -5.39
CA GLU B 12 25.74 -16.19 -4.98
C GLU B 12 26.80 -16.11 -3.88
N SER B 13 26.59 -16.86 -2.81
CA SER B 13 27.48 -16.83 -1.65
C SER B 13 28.57 -17.87 -1.84
N SER B 14 29.81 -17.41 -1.98
CA SER B 14 30.93 -18.31 -2.02
C SER B 14 31.16 -18.95 -0.66
N PRO B 15 31.75 -20.14 -0.61
CA PRO B 15 32.02 -20.77 0.70
C PRO B 15 32.95 -19.97 1.58
N SER B 16 33.75 -19.07 1.01
CA SER B 16 34.64 -18.21 1.79
C SER B 16 33.94 -16.98 2.33
N GLY B 17 32.65 -16.79 2.03
CA GLY B 17 31.91 -15.66 2.53
C GLY B 17 31.97 -14.41 1.69
N ASP B 18 32.40 -14.50 0.44
CA ASP B 18 32.51 -13.37 -0.46
C ASP B 18 31.46 -13.51 -1.55
N TYR B 19 30.47 -12.61 -1.54
CA TYR B 19 29.37 -12.69 -2.49
C TYR B 19 29.84 -12.33 -3.90
N THR B 20 29.34 -13.07 -4.89
CA THR B 20 29.53 -12.75 -6.30
C THR B 20 28.19 -12.31 -6.86
N THR B 21 28.14 -11.10 -7.42
CA THR B 21 26.88 -10.47 -7.79
C THR B 21 26.86 -10.18 -9.29
N TYR B 22 25.70 -10.43 -9.90
CA TYR B 22 25.44 -10.06 -11.28
C TYR B 22 24.24 -9.12 -11.30
N THR B 23 24.42 -7.94 -11.91
CA THR B 23 23.38 -6.92 -11.93
C THR B 23 22.75 -6.85 -13.31
N THR B 24 21.42 -6.79 -13.33
CA THR B 24 20.64 -6.62 -14.56
C THR B 24 19.78 -5.37 -14.42
N GLY B 25 19.88 -4.49 -15.41
CA GLY B 25 19.20 -3.21 -15.37
C GLY B 25 17.93 -3.18 -16.19
N LEU B 26 17.00 -2.32 -15.77
CA LEU B 26 15.78 -2.09 -16.53
C LEU B 26 15.27 -0.69 -16.20
N THR B 27 14.39 -0.18 -17.06
CA THR B 27 13.87 1.17 -16.93
C THR B 27 12.36 1.09 -16.68
N GLY B 28 11.91 1.64 -15.56
CA GLY B 28 10.52 1.74 -15.24
C GLY B 28 10.01 3.17 -15.33
N ARG B 29 8.87 3.41 -14.69
CA ARG B 29 8.28 4.73 -14.64
C ARG B 29 7.83 5.04 -13.22
N PHE B 30 8.30 6.16 -12.69
CA PHE B 30 7.83 6.61 -11.38
C PHE B 30 6.37 7.02 -11.46
N SER B 31 5.62 6.69 -10.41
CA SER B 31 4.21 7.06 -10.31
C SER B 31 4.06 8.22 -9.36
N ARG B 32 3.15 9.14 -9.69
CA ARG B 32 2.92 10.31 -8.85
C ARG B 32 2.29 9.95 -7.51
N ALA B 33 1.79 8.73 -7.35
CA ALA B 33 1.25 8.31 -6.06
C ALA B 33 2.35 8.19 -5.01
N GLY B 34 3.53 7.73 -5.42
CA GLY B 34 4.66 7.57 -4.52
C GLY B 34 5.71 8.64 -4.76
N ALA B 35 6.34 9.10 -3.68
CA ALA B 35 7.36 10.13 -3.79
C ALA B 35 8.56 9.61 -4.59
N THR B 36 9.18 10.52 -5.34
CA THR B 36 10.31 10.17 -6.21
C THR B 36 11.57 10.07 -5.36
N LEU B 37 11.78 8.91 -4.78
CA LEU B 37 12.97 8.61 -3.98
C LEU B 37 13.68 7.39 -4.56
N SER B 38 14.72 6.96 -3.85
CA SER B 38 15.49 5.77 -4.22
C SER B 38 15.38 4.75 -3.09
N ALA B 39 15.00 3.53 -3.43
CA ALA B 39 14.77 2.48 -2.45
C ALA B 39 15.65 1.27 -2.77
N GLU B 40 15.73 0.36 -1.80
CA GLU B 40 16.53 -0.85 -1.97
C GLU B 40 16.03 -1.90 -1.00
N GLY B 41 15.95 -3.14 -1.46
CA GLY B 41 15.52 -4.22 -0.61
C GLY B 41 15.65 -5.55 -1.30
N GLU B 42 14.99 -6.56 -0.74
CA GLU B 42 14.93 -7.88 -1.36
C GLU B 42 13.59 -8.04 -2.06
N ILE B 43 13.61 -8.72 -3.20
CA ILE B 43 12.40 -8.85 -4.01
C ILE B 43 11.45 -9.83 -3.37
N VAL B 44 10.20 -9.41 -3.18
CA VAL B 44 9.14 -10.29 -2.71
C VAL B 44 7.95 -10.10 -3.64
N GLN B 45 7.50 -11.18 -4.26
CA GLN B 45 6.33 -11.14 -5.14
C GLN B 45 5.07 -11.27 -4.31
N MET B 46 4.09 -10.42 -4.59
CA MET B 46 2.81 -10.44 -3.90
C MET B 46 1.71 -10.70 -4.92
N HIS B 47 0.87 -11.70 -4.62
CA HIS B 47 -0.27 -11.97 -5.48
C HIS B 47 -1.24 -10.78 -5.40
N PRO B 48 -1.82 -10.37 -6.53
CA PRO B 48 -2.72 -9.19 -6.48
C PRO B 48 -3.88 -9.37 -5.52
N LEU B 49 -4.43 -10.58 -5.41
CA LEU B 49 -5.45 -10.85 -4.42
C LEU B 49 -4.89 -11.01 -3.01
N GLY B 50 -3.57 -11.14 -2.87
CA GLY B 50 -2.99 -11.27 -1.55
C GLY B 50 -3.13 -10.02 -0.71
N LEU B 51 -3.04 -8.85 -1.34
CA LEU B 51 -3.13 -7.57 -0.63
C LEU B 51 -4.61 -7.24 -0.36
N CYS B 52 -5.20 -8.05 0.51
CA CYS B 52 -6.59 -7.89 0.93
C CYS B 52 -6.65 -7.14 2.25
N ASN B 53 -7.62 -6.24 2.37
CA ASN B 53 -7.72 -5.37 3.54
C ASN B 53 -8.39 -6.04 4.73
N ASN B 54 -8.92 -7.25 4.57
CA ASN B 54 -9.58 -7.93 5.68
C ASN B 54 -8.59 -8.19 6.82
N ASN B 55 -9.01 -7.85 8.04
CA ASN B 55 -8.14 -7.97 9.22
C ASN B 55 -8.33 -9.36 9.84
N ASP B 56 -7.86 -10.37 9.11
CA ASP B 56 -7.85 -11.74 9.58
C ASP B 56 -6.43 -12.24 9.85
N GLU B 57 -5.56 -11.31 10.27
CA GLU B 57 -4.14 -11.57 10.54
C GLU B 57 -3.39 -11.87 9.24
N GLU B 58 -2.13 -11.44 9.18
CA GLU B 58 -1.30 -11.66 8.00
C GLU B 58 0.06 -12.14 8.43
N ASP B 59 0.75 -12.82 7.52
CA ASP B 59 2.10 -13.26 7.79
C ASP B 59 3.03 -12.07 7.95
N LEU B 60 3.96 -12.18 8.89
CA LEU B 60 4.86 -11.07 9.21
C LEU B 60 6.08 -11.11 8.29
N TYR B 61 6.36 -10.00 7.64
CA TYR B 61 7.50 -9.86 6.75
C TYR B 61 8.52 -8.91 7.36
N GLU B 62 9.80 -9.20 7.16
CA GLU B 62 10.84 -8.30 7.62
C GLU B 62 10.73 -6.96 6.90
N TYR B 63 11.03 -5.89 7.61
CA TYR B 63 10.86 -4.55 7.05
C TYR B 63 11.87 -4.31 5.95
N GLY B 64 11.42 -3.66 4.86
CA GLY B 64 12.29 -3.32 3.77
C GLY B 64 12.34 -4.35 2.67
N TRP B 65 11.18 -4.75 2.16
CA TRP B 65 11.08 -5.69 1.05
C TRP B 65 10.42 -5.01 -0.13
N VAL B 66 11.06 -5.11 -1.30
CA VAL B 66 10.52 -4.50 -2.51
C VAL B 66 9.45 -5.41 -3.08
N GLY B 67 8.21 -4.92 -3.12
CA GLY B 67 7.08 -5.72 -3.56
C GLY B 67 6.91 -5.66 -5.06
N VAL B 68 6.85 -6.84 -5.69
CA VAL B 68 6.60 -6.97 -7.11
C VAL B 68 5.23 -7.58 -7.29
N VAL B 69 4.31 -6.83 -7.88
CA VAL B 69 2.93 -7.26 -8.06
C VAL B 69 2.65 -7.32 -9.55
N LYS B 70 2.25 -8.50 -10.03
CA LYS B 70 1.87 -8.69 -11.42
C LYS B 70 0.36 -8.51 -11.53
N LEU B 71 -0.07 -7.40 -12.12
CA LEU B 71 -1.49 -7.15 -12.29
C LEU B 71 -2.07 -8.07 -13.35
N GLU B 72 -3.38 -8.29 -13.27
CA GLU B 72 -4.10 -9.19 -14.15
C GLU B 72 -5.09 -8.41 -15.01
N GLN B 73 -5.83 -9.13 -15.83
CA GLN B 73 -6.87 -8.51 -16.64
C GLN B 73 -7.95 -7.94 -15.73
N PRO B 74 -8.34 -6.67 -15.93
CA PRO B 74 -9.38 -6.09 -15.06
C PRO B 74 -10.69 -6.86 -15.10
N GLU B 75 -11.10 -7.34 -16.28
CA GLU B 75 -12.32 -8.12 -16.37
C GLU B 75 -12.22 -9.45 -15.62
N LEU B 76 -10.99 -9.90 -15.32
CA LEU B 76 -10.82 -11.07 -14.48
C LEU B 76 -11.31 -10.81 -13.06
N ASP B 77 -11.20 -9.57 -12.60
CA ASP B 77 -11.64 -9.21 -11.26
C ASP B 77 -12.89 -8.33 -11.36
N PRO B 78 -14.08 -8.87 -11.11
CA PRO B 78 -15.29 -8.05 -11.22
C PRO B 78 -15.38 -6.99 -10.14
N LYS B 79 -15.12 -7.36 -8.90
CA LYS B 79 -15.20 -6.46 -7.75
C LYS B 79 -13.90 -6.55 -6.97
N PRO B 80 -12.88 -5.78 -7.36
CA PRO B 80 -11.63 -5.78 -6.60
C PRO B 80 -11.84 -5.32 -5.18
N CYS B 81 -11.14 -5.97 -4.24
CA CYS B 81 -11.23 -5.58 -2.84
C CYS B 81 -10.63 -4.19 -2.63
N LEU B 82 -9.49 -3.92 -3.26
CA LEU B 82 -8.83 -2.62 -3.15
C LEU B 82 -8.33 -2.20 -4.52
N THR B 83 -8.18 -0.89 -4.70
CA THR B 83 -7.61 -0.36 -5.92
C THR B 83 -6.10 -0.53 -5.90
N VAL B 84 -5.43 -0.01 -6.94
CA VAL B 84 -3.97 -0.07 -6.97
C VAL B 84 -3.38 0.78 -5.85
N LEU B 85 -3.98 1.95 -5.59
CA LEU B 85 -3.55 2.77 -4.46
C LEU B 85 -3.73 2.02 -3.14
N GLY B 86 -4.87 1.33 -2.99
CA GLY B 86 -5.09 0.55 -1.79
C GLY B 86 -4.08 -0.57 -1.62
N LYS B 87 -3.74 -1.25 -2.72
CA LYS B 87 -2.72 -2.30 -2.65
C LYS B 87 -1.37 -1.73 -2.26
N ALA B 88 -0.99 -0.59 -2.84
CA ALA B 88 0.29 0.03 -2.49
C ALA B 88 0.31 0.44 -1.02
N LYS B 89 -0.78 1.03 -0.53
CA LYS B 89 -0.85 1.42 0.87
C LYS B 89 -0.78 0.19 1.77
N ARG B 90 -1.46 -0.88 1.40
CA ARG B 90 -1.42 -2.10 2.20
C ARG B 90 -0.02 -2.68 2.24
N ALA B 91 0.69 -2.68 1.12
CA ALA B 91 2.07 -3.17 1.10
C ALA B 91 2.97 -2.31 1.96
N VAL B 92 2.80 -0.99 1.89
CA VAL B 92 3.61 -0.09 2.72
C VAL B 92 3.34 -0.35 4.20
N GLN B 93 2.08 -0.56 4.57
CA GLN B 93 1.75 -0.90 5.95
C GLN B 93 2.38 -2.23 6.35
N ARG B 94 2.33 -3.22 5.47
CA ARG B 94 2.95 -4.51 5.74
C ARG B 94 4.46 -4.39 5.90
N GLY B 95 5.08 -3.39 5.29
CA GLY B 95 6.48 -3.13 5.52
C GLY B 95 7.31 -2.99 4.26
N ALA B 96 6.65 -2.88 3.12
CA ALA B 96 7.38 -2.73 1.86
C ALA B 96 8.06 -1.36 1.79
N THR B 97 9.31 -1.36 1.35
CA THR B 97 10.04 -0.12 1.12
C THR B 97 9.88 0.39 -0.30
N ALA B 98 9.25 -0.38 -1.19
CA ALA B 98 8.99 0.00 -2.57
C ALA B 98 8.07 -1.04 -3.18
N VAL B 99 7.22 -0.60 -4.10
CA VAL B 99 6.28 -1.48 -4.78
C VAL B 99 6.46 -1.32 -6.28
N ILE B 100 6.57 -2.44 -6.98
CA ILE B 100 6.74 -2.46 -8.43
C ILE B 100 5.56 -3.19 -9.02
N PHE B 101 4.74 -2.48 -9.79
CA PHE B 101 3.56 -3.05 -10.43
C PHE B 101 3.90 -3.39 -11.88
N ASP B 102 3.74 -4.66 -12.23
CA ASP B 102 3.90 -5.09 -13.62
C ASP B 102 2.60 -4.78 -14.34
N VAL B 103 2.49 -3.54 -14.84
CA VAL B 103 1.30 -3.10 -15.57
C VAL B 103 1.49 -3.54 -17.02
N SER B 104 1.03 -4.75 -17.32
CA SER B 104 1.03 -5.26 -18.67
C SER B 104 -0.36 -5.54 -19.22
N GLU B 105 -1.39 -5.47 -18.38
CA GLU B 105 -2.75 -5.74 -18.81
C GLU B 105 -3.75 -4.69 -18.34
N ASN B 106 -3.33 -3.72 -17.53
CA ASN B 106 -4.24 -2.75 -16.91
C ASN B 106 -3.71 -1.34 -17.09
N PRO B 107 -3.78 -0.78 -18.29
CA PRO B 107 -3.40 0.64 -18.46
C PRO B 107 -4.25 1.59 -17.62
N GLU B 108 -5.47 1.18 -17.29
CA GLU B 108 -6.28 1.97 -16.36
C GLU B 108 -5.58 2.10 -15.01
N ALA B 109 -4.83 1.07 -14.60
CA ALA B 109 -4.05 1.16 -13.37
C ALA B 109 -2.99 2.25 -13.47
N ILE B 110 -2.31 2.34 -14.61
CA ILE B 110 -1.35 3.42 -14.83
C ILE B 110 -2.05 4.77 -14.74
N ASP B 111 -3.22 4.88 -15.39
CA ASP B 111 -3.94 6.16 -15.41
C ASP B 111 -4.33 6.58 -13.99
N GLN B 112 -4.88 5.63 -13.21
CA GLN B 112 -5.33 5.98 -11.86
C GLN B 112 -4.16 6.23 -10.92
N LEU B 113 -3.04 5.51 -11.10
CA LEU B 113 -1.85 5.81 -10.32
C LEU B 113 -1.33 7.21 -10.60
N ASN B 114 -1.31 7.61 -11.88
CA ASN B 114 -0.83 8.94 -12.24
C ASN B 114 -1.76 10.02 -11.70
N GLN B 115 -3.08 9.80 -11.80
CA GLN B 115 -4.01 10.82 -11.33
C GLN B 115 -4.17 10.84 -9.82
N GLY B 116 -3.79 9.77 -9.13
CA GLY B 116 -3.99 9.69 -7.70
C GLY B 116 -2.90 10.33 -6.87
N SER B 117 -2.89 11.66 -6.80
CA SER B 117 -1.92 12.39 -5.99
C SER B 117 -2.59 13.13 -4.84
N GLU B 118 -3.85 12.80 -4.51
CA GLU B 118 -4.52 13.46 -3.40
C GLU B 118 -3.85 13.12 -2.07
N ASP B 119 -3.45 11.86 -1.89
CA ASP B 119 -2.76 11.40 -0.68
C ASP B 119 -1.50 10.65 -1.11
N PRO B 120 -0.44 11.37 -1.44
CA PRO B 120 0.78 10.69 -1.92
C PRO B 120 1.41 9.83 -0.84
N LEU B 121 2.07 8.77 -1.28
CA LEU B 121 2.79 7.87 -0.38
C LEU B 121 4.26 8.28 -0.29
N LYS B 122 4.84 8.11 0.90
CA LYS B 122 6.23 8.45 1.09
C LYS B 122 7.16 7.57 0.26
N ARG B 123 6.88 6.27 0.21
CA ARG B 123 7.84 5.46 -0.52
C ARG B 123 7.50 5.42 -2.00
N PRO B 124 8.50 5.23 -2.86
CA PRO B 124 8.26 5.28 -4.31
C PRO B 124 7.37 4.14 -4.79
N VAL B 125 6.62 4.44 -5.84
CA VAL B 125 5.78 3.46 -6.53
C VAL B 125 6.21 3.48 -7.99
N VAL B 126 6.79 2.38 -8.47
CA VAL B 126 7.33 2.27 -9.82
C VAL B 126 6.49 1.27 -10.59
N TYR B 127 6.12 1.62 -11.82
CA TYR B 127 5.39 0.72 -12.69
C TYR B 127 6.17 0.49 -13.98
N VAL B 128 6.21 -0.77 -14.42
CA VAL B 128 6.96 -1.16 -15.61
C VAL B 128 6.01 -1.85 -16.59
N LYS B 129 6.53 -2.26 -17.73
CA LYS B 129 5.75 -2.95 -18.76
C LYS B 129 6.72 -3.57 -19.75
N GLY B 130 6.19 -4.10 -20.85
CA GLY B 130 6.95 -4.56 -22.00
C GLY B 130 7.96 -5.65 -21.68
N ALA B 131 9.06 -5.64 -22.46
CA ALA B 131 10.09 -6.65 -22.29
C ALA B 131 10.82 -6.51 -20.97
N ASP B 132 10.92 -5.30 -20.44
CA ASP B 132 11.52 -5.12 -19.11
C ASP B 132 10.71 -5.85 -18.05
N ALA B 133 9.39 -5.69 -18.08
CA ALA B 133 8.54 -6.43 -17.15
C ALA B 133 8.62 -7.93 -17.40
N ILE B 134 8.71 -8.32 -18.68
CA ILE B 134 8.81 -9.75 -19.01
C ILE B 134 10.06 -10.35 -18.38
N LYS B 135 11.20 -9.68 -18.52
CA LYS B 135 12.44 -10.20 -17.95
C LYS B 135 12.42 -10.12 -16.43
N LEU B 136 11.77 -9.10 -15.86
CA LEU B 136 11.65 -9.05 -14.40
C LEU B 136 10.87 -10.25 -13.88
N MET B 137 9.75 -10.57 -14.53
CA MET B 137 8.96 -11.73 -14.11
C MET B 137 9.71 -13.03 -14.36
N ASN B 138 10.49 -13.10 -15.43
CA ASN B 138 11.31 -14.28 -15.69
C ASN B 138 12.33 -14.48 -14.57
N ILE B 139 12.98 -13.40 -14.15
CA ILE B 139 13.94 -13.49 -13.05
C ILE B 139 13.25 -13.91 -11.77
N VAL B 140 12.09 -13.35 -11.49
CA VAL B 140 11.34 -13.71 -10.28
C VAL B 140 10.99 -15.20 -10.29
N ASN B 141 10.52 -15.70 -11.43
CA ASN B 141 10.12 -17.10 -11.52
C ASN B 141 11.32 -18.03 -11.42
N LYS B 142 12.44 -17.67 -12.06
CA LYS B 142 13.56 -18.60 -12.12
C LYS B 142 14.42 -18.54 -10.85
N GLN B 143 14.97 -17.38 -10.54
CA GLN B 143 15.91 -17.27 -9.44
C GLN B 143 15.21 -17.43 -8.09
N LYS B 144 16.01 -17.71 -7.07
CA LYS B 144 15.49 -17.93 -5.73
C LYS B 144 15.46 -16.65 -4.90
N VAL B 145 16.58 -15.93 -4.82
CA VAL B 145 16.67 -14.69 -4.06
C VAL B 145 17.37 -13.64 -4.93
N ALA B 146 16.81 -12.43 -4.96
CA ALA B 146 17.39 -11.33 -5.71
C ALA B 146 17.11 -10.04 -4.96
N ARG B 147 17.95 -9.03 -5.22
CA ARG B 147 17.85 -7.75 -4.55
C ARG B 147 17.47 -6.66 -5.54
N ALA B 148 16.49 -5.84 -5.17
CA ALA B 148 16.00 -4.76 -6.01
C ALA B 148 16.59 -3.44 -5.54
N ARG B 149 17.08 -2.64 -6.47
CA ARG B 149 17.56 -1.29 -6.21
C ARG B 149 16.87 -0.34 -7.18
N ILE B 150 16.01 0.52 -6.65
CA ILE B 150 15.32 1.54 -7.45
C ILE B 150 16.06 2.85 -7.25
N GLN B 151 16.79 3.27 -8.27
CA GLN B 151 17.59 4.49 -8.22
C GLN B 151 16.95 5.54 -9.12
N HIS B 152 16.81 6.76 -8.58
CA HIS B 152 16.34 7.88 -9.37
C HIS B 152 17.40 8.29 -10.39
N ARG B 153 16.95 8.84 -11.50
CA ARG B 153 17.86 9.27 -12.55
C ARG B 153 18.76 10.39 -12.03
N PRO B 154 20.08 10.24 -12.10
CA PRO B 154 20.97 11.31 -11.64
C PRO B 154 20.94 12.49 -12.61
N PRO B 155 20.42 13.63 -12.17
CA PRO B 155 20.29 14.80 -13.05
C PRO B 155 21.52 15.71 -13.01
N ARG B 156 22.61 15.24 -13.64
CA ARG B 156 23.82 16.06 -13.73
C ARG B 156 23.54 17.34 -14.50
N GLN B 157 22.98 17.19 -15.73
CA GLN B 157 22.44 18.17 -16.67
C GLN B 157 23.43 18.49 -17.80
N PRO B 158 24.46 19.34 -17.60
CA PRO B 158 25.15 19.92 -18.76
C PRO B 158 26.16 18.96 -19.37
N THR B 159 25.86 18.46 -20.57
CA THR B 159 26.81 17.70 -21.35
C THR B 159 27.69 18.71 -22.08
N GLU B 160 28.93 18.87 -21.60
CA GLU B 160 29.82 19.95 -22.03
C GLU B 160 29.10 21.27 -21.74
N TYR B 161 28.90 22.14 -22.73
CA TYR B 161 28.16 23.41 -22.56
C TYR B 161 28.86 24.20 -21.45
N PHE B 162 28.11 24.94 -20.63
CA PHE B 162 28.64 25.67 -19.49
C PHE B 162 29.77 26.61 -19.91
N ASP B 163 31.02 26.16 -19.76
CA ASP B 163 32.16 27.00 -20.12
C ASP B 163 32.16 27.33 -21.60
N MET B 164 32.01 26.32 -22.46
CA MET B 164 31.96 26.59 -23.89
C MET B 164 30.70 27.34 -24.27
N GLY B 165 29.62 27.16 -23.51
CA GLY B 165 28.42 27.95 -23.76
C GLY B 165 28.62 29.43 -23.53
N ILE B 166 29.26 29.77 -22.40
CA ILE B 166 29.54 31.19 -22.14
C ILE B 166 30.61 31.70 -23.10
N PHE B 167 31.51 30.84 -23.56
CA PHE B 167 32.46 31.25 -24.59
C PHE B 167 31.74 31.60 -25.89
N LEU B 168 30.76 30.78 -26.28
CA LEU B 168 29.96 31.08 -27.46
C LEU B 168 29.19 32.37 -27.29
N ALA B 169 28.63 32.58 -26.09
CA ALA B 169 27.91 33.83 -25.82
C ALA B 169 28.83 35.03 -25.96
N PHE B 170 30.05 34.93 -25.43
CA PHE B 170 31.02 36.02 -25.57
C PHE B 170 31.38 36.26 -27.02
N PHE B 171 31.58 35.19 -27.78
CA PHE B 171 31.91 35.33 -29.20
C PHE B 171 30.79 36.03 -29.96
N VAL B 172 29.54 35.63 -29.70
CA VAL B 172 28.42 36.24 -30.40
C VAL B 172 28.24 37.69 -29.99
N VAL B 173 28.43 38.01 -28.70
CA VAL B 173 28.23 39.38 -28.27
C VAL B 173 29.34 40.29 -28.81
N VAL B 174 30.57 39.79 -28.88
CA VAL B 174 31.63 40.63 -29.47
C VAL B 174 31.44 40.75 -30.97
N SER B 175 30.89 39.72 -31.63
CA SER B 175 30.55 39.87 -33.04
C SER B 175 29.48 40.93 -33.24
N LEU B 176 28.48 40.97 -32.36
CA LEU B 176 27.45 42.00 -32.44
C LEU B 176 28.04 43.39 -32.19
N VAL B 177 28.97 43.50 -31.24
CA VAL B 177 29.63 44.78 -30.98
C VAL B 177 30.41 45.22 -32.21
N CYS B 178 31.11 44.29 -32.86
CA CYS B 178 31.84 44.62 -34.08
C CYS B 178 30.87 45.05 -35.18
N LEU B 179 29.71 44.39 -35.28
CA LEU B 179 28.69 44.80 -36.24
C LEU B 179 28.25 46.23 -35.99
N ILE B 180 27.97 46.57 -34.73
CA ILE B 180 27.52 47.92 -34.40
C ILE B 180 28.61 48.92 -34.73
N LEU B 181 29.87 48.60 -34.39
CA LEU B 181 30.97 49.51 -34.67
C LEU B 181 31.13 49.74 -36.17
N LEU B 182 31.02 48.68 -36.98
CA LEU B 182 31.24 48.83 -38.41
C LEU B 182 30.07 49.58 -39.07
N VAL B 183 28.84 49.33 -38.62
CA VAL B 183 27.72 50.06 -39.20
C VAL B 183 27.76 51.53 -38.80
N LYS B 184 28.21 51.83 -37.57
CA LYS B 184 28.38 53.22 -37.17
C LYS B 184 29.50 53.89 -37.96
N ILE B 185 30.58 53.18 -38.22
CA ILE B 185 31.70 53.72 -38.99
C ILE B 185 31.44 53.53 -40.49
N SER C 1 -46.60 -52.22 -20.15
CA SER C 1 -45.88 -52.87 -21.23
C SER C 1 -45.07 -54.05 -20.71
N LEU C 2 -44.53 -53.91 -19.51
CA LEU C 2 -43.77 -54.98 -18.87
C LEU C 2 -43.88 -54.82 -17.35
N ARG C 3 -43.28 -55.76 -16.64
CA ARG C 3 -43.39 -55.80 -15.18
C ARG C 3 -42.09 -56.31 -14.57
N LEU C 4 -41.62 -55.62 -13.54
CA LEU C 4 -40.45 -56.02 -12.78
C LEU C 4 -40.90 -56.54 -11.42
N SER C 5 -40.48 -57.76 -11.09
CA SER C 5 -40.88 -58.42 -9.84
C SER C 5 -39.66 -58.54 -8.93
N CYS C 6 -39.81 -58.06 -7.69
CA CYS C 6 -38.75 -58.09 -6.70
C CYS C 6 -39.17 -59.01 -5.56
N ALA C 7 -38.30 -59.95 -5.21
CA ALA C 7 -38.56 -60.92 -4.15
C ALA C 7 -37.57 -60.70 -3.02
N ALA C 8 -38.07 -60.66 -1.79
CA ALA C 8 -37.26 -60.43 -0.61
C ALA C 8 -37.04 -61.75 0.13
N SER C 9 -35.77 -62.08 0.38
CA SER C 9 -35.46 -63.32 1.08
C SER C 9 -35.69 -63.18 2.58
N GLY C 10 -34.98 -62.25 3.22
CA GLY C 10 -35.18 -61.98 4.63
C GLY C 10 -36.59 -61.55 4.94
N TYR C 11 -37.19 -62.14 5.98
CA TYR C 11 -38.58 -61.84 6.33
C TYR C 11 -38.74 -62.01 7.84
N THR C 12 -39.02 -60.89 8.52
CA THR C 12 -39.36 -60.90 9.93
C THR C 12 -40.79 -60.46 10.17
N TYR C 13 -41.18 -59.30 9.64
CA TYR C 13 -42.56 -58.84 9.66
C TYR C 13 -42.78 -58.03 8.39
N SER C 14 -43.91 -57.33 8.33
CA SER C 14 -44.25 -56.52 7.17
C SER C 14 -43.15 -55.47 6.94
N PRO C 15 -42.41 -55.55 5.85
CA PRO C 15 -41.32 -54.59 5.64
C PRO C 15 -41.84 -53.18 5.47
N TYR C 16 -41.02 -52.22 5.89
CA TYR C 16 -41.41 -50.82 5.99
C TYR C 16 -40.82 -50.05 4.82
N CYS C 17 -41.69 -49.34 4.08
CA CYS C 17 -41.27 -48.35 3.09
C CYS C 17 -40.40 -48.99 2.00
N MET C 18 -41.04 -49.88 1.23
CA MET C 18 -40.40 -50.43 0.04
C MET C 18 -40.29 -49.36 -1.03
N GLY C 19 -39.49 -49.64 -2.05
CA GLY C 19 -39.37 -48.67 -3.13
C GLY C 19 -38.57 -49.20 -4.31
N TRP C 20 -38.68 -48.47 -5.41
CA TRP C 20 -37.95 -48.77 -6.63
C TRP C 20 -37.12 -47.56 -7.04
N PHE C 21 -35.89 -47.83 -7.47
CA PHE C 21 -34.97 -46.77 -7.84
C PHE C 21 -34.43 -47.04 -9.24
N ARG C 22 -34.12 -45.95 -9.93
CA ARG C 22 -33.62 -45.97 -11.29
C ARG C 22 -32.31 -45.19 -11.34
N GLN C 23 -31.34 -45.73 -12.08
CA GLN C 23 -30.01 -45.13 -12.18
C GLN C 23 -29.57 -45.14 -13.64
N ALA C 24 -29.33 -43.97 -14.18
CA ALA C 24 -28.61 -43.86 -15.43
C ALA C 24 -27.11 -44.03 -15.17
N PRO C 25 -26.35 -44.50 -16.15
CA PRO C 25 -24.92 -44.75 -15.90
C PRO C 25 -24.20 -43.48 -15.47
N GLY C 26 -23.33 -43.63 -14.48
CA GLY C 26 -22.51 -42.54 -13.99
C GLY C 26 -23.25 -41.39 -13.34
N LYS C 27 -24.24 -41.68 -12.49
CA LYS C 27 -24.93 -40.64 -11.73
C LYS C 27 -25.65 -41.29 -10.56
N ALA C 28 -26.48 -40.51 -9.88
CA ALA C 28 -27.15 -40.94 -8.66
C ALA C 28 -28.32 -41.87 -8.99
N ARG C 29 -28.84 -42.51 -7.95
CA ARG C 29 -29.99 -43.40 -8.05
C ARG C 29 -31.23 -42.63 -7.59
N GLU C 30 -32.02 -42.15 -8.54
CA GLU C 30 -33.27 -41.50 -8.20
C GLU C 30 -34.33 -42.54 -7.88
N GLY C 31 -35.40 -42.10 -7.22
CA GLY C 31 -36.52 -42.97 -6.88
C GLY C 31 -37.67 -42.74 -7.84
N VAL C 32 -38.36 -43.83 -8.19
CA VAL C 32 -39.45 -43.77 -9.17
C VAL C 32 -40.80 -44.02 -8.51
N ALA C 33 -40.89 -44.99 -7.61
CA ALA C 33 -42.15 -45.32 -6.96
C ALA C 33 -41.87 -46.01 -5.64
N THR C 34 -42.56 -45.59 -4.59
CA THR C 34 -42.35 -46.14 -3.26
C THR C 34 -43.69 -46.31 -2.56
N VAL C 35 -43.71 -47.23 -1.59
CA VAL C 35 -44.89 -47.47 -0.76
C VAL C 35 -44.45 -47.40 0.70
N ASP C 36 -45.36 -47.71 1.62
CA ASP C 36 -45.02 -47.70 3.04
C ASP C 36 -45.83 -48.79 3.74
N LEU C 37 -45.90 -48.72 5.06
CA LEU C 37 -46.51 -49.78 5.85
C LEU C 37 -47.99 -49.91 5.57
N ASP C 38 -48.71 -48.79 5.54
CA ASP C 38 -50.16 -48.81 5.42
C ASP C 38 -50.66 -48.80 3.98
N GLY C 39 -49.75 -48.77 3.01
CA GLY C 39 -50.13 -48.86 1.61
C GLY C 39 -50.15 -47.54 0.86
N SER C 40 -49.83 -46.43 1.51
CA SER C 40 -49.73 -45.16 0.80
C SER C 40 -48.59 -45.22 -0.20
N THR C 41 -48.80 -44.57 -1.36
CA THR C 41 -47.87 -44.68 -2.47
C THR C 41 -47.43 -43.30 -2.92
N ILE C 42 -46.14 -43.14 -3.17
CA ILE C 42 -45.56 -41.90 -3.66
C ILE C 42 -44.83 -42.19 -4.97
N TYR C 43 -45.19 -41.49 -6.02
CA TYR C 43 -44.57 -41.66 -7.33
C TYR C 43 -43.71 -40.45 -7.67
N ALA C 44 -42.65 -40.70 -8.43
CA ALA C 44 -41.87 -39.61 -8.99
C ALA C 44 -42.69 -38.84 -10.00
N ASP C 45 -42.58 -37.51 -9.98
CA ASP C 45 -43.41 -36.68 -10.84
C ASP C 45 -43.16 -36.97 -12.31
N SER C 46 -41.88 -37.09 -12.70
CA SER C 46 -41.55 -37.36 -14.08
C SER C 46 -42.09 -38.70 -14.56
N VAL C 47 -42.34 -39.64 -13.64
CA VAL C 47 -42.94 -40.92 -13.97
C VAL C 47 -44.34 -41.04 -13.39
N LYS C 48 -44.93 -39.93 -12.95
CA LYS C 48 -46.26 -39.97 -12.35
C LYS C 48 -47.29 -40.42 -13.38
N GLY C 49 -48.15 -41.34 -12.98
CA GLY C 49 -49.23 -41.84 -13.82
C GLY C 49 -48.93 -43.09 -14.61
N ARG C 50 -47.74 -43.21 -15.19
CA ARG C 50 -47.42 -44.36 -16.03
C ARG C 50 -47.13 -45.60 -15.21
N PHE C 51 -46.07 -45.55 -14.39
CA PHE C 51 -45.69 -46.70 -13.59
C PHE C 51 -46.68 -46.92 -12.46
N THR C 52 -46.86 -48.18 -12.08
CA THR C 52 -47.63 -48.49 -10.88
C THR C 52 -46.89 -49.55 -10.07
N ILE C 53 -47.02 -49.46 -8.76
CA ILE C 53 -46.29 -50.33 -7.84
C ILE C 53 -47.28 -51.00 -6.90
N SER C 54 -47.19 -52.32 -6.77
CA SER C 54 -48.06 -53.08 -5.88
C SER C 54 -47.23 -54.09 -5.10
N GLN C 55 -47.47 -54.18 -3.80
CA GLN C 55 -46.79 -55.13 -2.94
C GLN C 55 -47.74 -56.25 -2.56
N ASP C 56 -47.21 -57.47 -2.50
CA ASP C 56 -47.96 -58.65 -2.07
C ASP C 56 -47.33 -59.14 -0.77
N ASN C 57 -48.00 -58.85 0.35
CA ASN C 57 -47.48 -59.24 1.65
C ASN C 57 -47.60 -60.73 1.91
N ALA C 58 -48.48 -61.43 1.20
CA ALA C 58 -48.55 -62.88 1.34
C ALA C 58 -47.24 -63.53 0.92
N LYS C 59 -46.65 -63.06 -0.18
CA LYS C 59 -45.33 -63.48 -0.60
C LYS C 59 -44.30 -62.37 -0.47
N ASN C 60 -44.69 -61.24 0.13
CA ASN C 60 -43.83 -60.07 0.36
C ASN C 60 -42.95 -59.77 -0.86
N THR C 61 -43.60 -59.53 -1.99
CA THR C 61 -42.92 -59.24 -3.24
C THR C 61 -43.44 -57.94 -3.83
N LEU C 62 -42.53 -57.15 -4.38
CA LEU C 62 -42.88 -55.91 -5.07
C LEU C 62 -43.09 -56.17 -6.55
N TYR C 63 -43.97 -55.38 -7.15
CA TYR C 63 -44.22 -55.47 -8.59
C TYR C 63 -44.37 -54.06 -9.14
N LEU C 64 -43.54 -53.74 -10.14
CA LEU C 64 -43.59 -52.45 -10.82
C LEU C 64 -44.03 -52.70 -12.25
N GLN C 65 -45.23 -52.26 -12.59
CA GLN C 65 -45.76 -52.37 -13.95
C GLN C 65 -45.50 -51.07 -14.67
N MET C 66 -44.91 -51.17 -15.87
CA MET C 66 -44.49 -50.03 -16.66
C MET C 66 -45.11 -50.11 -18.04
N ASN C 67 -45.70 -49.00 -18.49
CA ASN C 67 -46.35 -48.94 -19.79
C ASN C 67 -45.98 -47.65 -20.49
N SER C 68 -46.10 -47.65 -21.81
CA SER C 68 -45.78 -46.49 -22.65
C SER C 68 -44.37 -46.01 -22.38
N LEU C 69 -43.41 -46.93 -22.47
CA LEU C 69 -42.02 -46.61 -22.21
C LEU C 69 -41.46 -45.66 -23.26
N LYS C 70 -40.47 -44.86 -22.85
CA LYS C 70 -39.82 -43.89 -23.69
C LYS C 70 -38.30 -44.08 -23.63
N PRO C 71 -37.58 -43.77 -24.71
CA PRO C 71 -36.15 -44.15 -24.78
C PRO C 71 -35.29 -43.53 -23.69
N GLU C 72 -35.71 -42.42 -23.08
CA GLU C 72 -34.89 -41.82 -22.04
C GLU C 72 -35.01 -42.52 -20.70
N ASP C 73 -35.95 -43.47 -20.55
CA ASP C 73 -36.08 -44.19 -19.30
C ASP C 73 -35.14 -45.39 -19.22
N THR C 74 -34.38 -45.66 -20.27
CA THR C 74 -33.41 -46.75 -20.25
C THR C 74 -32.39 -46.53 -19.15
N ALA C 75 -32.30 -47.49 -18.23
CA ALA C 75 -31.45 -47.34 -17.05
C ALA C 75 -31.44 -48.67 -16.29
N MET C 76 -30.71 -48.71 -15.19
CA MET C 76 -30.69 -49.86 -14.31
C MET C 76 -31.64 -49.63 -13.15
N TYR C 77 -32.49 -50.61 -12.88
CA TYR C 77 -33.50 -50.52 -11.85
C TYR C 77 -33.13 -51.40 -10.66
N TYR C 78 -33.31 -50.86 -9.46
CA TYR C 78 -33.02 -51.54 -8.21
C TYR C 78 -34.25 -51.51 -7.32
N CYS C 79 -34.34 -52.52 -6.45
CA CYS C 79 -35.46 -52.68 -5.54
C CYS C 79 -34.93 -52.53 -4.11
N ALA C 80 -35.39 -51.51 -3.39
CA ALA C 80 -34.83 -51.17 -2.10
C ALA C 80 -35.91 -51.26 -1.03
N SER C 81 -35.46 -51.48 0.22
CA SER C 81 -36.38 -51.65 1.33
C SER C 81 -35.68 -51.27 2.63
N ARG C 82 -36.49 -50.98 3.65
CA ARG C 82 -36.01 -50.79 5.00
C ARG C 82 -36.99 -51.46 5.96
N THR C 83 -36.74 -51.32 7.26
CA THR C 83 -37.52 -52.08 8.23
C THR C 83 -38.09 -51.23 9.36
N ARG C 84 -37.39 -50.16 9.76
CA ARG C 84 -37.69 -49.51 11.02
C ARG C 84 -37.84 -47.99 10.87
N ALA C 85 -38.88 -47.46 11.51
CA ALA C 85 -39.01 -46.05 11.88
C ALA C 85 -38.58 -45.10 10.76
N GLY C 86 -39.29 -45.16 9.65
CA GLY C 86 -39.03 -44.25 8.55
C GLY C 86 -40.22 -43.34 8.26
N VAL C 87 -40.08 -42.06 8.52
CA VAL C 87 -41.16 -41.10 8.35
C VAL C 87 -41.09 -40.41 7.00
N THR C 88 -39.89 -40.14 6.51
CA THR C 88 -39.73 -39.50 5.21
C THR C 88 -40.21 -40.42 4.10
N CYS C 89 -40.66 -39.81 3.00
CA CYS C 89 -41.09 -40.57 1.84
C CYS C 89 -39.93 -41.38 1.27
N GLY C 90 -40.27 -42.32 0.40
CA GLY C 90 -39.28 -43.24 -0.12
C GLY C 90 -38.44 -42.73 -1.26
N LEU C 91 -38.64 -41.49 -1.71
CA LEU C 91 -37.87 -40.98 -2.84
C LEU C 91 -36.41 -40.74 -2.50
N ASN C 92 -36.04 -40.82 -1.22
CA ASN C 92 -34.66 -40.59 -0.79
C ASN C 92 -33.97 -41.94 -0.63
N TRP C 93 -32.83 -42.11 -1.30
CA TRP C 93 -32.13 -43.39 -1.29
C TRP C 93 -31.40 -43.67 0.02
N ALA C 94 -31.19 -42.67 0.86
CA ALA C 94 -30.38 -42.88 2.06
C ALA C 94 -31.11 -43.68 3.11
N ILE C 95 -32.43 -43.55 3.21
CA ILE C 95 -33.18 -44.18 4.29
C ILE C 95 -33.31 -45.68 4.13
N PHE C 96 -33.01 -46.22 2.97
CA PHE C 96 -33.18 -47.65 2.72
C PHE C 96 -31.98 -48.44 3.21
N SER C 97 -32.23 -49.67 3.64
CA SER C 97 -31.22 -50.55 4.20
C SER C 97 -30.80 -51.67 3.28
N TYR C 98 -31.74 -52.28 2.56
CA TYR C 98 -31.47 -53.41 1.69
C TYR C 98 -31.69 -53.01 0.24
N TRP C 99 -30.72 -53.31 -0.62
CA TRP C 99 -30.79 -53.01 -2.04
C TRP C 99 -30.69 -54.29 -2.84
N GLY C 100 -31.52 -54.40 -3.87
CA GLY C 100 -31.49 -55.56 -4.73
C GLY C 100 -30.35 -55.52 -5.74
N GLN C 101 -30.22 -56.61 -6.48
CA GLN C 101 -29.17 -56.70 -7.50
C GLN C 101 -29.39 -55.69 -8.61
N GLY C 102 -30.63 -55.50 -9.04
CA GLY C 102 -30.93 -54.53 -10.08
C GLY C 102 -30.72 -55.06 -11.48
N THR C 103 -31.69 -54.82 -12.35
CA THR C 103 -31.63 -55.26 -13.74
C THR C 103 -31.44 -54.05 -14.65
N GLN C 104 -31.34 -54.32 -15.95
CA GLN C 104 -31.16 -53.29 -16.96
C GLN C 104 -32.38 -53.26 -17.87
N VAL C 105 -32.93 -52.08 -18.09
CA VAL C 105 -34.12 -51.91 -18.92
C VAL C 105 -33.82 -50.89 -20.01
N THR C 106 -34.06 -51.29 -21.26
CA THR C 106 -33.84 -50.43 -22.41
C THR C 106 -35.09 -50.36 -23.29
N LYS D 1 -5.66 -27.42 -13.63
CA LYS D 1 -5.19 -27.36 -12.25
C LYS D 1 -6.33 -27.06 -11.29
N GLY D 2 -7.55 -27.40 -11.71
CA GLY D 2 -8.74 -27.11 -10.92
C GLY D 2 -8.97 -25.62 -10.76
N CYS D 3 -8.87 -24.88 -11.86
CA CYS D 3 -8.96 -23.43 -11.81
C CYS D 3 -9.57 -22.90 -13.09
N LEU D 4 -10.05 -21.66 -13.04
CA LEU D 4 -10.69 -21.02 -14.18
C LEU D 4 -9.75 -20.12 -14.97
N SER D 5 -8.90 -19.35 -14.28
CA SER D 5 -8.01 -18.41 -14.96
C SER D 5 -6.66 -19.04 -15.26
N CYS D 6 -5.94 -19.47 -14.21
CA CYS D 6 -4.65 -20.13 -14.34
C CYS D 6 -3.64 -19.24 -15.07
N SER D 7 -3.34 -18.10 -14.46
CA SER D 7 -2.32 -17.21 -15.00
C SER D 7 -0.95 -17.85 -14.89
N LYS D 8 -0.07 -17.51 -15.83
CA LYS D 8 1.26 -18.11 -15.85
C LYS D 8 2.12 -17.60 -14.70
N ASP D 9 1.98 -16.34 -14.33
CA ASP D 9 2.81 -15.74 -13.29
C ASP D 9 2.22 -15.96 -11.89
N ASN D 10 0.97 -15.53 -11.70
CA ASN D 10 0.32 -15.60 -10.39
C ASN D 10 -0.33 -16.94 -10.10
N GLY D 11 -0.29 -17.88 -11.05
CA GLY D 11 -0.98 -19.13 -10.82
C GLY D 11 -2.49 -18.96 -10.95
N CYS D 12 -3.22 -19.78 -10.20
CA CYS D 12 -4.67 -19.72 -10.22
C CYS D 12 -5.15 -18.40 -9.62
N SER D 13 -6.23 -17.86 -10.19
CA SER D 13 -6.84 -16.63 -9.71
C SER D 13 -8.27 -16.85 -9.22
N ARG D 14 -9.11 -17.47 -10.03
CA ARG D 14 -10.48 -17.81 -9.64
C ARG D 14 -10.72 -19.28 -9.96
N CYS D 15 -11.51 -19.93 -9.11
CA CYS D 15 -11.73 -21.37 -9.25
C CYS D 15 -13.21 -21.72 -9.17
N GLN D 16 -13.49 -23.02 -9.09
CA GLN D 16 -14.87 -23.48 -9.03
C GLN D 16 -15.55 -23.00 -7.74
N GLN D 17 -16.86 -23.17 -7.68
CA GLN D 17 -17.63 -22.65 -6.56
C GLN D 17 -17.32 -23.38 -5.26
N LYS D 18 -16.85 -24.62 -5.34
CA LYS D 18 -16.68 -25.46 -4.17
C LYS D 18 -15.21 -25.77 -3.88
N LEU D 19 -14.29 -24.93 -4.33
CA LEU D 19 -12.87 -25.13 -4.14
C LEU D 19 -12.30 -24.01 -3.27
N PHE D 20 -11.23 -24.34 -2.53
CA PHE D 20 -10.59 -23.41 -1.62
C PHE D 20 -9.38 -22.78 -2.30
N PHE D 21 -9.31 -21.45 -2.25
CA PHE D 21 -8.20 -20.70 -2.81
C PHE D 21 -7.14 -20.48 -1.73
N PHE D 22 -5.89 -20.72 -2.08
CA PHE D 22 -4.79 -20.67 -1.13
C PHE D 22 -3.56 -20.08 -1.81
N LEU D 23 -2.81 -19.27 -1.08
CA LEU D 23 -1.65 -18.56 -1.61
C LEU D 23 -0.38 -19.23 -1.10
N ARG D 24 0.23 -20.05 -1.94
CA ARG D 24 1.46 -20.75 -1.59
C ARG D 24 2.66 -19.88 -1.93
N ARG D 25 3.53 -19.67 -0.95
CA ARG D 25 4.72 -18.85 -1.10
C ARG D 25 5.97 -19.71 -0.99
N GLU D 26 6.85 -19.60 -1.98
CA GLU D 26 8.14 -20.28 -1.95
C GLU D 26 9.18 -19.35 -2.57
N GLY D 27 10.29 -19.17 -1.87
CA GLY D 27 11.28 -18.21 -2.33
C GLY D 27 10.66 -16.83 -2.45
N MET D 28 10.91 -16.18 -3.59
CA MET D 28 10.25 -14.92 -3.88
C MET D 28 8.83 -15.12 -4.42
N ARG D 29 8.55 -16.28 -5.00
CA ARG D 29 7.27 -16.52 -5.65
C ARG D 29 6.14 -16.66 -4.64
N GLN D 30 4.98 -16.13 -5.00
CA GLN D 30 3.74 -16.35 -4.25
C GLN D 30 2.63 -16.54 -5.27
N TYR D 31 2.16 -17.78 -5.42
CA TYR D 31 1.18 -18.11 -6.44
C TYR D 31 -0.03 -18.77 -5.81
N GLY D 32 -1.18 -18.59 -6.46
CA GLY D 32 -2.43 -19.13 -5.96
C GLY D 32 -2.73 -20.51 -6.54
N GLU D 33 -3.17 -21.41 -5.67
CA GLU D 33 -3.60 -22.74 -6.06
C GLU D 33 -4.90 -23.06 -5.34
N CYS D 34 -5.68 -23.96 -5.92
CA CYS D 34 -6.99 -24.33 -5.40
C CYS D 34 -7.00 -25.78 -4.98
N LEU D 35 -7.48 -26.02 -3.76
CA LEU D 35 -7.51 -27.35 -3.17
C LEU D 35 -8.90 -27.63 -2.62
N HIS D 36 -9.26 -28.91 -2.61
CA HIS D 36 -10.55 -29.31 -2.05
C HIS D 36 -10.60 -29.07 -0.55
N SER D 37 -9.46 -29.10 0.11
CA SER D 37 -9.39 -28.88 1.55
C SER D 37 -8.12 -28.10 1.87
N CYS D 38 -8.15 -27.39 2.99
CA CYS D 38 -6.97 -26.67 3.44
C CYS D 38 -5.86 -27.65 3.82
N PRO D 39 -4.60 -27.26 3.65
CA PRO D 39 -3.50 -28.08 4.15
C PRO D 39 -3.42 -28.04 5.67
N SER D 40 -2.49 -28.79 6.25
CA SER D 40 -2.36 -28.83 7.70
C SER D 40 -1.99 -27.45 8.23
N GLY D 41 -2.54 -27.11 9.40
CA GLY D 41 -2.31 -25.80 9.99
C GLY D 41 -3.19 -24.69 9.46
N TYR D 42 -4.14 -25.00 8.59
CA TYR D 42 -5.02 -24.00 7.99
C TYR D 42 -6.46 -24.42 8.16
N TYR D 43 -7.36 -23.43 8.09
CA TYR D 43 -8.79 -23.67 8.13
C TYR D 43 -9.46 -22.93 6.97
N GLY D 44 -10.53 -23.52 6.46
CA GLY D 44 -11.21 -23.00 5.29
C GLY D 44 -12.46 -22.23 5.67
N HIS D 45 -12.55 -21.00 5.17
CA HIS D 45 -13.71 -20.15 5.35
C HIS D 45 -14.47 -20.06 4.03
N ARG D 46 -15.72 -20.51 4.04
CA ARG D 46 -16.52 -20.54 2.83
C ARG D 46 -17.35 -19.27 2.70
N ALA D 47 -17.23 -18.62 1.55
CA ALA D 47 -17.99 -17.43 1.22
C ALA D 47 -18.54 -17.55 -0.19
N PRO D 48 -19.68 -16.92 -0.47
CA PRO D 48 -20.25 -17.03 -1.83
C PRO D 48 -19.33 -16.49 -2.91
N ASP D 49 -18.57 -15.43 -2.63
CA ASP D 49 -17.71 -14.85 -3.65
C ASP D 49 -16.50 -15.75 -3.91
N MET D 50 -15.85 -16.23 -2.85
CA MET D 50 -14.66 -17.06 -3.01
C MET D 50 -14.41 -17.80 -1.70
N ASN D 51 -14.35 -19.12 -1.78
CA ASN D 51 -13.97 -19.93 -0.62
C ASN D 51 -12.47 -19.80 -0.38
N ARG D 52 -12.10 -19.26 0.77
CA ARG D 52 -10.71 -18.93 1.07
C ARG D 52 -10.13 -19.92 2.07
N CYS D 53 -8.81 -20.08 2.04
CA CYS D 53 -8.11 -20.85 3.05
C CYS D 53 -7.20 -19.91 3.84
N ALA D 54 -7.36 -19.89 5.16
CA ALA D 54 -6.61 -18.99 6.02
C ALA D 54 -5.86 -19.79 7.08
N ARG D 55 -4.98 -19.09 7.80
CA ARG D 55 -4.17 -19.70 8.86
C ARG D 55 -4.76 -19.35 10.21
N CYS D 56 -4.89 -20.35 11.07
CA CYS D 56 -5.40 -20.14 12.43
C CYS D 56 -4.26 -19.77 13.36
N ARG D 57 -4.47 -18.72 14.15
CA ARG D 57 -3.47 -18.22 15.07
C ARG D 57 -3.42 -18.99 16.39
N ILE D 58 -4.41 -19.83 16.66
CA ILE D 58 -4.46 -20.54 17.93
C ILE D 58 -3.22 -21.42 18.07
N GLU D 59 -2.47 -21.21 19.14
CA GLU D 59 -1.16 -21.83 19.29
C GLU D 59 -1.29 -23.27 19.80
N ASN D 60 -0.17 -23.98 19.73
CA ASN D 60 -0.03 -25.34 20.25
C ASN D 60 -0.94 -26.34 19.55
N CYS D 61 -1.43 -26.01 18.35
CA CYS D 61 -2.20 -26.96 17.57
C CYS D 61 -2.03 -26.66 16.09
N ASP D 62 -1.99 -27.72 15.28
CA ASP D 62 -1.68 -27.62 13.86
C ASP D 62 -2.82 -28.10 12.97
N SER D 63 -4.05 -28.09 13.47
CA SER D 63 -5.21 -28.47 12.67
C SER D 63 -6.44 -27.87 13.32
N CYS D 64 -7.11 -26.96 12.61
CA CYS D 64 -8.12 -26.10 13.21
C CYS D 64 -9.47 -26.28 12.54
N PHE D 65 -10.52 -26.37 13.36
CA PHE D 65 -11.88 -26.28 12.83
C PHE D 65 -12.22 -24.85 12.44
N SER D 66 -11.85 -23.88 13.29
CA SER D 66 -12.14 -22.48 13.05
C SER D 66 -10.95 -21.67 13.56
N LYS D 67 -11.15 -20.36 13.69
CA LYS D 67 -10.08 -19.47 14.12
C LYS D 67 -9.82 -19.53 15.61
N ASP D 68 -10.72 -20.12 16.40
CA ASP D 68 -10.54 -20.21 17.85
C ASP D 68 -10.90 -21.59 18.36
N PHE D 69 -10.68 -22.62 17.56
CA PHE D 69 -11.03 -24.00 17.93
C PHE D 69 -10.22 -24.92 17.05
N CYS D 70 -9.37 -25.75 17.65
CA CYS D 70 -8.56 -26.68 16.88
C CYS D 70 -8.76 -28.10 17.40
N THR D 71 -8.64 -29.06 16.48
CA THR D 71 -8.99 -30.45 16.75
C THR D 71 -7.80 -31.32 17.12
N LYS D 72 -6.57 -30.88 16.84
CA LYS D 72 -5.38 -31.68 17.13
C LYS D 72 -4.27 -30.77 17.61
N CYS D 73 -3.85 -30.96 18.85
CA CYS D 73 -2.81 -30.14 19.46
C CYS D 73 -1.43 -30.65 19.04
N LYS D 74 -0.38 -30.12 19.67
CA LYS D 74 0.98 -30.54 19.37
C LYS D 74 1.27 -31.88 20.04
N VAL D 75 2.54 -32.30 20.00
CA VAL D 75 2.91 -33.59 20.58
C VAL D 75 2.78 -33.56 22.10
N GLY D 76 3.10 -32.42 22.72
CA GLY D 76 3.13 -32.36 24.18
C GLY D 76 2.10 -31.43 24.78
N PHE D 77 0.88 -31.44 24.25
CA PHE D 77 -0.19 -30.62 24.79
C PHE D 77 -1.48 -31.41 24.78
N TYR D 78 -2.39 -31.04 25.69
CA TYR D 78 -3.66 -31.73 25.88
C TYR D 78 -4.79 -30.85 25.39
N LEU D 79 -5.71 -31.46 24.63
CA LEU D 79 -6.86 -30.76 24.07
C LEU D 79 -8.05 -30.92 25.01
N HIS D 80 -8.45 -29.82 25.67
CA HIS D 80 -9.56 -29.92 26.61
C HIS D 80 -10.91 -29.86 25.89
N ARG D 81 -11.26 -28.70 25.32
CA ARG D 81 -12.42 -28.60 24.44
C ARG D 81 -12.03 -28.13 23.05
N GLY D 82 -11.33 -27.02 22.94
CA GLY D 82 -10.82 -26.54 21.66
C GLY D 82 -9.48 -25.87 21.81
N ARG D 83 -8.98 -25.84 23.04
CA ARG D 83 -7.72 -25.19 23.36
C ARG D 83 -6.72 -26.25 23.82
N CYS D 84 -5.44 -25.90 23.76
CA CYS D 84 -4.36 -26.79 24.15
C CYS D 84 -3.70 -26.27 25.42
N PHE D 85 -3.58 -27.15 26.41
CA PHE D 85 -2.99 -26.79 27.69
C PHE D 85 -1.89 -27.78 28.05
N ASP D 86 -0.96 -27.32 28.89
CA ASP D 86 0.00 -28.25 29.48
C ASP D 86 -0.71 -29.27 30.36
N GLU D 87 -1.70 -28.81 31.12
CA GLU D 87 -2.58 -29.69 31.88
C GLU D 87 -3.89 -28.98 32.12
N CYS D 88 -5.00 -29.65 31.84
CA CYS D 88 -6.30 -29.04 31.99
C CYS D 88 -6.59 -28.77 33.48
N PRO D 89 -7.46 -27.79 33.77
CA PRO D 89 -7.70 -27.42 35.18
C PRO D 89 -8.29 -28.54 36.01
N ASP D 90 -8.45 -28.26 37.31
CA ASP D 90 -8.91 -29.28 38.24
C ASP D 90 -10.32 -29.74 37.90
N GLY D 91 -10.65 -30.96 38.31
CA GLY D 91 -11.93 -31.56 37.99
C GLY D 91 -11.99 -32.26 36.65
N PHE D 92 -10.86 -32.43 35.98
CA PHE D 92 -10.83 -33.03 34.66
C PHE D 92 -9.80 -34.15 34.62
N ALA D 93 -10.03 -35.10 33.72
CA ALA D 93 -9.19 -36.28 33.62
C ALA D 93 -7.82 -35.94 33.05
N PRO D 94 -6.82 -36.80 33.29
CA PRO D 94 -5.50 -36.58 32.67
C PRO D 94 -5.51 -36.92 31.18
N LEU D 95 -4.32 -36.91 30.56
CA LEU D 95 -4.24 -37.14 29.12
C LEU D 95 -4.77 -38.52 28.72
N ASP D 96 -4.77 -39.47 29.64
CA ASP D 96 -5.30 -40.82 29.40
C ASP D 96 -4.57 -41.51 28.25
N GLU D 97 -3.31 -41.14 28.02
CA GLU D 97 -2.46 -41.73 26.99
C GLU D 97 -3.00 -41.50 25.58
N THR D 98 -4.07 -40.73 25.46
CA THR D 98 -4.65 -40.38 24.17
C THR D 98 -4.42 -38.93 23.80
N MET D 99 -3.59 -38.21 24.56
CA MET D 99 -3.26 -36.81 24.30
C MET D 99 -4.51 -35.94 24.24
N GLU D 100 -5.44 -36.18 25.16
CA GLU D 100 -6.64 -35.37 25.25
C GLU D 100 -7.14 -35.39 26.68
N CYS D 101 -7.89 -34.36 27.05
CA CYS D 101 -8.42 -34.23 28.40
C CYS D 101 -9.95 -34.16 28.39
N LYS E 1 33.38 17.15 0.17
CA LYS E 1 32.57 16.55 -0.88
C LYS E 1 31.10 16.76 -0.61
N GLU E 2 30.25 16.26 -1.51
CA GLU E 2 28.81 16.44 -1.37
C GLU E 2 28.31 15.68 -0.13
N THR E 3 27.35 16.27 0.56
CA THR E 3 26.84 15.70 1.79
C THR E 3 25.99 14.46 1.49
N ALA E 4 25.88 13.60 2.51
CA ALA E 4 25.08 12.39 2.45
C ALA E 4 24.09 12.39 3.60
N PHE E 5 22.81 12.24 3.29
CA PHE E 5 21.75 12.20 4.28
C PHE E 5 21.47 10.75 4.63
N VAL E 6 21.58 10.42 5.91
CA VAL E 6 21.36 9.07 6.41
C VAL E 6 20.10 9.10 7.26
N GLU E 7 19.09 8.36 6.84
CA GLU E 7 17.84 8.24 7.59
C GLU E 7 17.84 6.88 8.28
N VAL E 8 17.88 6.89 9.59
CA VAL E 8 17.77 5.66 10.37
C VAL E 8 16.32 5.46 10.76
N VAL E 9 15.78 4.29 10.44
CA VAL E 9 14.36 4.00 10.62
C VAL E 9 14.22 2.95 11.70
N LEU E 10 13.55 3.33 12.79
CA LEU E 10 13.22 2.41 13.87
C LEU E 10 11.79 1.95 13.68
N PHE E 11 11.58 0.65 13.54
CA PHE E 11 10.27 0.10 13.23
C PHE E 11 9.82 -0.84 14.33
N GLU E 12 8.55 -0.71 14.71
CA GLU E 12 7.91 -1.59 15.67
C GLU E 12 6.83 -2.39 14.96
N SER E 13 6.70 -3.66 15.34
CA SER E 13 5.82 -4.60 14.66
C SER E 13 4.55 -4.81 15.48
N SER E 14 3.42 -4.34 14.95
CA SER E 14 2.13 -4.68 15.52
C SER E 14 1.86 -6.17 15.34
N PRO E 15 1.09 -6.78 16.25
CA PRO E 15 0.80 -8.22 16.11
C PRO E 15 0.11 -8.58 14.81
N SER E 16 -0.70 -7.70 14.25
CA SER E 16 -1.44 -8.01 13.01
C SER E 16 -0.67 -7.55 11.77
N GLY E 17 0.60 -7.94 11.70
CA GLY E 17 1.38 -7.74 10.48
C GLY E 17 1.49 -6.30 10.00
N ASP E 18 1.64 -5.36 10.92
CA ASP E 18 1.78 -3.95 10.58
C ASP E 18 3.08 -3.40 11.16
N TYR E 19 3.56 -2.32 10.56
CA TYR E 19 4.79 -1.68 11.01
C TYR E 19 4.57 -0.21 11.27
N THR E 20 5.13 0.28 12.36
CA THR E 20 5.14 1.70 12.70
C THR E 20 6.58 2.18 12.71
N THR E 21 6.87 3.23 11.94
CA THR E 21 8.23 3.66 11.70
C THR E 21 8.49 5.05 12.24
N TYR E 22 9.71 5.27 12.71
CA TYR E 22 10.20 6.58 13.14
C TYR E 22 11.54 6.82 12.48
N THR E 23 11.67 7.96 11.81
CA THR E 23 12.85 8.29 11.02
C THR E 23 13.65 9.38 11.71
N THR E 24 14.96 9.15 11.84
CA THR E 24 15.89 10.15 12.38
C THR E 24 16.95 10.45 11.35
N GLY E 25 17.29 11.73 11.22
CA GLY E 25 18.19 12.20 10.18
C GLY E 25 19.60 12.47 10.69
N LEU E 26 20.58 12.16 9.84
CA LEU E 26 21.98 12.42 10.10
C LEU E 26 22.64 12.92 8.82
N THR E 27 23.73 13.65 8.98
CA THR E 27 24.47 14.19 7.83
C THR E 27 25.93 13.76 7.91
N GLY E 28 26.40 13.10 6.87
CA GLY E 28 27.81 12.76 6.75
C GLY E 28 28.32 13.26 5.41
N ARG E 29 29.52 12.83 5.00
CA ARG E 29 30.09 13.26 3.75
C ARG E 29 30.51 12.06 2.93
N PHE E 30 30.17 12.07 1.64
CA PHE E 30 30.61 11.03 0.74
C PHE E 30 32.12 11.08 0.56
N SER E 31 32.71 9.92 0.27
CA SER E 31 34.14 9.80 0.06
C SER E 31 34.42 9.40 -1.38
N ARG E 32 35.48 9.97 -1.95
CA ARG E 32 35.85 9.64 -3.32
C ARG E 32 36.36 8.22 -3.47
N ALA E 33 36.67 7.53 -2.36
CA ALA E 33 37.06 6.14 -2.44
C ALA E 33 35.92 5.24 -2.89
N GLY E 34 34.68 5.72 -2.81
CA GLY E 34 33.54 4.97 -3.28
C GLY E 34 32.68 5.83 -4.18
N ALA E 35 31.76 5.16 -4.88
CA ALA E 35 30.86 5.87 -5.77
C ALA E 35 29.85 6.69 -4.98
N THR E 36 29.23 7.65 -5.67
CA THR E 36 28.21 8.51 -5.06
C THR E 36 26.85 7.99 -5.51
N LEU E 37 26.36 6.98 -4.79
CA LEU E 37 25.08 6.35 -5.07
C LEU E 37 24.31 6.14 -3.78
N SER E 38 22.99 6.14 -3.89
CA SER E 38 22.14 5.88 -2.74
C SER E 38 22.18 4.40 -2.37
N ALA E 39 21.97 4.13 -1.08
CA ALA E 39 22.01 2.76 -0.57
C ALA E 39 20.98 2.63 0.54
N GLU E 40 20.64 1.37 0.86
CA GLU E 40 19.67 1.10 1.90
C GLU E 40 19.90 -0.30 2.43
N GLY E 41 19.77 -0.46 3.75
CA GLY E 41 19.90 -1.78 4.35
C GLY E 41 19.92 -1.76 5.86
N GLU E 42 19.75 -2.92 6.48
CA GLU E 42 19.79 -3.00 7.93
C GLU E 42 21.18 -2.64 8.44
N ILE E 43 21.22 -1.94 9.58
CA ILE E 43 22.48 -1.47 10.13
C ILE E 43 23.20 -2.62 10.82
N VAL E 44 24.47 -2.81 10.48
CA VAL E 44 25.31 -3.82 11.12
C VAL E 44 26.64 -3.15 11.48
N GLN E 45 27.05 -3.27 12.73
CA GLN E 45 28.32 -2.72 13.18
C GLN E 45 29.42 -3.75 12.99
N MET E 46 30.55 -3.31 12.45
CA MET E 46 31.71 -4.16 12.23
C MET E 46 32.88 -3.58 12.99
N HIS E 47 33.46 -4.37 13.89
CA HIS E 47 34.61 -3.90 14.66
C HIS E 47 35.78 -3.65 13.71
N PRO E 48 36.51 -2.54 13.88
CA PRO E 48 37.61 -2.24 12.94
C PRO E 48 38.66 -3.33 12.87
N LEU E 49 38.97 -3.96 14.00
CA LEU E 49 39.92 -5.07 13.99
C LEU E 49 39.28 -6.39 13.63
N GLY E 50 37.96 -6.47 13.62
CA GLY E 50 37.23 -7.66 13.24
C GLY E 50 36.89 -7.77 11.78
N LEU E 51 37.41 -6.86 10.95
CA LEU E 51 37.13 -6.84 9.51
C LEU E 51 38.47 -6.80 8.80
N CYS E 52 39.03 -7.97 8.52
CA CYS E 52 40.32 -8.09 7.85
C CYS E 52 40.30 -9.30 6.92
N ASN E 53 41.24 -9.31 5.99
CA ASN E 53 41.34 -10.38 5.01
C ASN E 53 42.15 -11.57 5.50
N ASN E 54 42.90 -11.42 6.60
CA ASN E 54 43.70 -12.53 7.11
C ASN E 54 42.83 -13.63 7.69
N ASN E 55 41.74 -13.27 8.37
CA ASN E 55 40.90 -14.25 9.03
C ASN E 55 40.15 -15.10 8.01
N ASP E 56 39.85 -16.34 8.41
CA ASP E 56 39.13 -17.27 7.56
C ASP E 56 37.65 -16.89 7.51
N GLU E 57 36.90 -17.63 6.70
CA GLU E 57 35.46 -17.40 6.59
C GLU E 57 34.77 -17.63 7.93
N GLU E 58 33.92 -16.69 8.32
CA GLU E 58 33.15 -16.81 9.55
C GLU E 58 32.02 -15.79 9.53
N ASP E 59 30.90 -16.16 10.15
CA ASP E 59 29.74 -15.28 10.31
C ASP E 59 29.29 -14.71 8.96
N LEU E 60 28.84 -15.61 8.09
CA LEU E 60 28.34 -15.23 6.78
C LEU E 60 27.11 -14.35 6.89
N TYR E 61 27.25 -13.07 6.54
CA TYR E 61 26.13 -12.14 6.61
C TYR E 61 25.30 -12.21 5.33
N GLU E 62 24.00 -12.03 5.47
CA GLU E 62 23.13 -11.96 4.31
C GLU E 62 23.39 -10.68 3.54
N TYR E 63 23.29 -10.77 2.21
CA TYR E 63 23.62 -9.63 1.36
C TYR E 63 22.65 -8.47 1.60
N GLY E 64 23.19 -7.26 1.55
CA GLY E 64 22.38 -6.07 1.74
C GLY E 64 22.35 -5.54 3.15
N TRP E 65 23.52 -5.29 3.73
CA TRP E 65 23.63 -4.73 5.07
C TRP E 65 24.53 -3.50 5.03
N VAL E 66 24.09 -2.43 5.69
CA VAL E 66 24.86 -1.19 5.76
C VAL E 66 25.82 -1.29 6.94
N GLY E 67 27.12 -1.20 6.66
CA GLY E 67 28.12 -1.39 7.68
C GLY E 67 28.59 -0.12 8.34
N VAL E 68 28.46 -0.06 9.66
CA VAL E 68 28.93 1.05 10.47
C VAL E 68 30.21 0.63 11.16
N VAL E 69 31.30 1.33 10.88
CA VAL E 69 32.61 1.03 11.43
C VAL E 69 33.13 2.25 12.15
N LYS E 70 33.56 2.07 13.39
CA LYS E 70 34.16 3.14 14.18
C LYS E 70 35.67 2.95 14.22
N LEU E 71 36.39 4.06 14.15
CA LEU E 71 37.85 4.04 14.10
C LEU E 71 38.43 4.63 15.37
N GLU E 72 39.44 3.96 15.92
CA GLU E 72 40.10 4.40 17.13
C GLU E 72 41.40 5.14 16.77
N GLN E 73 42.19 5.46 17.78
CA GLN E 73 43.42 6.22 17.55
C GLN E 73 44.45 5.34 16.84
N PRO E 74 44.94 5.75 15.66
CA PRO E 74 45.97 4.94 14.98
C PRO E 74 47.21 4.73 15.81
N GLU E 75 47.65 5.76 16.55
CA GLU E 75 48.81 5.62 17.43
C GLU E 75 48.56 4.60 18.53
N LEU E 76 47.29 4.30 18.83
CA LEU E 76 46.99 3.23 19.77
C LEU E 76 47.47 1.88 19.25
N ASP E 77 47.42 1.67 17.94
CA ASP E 77 47.86 0.42 17.32
C ASP E 77 49.10 0.69 16.48
N PRO E 78 50.31 0.39 16.99
CA PRO E 78 51.53 0.69 16.21
C PRO E 78 51.58 0.01 14.86
N LYS E 79 51.01 -1.18 14.72
CA LYS E 79 51.05 -1.92 13.46
C LYS E 79 49.67 -1.95 12.84
N PRO E 80 49.41 -1.16 11.79
CA PRO E 80 48.10 -1.21 11.13
C PRO E 80 47.98 -2.45 10.24
N CYS E 81 47.02 -3.31 10.57
CA CYS E 81 46.82 -4.53 9.78
C CYS E 81 46.33 -4.21 8.38
N LEU E 82 45.43 -3.23 8.25
CA LEU E 82 44.82 -2.93 6.97
C LEU E 82 44.41 -1.46 6.93
N THR E 83 44.49 -0.86 5.75
CA THR E 83 44.12 0.53 5.57
C THR E 83 42.60 0.67 5.45
N VAL E 84 42.14 1.92 5.44
CA VAL E 84 40.70 2.18 5.37
C VAL E 84 40.15 1.76 4.01
N LEU E 85 40.91 1.97 2.94
CA LEU E 85 40.49 1.49 1.63
C LEU E 85 40.35 -0.02 1.63
N GLY E 86 41.31 -0.72 2.25
CA GLY E 86 41.22 -2.16 2.33
C GLY E 86 40.02 -2.61 3.14
N LYS E 87 39.73 -1.92 4.25
CA LYS E 87 38.56 -2.28 5.05
C LYS E 87 37.27 -2.07 4.27
N ALA E 88 37.16 -0.96 3.55
CA ALA E 88 35.96 -0.71 2.75
C ALA E 88 35.80 -1.77 1.67
N LYS E 89 36.90 -2.12 0.98
CA LYS E 89 36.84 -3.17 -0.04
C LYS E 89 36.43 -4.50 0.57
N ARG E 90 36.98 -4.85 1.72
CA ARG E 90 36.64 -6.10 2.37
C ARG E 90 35.18 -6.14 2.77
N ALA E 91 34.65 -5.04 3.30
CA ALA E 91 33.24 -5.00 3.66
C ALA E 91 32.35 -5.15 2.42
N VAL E 92 32.68 -4.44 1.35
CA VAL E 92 31.88 -4.55 0.12
C VAL E 92 31.92 -5.98 -0.41
N GLN E 93 33.10 -6.60 -0.39
CA GLN E 93 33.21 -7.98 -0.86
C GLN E 93 32.42 -8.94 0.01
N ARG E 94 32.44 -8.73 1.33
CA ARG E 94 31.65 -9.55 2.23
C ARG E 94 30.16 -9.27 2.12
N GLY E 95 29.77 -8.19 1.45
CA GLY E 95 28.37 -7.99 1.14
C GLY E 95 27.75 -6.76 1.74
N ALA E 96 28.54 -5.72 1.95
CA ALA E 96 28.05 -4.47 2.50
C ALA E 96 27.53 -3.59 1.36
N THR E 97 26.26 -3.18 1.47
CA THR E 97 25.70 -2.26 0.48
C THR E 97 26.40 -0.91 0.56
N ALA E 98 26.70 -0.44 1.77
CA ALA E 98 27.42 0.81 1.95
C ALA E 98 28.16 0.73 3.28
N VAL E 99 29.17 1.59 3.42
CA VAL E 99 30.01 1.61 4.61
C VAL E 99 29.96 3.02 5.21
N ILE E 100 29.68 3.08 6.50
CA ILE E 100 29.64 4.34 7.25
C ILE E 100 30.76 4.32 8.27
N PHE E 101 31.65 5.32 8.20
CA PHE E 101 32.80 5.39 9.08
C PHE E 101 32.61 6.47 10.12
N ASP E 102 32.97 6.14 11.37
CA ASP E 102 33.01 7.12 12.46
C ASP E 102 34.46 7.59 12.57
N VAL E 103 34.76 8.69 11.89
CA VAL E 103 36.12 9.19 11.78
C VAL E 103 36.39 10.32 12.76
N SER E 104 35.60 10.42 13.83
CA SER E 104 35.78 11.50 14.79
C SER E 104 37.16 11.43 15.46
N GLU E 105 37.59 10.24 15.84
CA GLU E 105 38.86 10.07 16.54
C GLU E 105 40.01 9.69 15.61
N ASN E 106 39.77 9.60 14.31
CA ASN E 106 40.81 9.25 13.33
C ASN E 106 40.76 10.26 12.19
N PRO E 107 41.33 11.45 12.40
CA PRO E 107 41.30 12.47 11.33
C PRO E 107 42.01 12.05 10.06
N GLU E 108 43.08 11.26 10.14
CA GLU E 108 43.83 10.87 8.96
C GLU E 108 43.01 10.00 8.02
N ALA E 109 41.95 9.37 8.51
CA ALA E 109 41.13 8.50 7.67
C ALA E 109 40.45 9.30 6.56
N ILE E 110 39.97 10.50 6.88
CA ILE E 110 39.33 11.33 5.86
C ILE E 110 40.32 11.68 4.77
N ASP E 111 41.54 12.07 5.16
CA ASP E 111 42.56 12.41 4.16
C ASP E 111 42.92 11.20 3.31
N GLN E 112 43.08 10.03 3.93
CA GLN E 112 43.42 8.83 3.16
C GLN E 112 42.31 8.48 2.18
N LEU E 113 41.05 8.55 2.62
CA LEU E 113 39.94 8.27 1.73
C LEU E 113 39.88 9.27 0.58
N ASN E 114 40.11 10.55 0.87
CA ASN E 114 40.07 11.55 -0.19
C ASN E 114 41.18 11.34 -1.21
N GLN E 115 42.39 11.04 -0.75
CA GLN E 115 43.50 10.83 -1.67
C GLN E 115 43.41 9.49 -2.39
N GLY E 116 42.68 8.53 -1.86
CA GLY E 116 42.53 7.25 -2.52
C GLY E 116 41.44 7.24 -3.58
N SER E 117 41.56 8.14 -4.56
CA SER E 117 40.60 8.25 -5.64
C SER E 117 41.06 7.50 -6.90
N GLU E 118 42.20 6.82 -6.86
CA GLU E 118 42.68 6.12 -8.04
C GLU E 118 41.90 4.84 -8.29
N ASP E 119 41.39 4.20 -7.23
CA ASP E 119 40.65 2.94 -7.33
C ASP E 119 39.34 3.10 -6.57
N PRO E 120 38.35 3.74 -7.17
CA PRO E 120 37.06 3.94 -6.48
C PRO E 120 36.34 2.63 -6.25
N LEU E 121 35.58 2.60 -5.16
CA LEU E 121 34.75 1.44 -4.83
C LEU E 121 33.37 1.59 -5.48
N LYS E 122 32.82 0.47 -5.94
CA LYS E 122 31.52 0.51 -6.60
C LYS E 122 30.41 0.91 -5.63
N ARG E 123 30.44 0.37 -4.41
CA ARG E 123 29.43 0.74 -3.44
C ARG E 123 29.84 2.01 -2.71
N PRO E 124 28.87 2.83 -2.30
CA PRO E 124 29.21 4.11 -1.67
C PRO E 124 29.93 3.93 -0.34
N VAL E 125 30.85 4.86 -0.08
CA VAL E 125 31.57 4.94 1.19
C VAL E 125 31.40 6.34 1.73
N VAL E 126 30.73 6.46 2.89
CA VAL E 126 30.40 7.75 3.49
C VAL E 126 30.96 7.77 4.90
N TYR E 127 31.63 8.88 5.25
CA TYR E 127 32.20 9.04 6.57
C TYR E 127 31.44 10.12 7.33
N VAL E 128 31.17 9.87 8.61
CA VAL E 128 30.42 10.78 9.46
C VAL E 128 31.19 10.98 10.76
N LYS E 129 31.14 12.19 11.29
CA LYS E 129 31.90 12.52 12.49
C LYS E 129 31.15 13.57 13.30
N GLY E 130 31.48 13.65 14.58
CA GLY E 130 30.94 14.68 15.45
C GLY E 130 29.67 14.28 16.18
N ALA E 131 28.78 15.25 16.37
CA ALA E 131 27.52 14.97 17.05
C ALA E 131 26.69 13.95 16.27
N ASP E 132 26.76 13.98 14.94
CA ASP E 132 26.07 12.98 14.14
C ASP E 132 26.62 11.59 14.42
N ALA E 133 27.95 11.47 14.52
CA ALA E 133 28.56 10.19 14.84
C ALA E 133 28.14 9.72 16.23
N ILE E 134 28.10 10.64 17.20
CA ILE E 134 27.69 10.28 18.55
C ILE E 134 26.25 9.78 18.56
N LYS E 135 25.37 10.47 17.83
CA LYS E 135 23.97 10.05 17.75
C LYS E 135 23.85 8.69 17.08
N LEU E 136 24.62 8.46 16.02
CA LEU E 136 24.57 7.15 15.35
C LEU E 136 25.02 6.03 16.28
N MET E 137 26.12 6.26 17.01
CA MET E 137 26.60 5.24 17.93
C MET E 137 25.61 5.00 19.07
N ASN E 138 24.97 6.06 19.55
CA ASN E 138 23.95 5.90 20.58
C ASN E 138 22.77 5.07 20.06
N ILE E 139 22.33 5.34 18.83
CA ILE E 139 21.25 4.56 18.25
C ILE E 139 21.65 3.10 18.10
N VAL E 140 22.88 2.85 17.64
CA VAL E 140 23.35 1.47 17.49
C VAL E 140 23.38 0.76 18.83
N ASN E 141 23.87 1.44 19.86
CA ASN E 141 23.98 0.80 21.18
C ASN E 141 22.61 0.56 21.79
N LYS E 142 21.67 1.49 21.63
CA LYS E 142 20.37 1.37 22.29
C LYS E 142 19.43 0.45 21.52
N GLN E 143 19.10 0.83 20.29
CA GLN E 143 18.08 0.10 19.54
C GLN E 143 18.58 -1.28 19.16
N LYS E 144 17.63 -2.22 19.07
CA LYS E 144 17.96 -3.60 18.71
C LYS E 144 18.11 -3.77 17.21
N VAL E 145 17.23 -3.16 16.41
CA VAL E 145 17.31 -3.22 14.96
C VAL E 145 17.03 -1.83 14.40
N ALA E 146 17.49 -1.60 13.17
CA ALA E 146 17.25 -0.35 12.47
C ALA E 146 17.39 -0.61 10.98
N ARG E 147 17.36 0.46 10.19
CA ARG E 147 17.53 0.35 8.75
C ARG E 147 18.06 1.69 8.23
N ALA E 148 19.33 1.71 7.85
CA ALA E 148 19.93 2.93 7.32
C ALA E 148 19.58 3.12 5.86
N ARG E 149 19.17 4.34 5.51
CA ARG E 149 18.95 4.74 4.13
C ARG E 149 19.86 5.92 3.84
N ILE E 150 20.91 5.68 3.06
CA ILE E 150 21.87 6.71 2.68
C ILE E 150 21.46 7.26 1.32
N GLN E 151 21.43 8.58 1.18
CA GLN E 151 21.00 9.19 -0.06
C GLN E 151 21.70 10.53 -0.23
N HIS E 152 21.63 11.06 -1.44
CA HIS E 152 22.12 12.40 -1.76
C HIS E 152 21.07 13.13 -2.57
N ARG E 153 21.04 14.45 -2.42
CA ARG E 153 20.08 15.27 -3.14
C ARG E 153 20.39 15.21 -4.64
N PRO E 154 19.46 14.77 -5.48
CA PRO E 154 19.73 14.70 -6.92
C PRO E 154 20.14 16.04 -7.51
N PRO E 155 19.54 17.17 -7.11
CA PRO E 155 20.04 18.45 -7.60
C PRO E 155 21.26 18.93 -6.81
N ARG E 156 22.05 19.76 -7.48
CA ARG E 156 23.22 20.37 -6.87
C ARG E 156 22.80 21.67 -6.18
N GLN E 157 23.78 22.48 -5.79
CA GLN E 157 23.47 23.78 -5.19
C GLN E 157 22.61 24.68 -6.09
N PRO E 158 22.85 24.81 -7.40
CA PRO E 158 21.97 25.66 -8.22
C PRO E 158 20.56 25.11 -8.41
N THR E 159 20.25 23.92 -7.88
CA THR E 159 18.91 23.34 -7.93
C THR E 159 18.44 23.20 -9.40
N GLU E 160 19.15 22.33 -10.11
CA GLU E 160 18.98 21.97 -11.53
C GLU E 160 19.57 23.03 -12.45
N TYR E 161 20.13 24.12 -11.92
CA TYR E 161 20.89 25.10 -12.70
C TYR E 161 20.03 25.70 -13.83
N PHE E 162 19.01 26.44 -13.41
CA PHE E 162 18.16 27.17 -14.35
C PHE E 162 18.92 28.25 -15.11
N ASP E 163 20.12 28.60 -14.66
CA ASP E 163 20.96 29.49 -15.45
C ASP E 163 21.26 28.91 -16.82
N MET E 164 21.21 27.58 -16.97
CA MET E 164 21.37 26.99 -18.29
C MET E 164 20.20 27.35 -19.20
N GLY E 165 18.98 27.35 -18.67
CA GLY E 165 17.85 27.79 -19.47
C GLY E 165 17.88 29.28 -19.76
N ILE E 166 18.33 30.07 -18.78
CA ILE E 166 18.47 31.51 -19.00
C ILE E 166 19.47 31.77 -20.12
N PHE E 167 20.61 31.09 -20.08
CA PHE E 167 21.60 31.21 -21.13
C PHE E 167 21.09 30.65 -22.45
N LEU E 168 20.20 29.65 -22.41
CA LEU E 168 19.59 29.16 -23.65
C LEU E 168 18.75 30.25 -24.30
N ALA E 169 17.93 30.94 -23.51
CA ALA E 169 17.12 32.03 -24.06
C ALA E 169 18.01 33.16 -24.60
N PHE E 170 19.04 33.54 -23.83
CA PHE E 170 19.95 34.58 -24.28
C PHE E 170 20.69 34.16 -25.55
N PHE E 171 21.08 32.89 -25.63
CA PHE E 171 21.77 32.38 -26.81
C PHE E 171 20.85 32.39 -28.02
N VAL E 172 19.57 32.05 -27.84
CA VAL E 172 18.63 32.13 -28.95
C VAL E 172 18.52 33.57 -29.44
N VAL E 173 18.39 34.52 -28.51
CA VAL E 173 18.26 35.93 -28.89
C VAL E 173 19.50 36.38 -29.66
N VAL E 174 20.68 36.12 -29.11
CA VAL E 174 21.91 36.61 -29.74
C VAL E 174 22.17 35.88 -31.05
N SER E 175 21.76 34.62 -31.17
CA SER E 175 21.91 33.90 -32.43
C SER E 175 21.01 34.48 -33.50
N LEU E 176 19.77 34.84 -33.15
CA LEU E 176 18.90 35.51 -34.10
C LEU E 176 19.49 36.85 -34.54
N VAL E 177 20.04 37.61 -33.58
CA VAL E 177 20.64 38.90 -33.92
C VAL E 177 21.85 38.72 -34.83
N CYS E 178 22.66 37.69 -34.55
CA CYS E 178 23.83 37.41 -35.38
C CYS E 178 23.41 36.98 -36.79
N LEU E 179 22.34 36.18 -36.89
CA LEU E 179 21.85 35.80 -38.22
C LEU E 179 21.37 37.03 -39.00
N ILE E 180 20.68 37.94 -38.31
CA ILE E 180 20.25 39.18 -38.96
C ILE E 180 21.47 40.00 -39.41
N LEU E 181 22.49 40.06 -38.58
CA LEU E 181 23.71 40.79 -38.94
C LEU E 181 24.38 40.17 -40.16
N LEU E 182 24.43 38.83 -40.21
CA LEU E 182 25.05 38.17 -41.36
C LEU E 182 24.23 38.38 -42.62
N VAL E 183 22.90 38.38 -42.50
CA VAL E 183 22.05 38.69 -43.66
C VAL E 183 22.30 40.11 -44.14
N LYS E 184 22.43 41.06 -43.21
CA LYS E 184 22.72 42.44 -43.58
C LYS E 184 24.07 42.55 -44.28
N ILE E 185 25.08 41.86 -43.77
CA ILE E 185 26.41 41.89 -44.38
C ILE E 185 26.36 41.30 -45.79
N LYS E 186 25.63 40.18 -45.95
CA LYS E 186 25.50 39.56 -47.26
C LYS E 186 24.79 40.49 -48.24
N LEU E 187 23.74 41.16 -47.78
CA LEU E 187 23.02 42.10 -48.66
C LEU E 187 23.91 43.26 -49.05
N LYS E 188 24.70 43.79 -48.11
CA LYS E 188 25.61 44.89 -48.43
C LYS E 188 26.68 44.45 -49.43
N GLN E 189 27.22 43.25 -49.25
CA GLN E 189 28.27 42.75 -50.15
C GLN E 189 27.71 42.46 -51.54
N ARG E 190 26.48 41.96 -51.61
CA ARG E 190 25.87 41.62 -52.89
C ARG E 190 24.73 42.57 -53.22
N LYS F 1 37.96 -8.48 31.03
CA LYS F 1 37.62 -7.10 30.74
C LYS F 1 38.87 -6.24 30.61
N GLY F 2 39.89 -6.57 31.40
CA GLY F 2 41.13 -5.83 31.38
C GLY F 2 41.79 -5.77 30.02
N CYS F 3 42.16 -4.58 29.59
CA CYS F 3 42.75 -4.39 28.27
C CYS F 3 43.50 -3.06 28.25
N LEU F 4 44.31 -2.88 27.21
CA LEU F 4 45.07 -1.64 27.07
C LEU F 4 44.15 -0.44 26.92
N SER F 5 43.10 -0.59 26.10
CA SER F 5 42.13 0.47 25.90
C SER F 5 40.76 -0.15 25.68
N CYS F 6 39.72 0.63 25.93
CA CYS F 6 38.35 0.12 25.84
C CYS F 6 37.41 1.29 25.56
N SER F 7 36.97 1.42 24.32
CA SER F 7 35.96 2.41 23.98
C SER F 7 34.57 1.84 24.26
N LYS F 8 33.66 2.73 24.67
CA LYS F 8 32.32 2.30 25.03
C LYS F 8 31.58 1.70 23.84
N ASP F 9 31.78 2.27 22.64
CA ASP F 9 31.00 1.87 21.48
C ASP F 9 31.33 0.45 21.04
N ASN F 10 32.62 0.12 20.91
CA ASN F 10 33.04 -1.15 20.33
C ASN F 10 33.90 -1.96 21.30
N GLY F 11 33.71 -1.77 22.60
CA GLY F 11 34.45 -2.58 23.56
C GLY F 11 35.94 -2.27 23.56
N CYS F 12 36.72 -3.26 23.96
CA CYS F 12 38.17 -3.11 24.07
C CYS F 12 38.82 -3.67 22.81
N SER F 13 39.38 -2.77 21.99
CA SER F 13 39.99 -3.19 20.73
C SER F 13 41.29 -3.94 20.97
N ARG F 14 42.16 -3.42 21.82
CA ARG F 14 43.48 -3.99 22.05
C ARG F 14 43.48 -4.76 23.37
N CYS F 15 43.74 -6.07 23.28
CA CYS F 15 43.78 -6.94 24.44
C CYS F 15 45.22 -7.22 24.85
N GLN F 16 45.38 -8.06 25.87
CA GLN F 16 46.70 -8.46 26.32
C GLN F 16 47.34 -9.42 25.32
N GLN F 17 48.68 -9.44 25.31
CA GLN F 17 49.39 -10.31 24.38
C GLN F 17 49.10 -11.78 24.66
N LYS F 18 49.01 -12.16 25.92
CA LYS F 18 48.77 -13.54 26.30
C LYS F 18 47.28 -13.89 26.40
N LEU F 19 46.39 -12.95 26.10
CA LEU F 19 44.96 -13.14 26.26
C LEU F 19 44.29 -13.14 24.89
N PHE F 20 43.40 -14.11 24.67
CA PHE F 20 42.70 -14.21 23.39
C PHE F 20 41.74 -13.05 23.20
N PHE F 21 41.65 -12.57 21.98
CA PHE F 21 40.72 -11.51 21.60
C PHE F 21 39.53 -12.13 20.87
N PHE F 22 38.33 -11.90 21.39
CA PHE F 22 37.12 -12.48 20.82
C PHE F 22 36.05 -11.40 20.72
N LEU F 23 35.37 -11.34 19.59
CA LEU F 23 34.33 -10.35 19.35
C LEU F 23 32.96 -11.02 19.36
N ARG F 24 32.03 -10.45 20.12
CA ARG F 24 30.68 -10.96 20.23
C ARG F 24 29.71 -9.97 19.59
N ARG F 25 28.71 -10.50 18.88
CA ARG F 25 27.70 -9.71 18.21
C ARG F 25 26.32 -10.05 18.76
N GLU F 26 25.58 -9.01 19.14
CA GLU F 26 24.17 -9.15 19.47
C GLU F 26 23.41 -7.96 18.89
N GLY F 27 22.27 -8.24 18.27
CA GLY F 27 21.52 -7.18 17.62
C GLY F 27 22.34 -6.53 16.53
N MET F 28 22.45 -5.20 16.60
CA MET F 28 23.28 -4.45 15.67
C MET F 28 24.68 -4.21 16.22
N ARG F 29 24.98 -4.63 17.44
CA ARG F 29 26.27 -4.39 18.06
C ARG F 29 27.20 -5.56 17.84
N GLN F 30 28.48 -5.24 17.63
CA GLN F 30 29.56 -6.25 17.62
C GLN F 30 30.77 -5.62 18.28
N TYR F 31 31.12 -6.12 19.46
CA TYR F 31 32.18 -5.52 20.27
C TYR F 31 33.19 -6.59 20.68
N GLY F 32 34.43 -6.16 20.86
CA GLY F 32 35.49 -7.06 21.24
C GLY F 32 35.67 -7.16 22.75
N GLU F 33 36.35 -8.23 23.16
CA GLU F 33 36.62 -8.48 24.56
C GLU F 33 37.81 -9.43 24.65
N CYS F 34 38.35 -9.57 25.85
CA CYS F 34 39.53 -10.38 26.10
C CYS F 34 39.17 -11.53 27.02
N LEU F 35 39.58 -12.73 26.63
CA LEU F 35 39.35 -13.92 27.44
C LEU F 35 40.43 -14.95 27.14
N HIS F 36 40.70 -15.81 28.11
CA HIS F 36 41.81 -16.75 28.01
C HIS F 36 41.42 -18.04 27.30
N SER F 37 40.16 -18.46 27.41
CA SER F 37 39.69 -19.70 26.79
C SER F 37 38.54 -19.37 25.85
N CYS F 38 38.71 -19.70 24.57
CA CYS F 38 37.65 -19.50 23.61
C CYS F 38 36.46 -20.41 23.93
N PRO F 39 35.23 -19.90 23.85
CA PRO F 39 34.07 -20.72 24.22
C PRO F 39 33.82 -21.85 23.23
N SER F 40 32.75 -22.60 23.46
CA SER F 40 32.42 -23.73 22.58
C SER F 40 32.22 -23.24 21.15
N GLY F 41 32.74 -24.00 20.19
CA GLY F 41 32.68 -23.61 18.80
C GLY F 41 33.77 -22.63 18.38
N TYR F 42 34.74 -22.36 19.25
CA TYR F 42 35.82 -21.44 18.92
C TYR F 42 37.15 -22.05 19.35
N TYR F 43 38.22 -21.61 18.70
CA TYR F 43 39.57 -22.00 19.05
C TYR F 43 40.49 -20.81 18.90
N GLY F 44 41.54 -20.77 19.73
CA GLY F 44 42.46 -19.65 19.73
C GLY F 44 43.67 -19.91 18.86
N HIS F 45 43.96 -18.95 17.97
CA HIS F 45 45.12 -19.04 17.09
C HIS F 45 45.89 -17.73 17.14
N ARG F 46 47.21 -17.84 17.00
CA ARG F 46 48.11 -16.69 17.05
C ARG F 46 48.10 -16.01 15.69
N ALA F 47 47.16 -15.10 15.50
CA ALA F 47 47.10 -14.32 14.27
C ALA F 47 48.26 -13.33 14.23
N PRO F 48 48.60 -12.82 13.04
CA PRO F 48 49.73 -11.87 12.94
C PRO F 48 49.57 -10.64 13.82
N ASP F 49 48.34 -10.15 14.00
CA ASP F 49 48.15 -8.97 14.85
C ASP F 49 48.11 -9.36 16.33
N MET F 50 47.22 -10.28 16.69
CA MET F 50 47.11 -10.73 18.08
C MET F 50 46.44 -12.09 18.10
N ASN F 51 46.65 -12.81 19.19
CA ASN F 51 45.99 -14.11 19.37
C ASN F 51 44.48 -13.90 19.48
N ARG F 52 43.73 -14.59 18.62
CA ARG F 52 42.30 -14.37 18.51
C ARG F 52 41.56 -15.69 18.40
N CYS F 53 40.29 -15.66 18.82
CA CYS F 53 39.41 -16.82 18.71
C CYS F 53 38.69 -16.80 17.37
N ALA F 54 38.68 -17.96 16.72
CA ALA F 54 37.98 -18.13 15.44
C ALA F 54 37.05 -19.34 15.55
N ARG F 55 35.93 -19.26 14.82
CA ARG F 55 34.94 -20.33 14.88
C ARG F 55 35.50 -21.62 14.32
N CYS F 56 35.12 -22.73 14.94
CA CYS F 56 35.63 -24.04 14.54
C CYS F 56 35.08 -24.42 13.18
N ARG F 57 35.97 -24.83 12.27
CA ARG F 57 35.59 -25.32 10.96
C ARG F 57 35.37 -26.82 10.93
N ILE F 58 35.61 -27.53 12.04
CA ILE F 58 35.36 -28.96 12.09
C ILE F 58 33.86 -29.19 12.01
N GLU F 59 33.45 -30.16 11.20
CA GLU F 59 32.04 -30.37 10.93
C GLU F 59 31.34 -31.03 12.12
N ASN F 60 30.17 -30.49 12.47
CA ASN F 60 29.27 -31.08 13.45
C ASN F 60 29.97 -31.35 14.79
N CYS F 61 30.78 -30.40 15.23
CA CYS F 61 31.46 -30.47 16.51
C CYS F 61 31.31 -29.14 17.23
N ASP F 62 30.94 -29.19 18.51
CA ASP F 62 30.69 -27.98 19.28
C ASP F 62 31.96 -27.41 19.91
N SER F 63 33.07 -28.12 19.86
CA SER F 63 34.32 -27.61 20.42
C SER F 63 35.49 -28.15 19.61
N CYS F 64 36.58 -27.37 19.59
CA CYS F 64 37.77 -27.75 18.84
C CYS F 64 38.96 -27.00 19.42
N PHE F 65 40.15 -27.45 19.04
CA PHE F 65 41.39 -26.79 19.41
C PHE F 65 42.16 -26.23 18.23
N SER F 66 41.83 -26.64 17.01
CA SER F 66 42.49 -26.13 15.82
C SER F 66 41.50 -26.19 14.66
N LYS F 67 42.00 -25.94 13.45
CA LYS F 67 41.13 -25.98 12.27
C LYS F 67 40.59 -27.39 12.02
N ASP F 68 41.44 -28.41 12.18
CA ASP F 68 41.06 -29.78 11.91
C ASP F 68 40.73 -30.58 13.17
N PHE F 69 41.51 -30.39 14.24
CA PHE F 69 41.28 -31.15 15.46
C PHE F 69 40.06 -30.62 16.20
N CYS F 70 39.26 -31.54 16.74
CA CYS F 70 38.11 -31.21 17.57
C CYS F 70 38.24 -31.95 18.89
N THR F 71 38.12 -31.22 20.00
CA THR F 71 38.27 -31.82 21.32
C THR F 71 36.96 -32.37 21.87
N LYS F 72 35.84 -31.68 21.62
CA LYS F 72 34.54 -32.11 22.09
C LYS F 72 33.52 -32.02 20.96
N CYS F 73 32.80 -33.11 20.72
CA CYS F 73 31.80 -33.19 19.67
C CYS F 73 30.40 -33.18 20.28
N LYS F 74 29.40 -33.10 19.41
CA LYS F 74 28.01 -33.05 19.83
C LYS F 74 27.51 -34.46 20.14
N VAL F 75 26.22 -34.58 20.44
CA VAL F 75 25.63 -35.88 20.76
C VAL F 75 25.21 -36.61 19.49
N GLY F 76 24.56 -35.91 18.55
CA GLY F 76 24.15 -36.54 17.31
C GLY F 76 25.28 -36.92 16.39
N PHE F 77 26.45 -36.30 16.55
CA PHE F 77 27.63 -36.60 15.76
C PHE F 77 28.66 -37.29 16.64
N TYR F 78 29.63 -37.93 15.98
CA TYR F 78 30.61 -38.77 16.66
C TYR F 78 32.01 -38.18 16.52
N LEU F 79 32.85 -38.45 17.52
CA LEU F 79 34.25 -38.03 17.53
C LEU F 79 35.10 -39.28 17.67
N HIS F 80 35.41 -39.92 16.54
CA HIS F 80 36.27 -41.09 16.56
C HIS F 80 37.68 -40.72 16.99
N ARG F 81 38.19 -39.60 16.51
CA ARG F 81 39.53 -39.12 16.82
C ARG F 81 39.56 -37.62 16.58
N GLY F 82 40.76 -37.05 16.46
CA GLY F 82 40.87 -35.63 16.17
C GLY F 82 40.14 -35.24 14.91
N ARG F 83 40.21 -36.08 13.88
CA ARG F 83 39.39 -35.91 12.69
C ARG F 83 38.03 -36.54 12.94
N CYS F 84 36.97 -35.76 12.73
CA CYS F 84 35.62 -36.17 13.08
C CYS F 84 35.00 -37.02 11.97
N PHE F 85 34.25 -38.04 12.39
CA PHE F 85 33.53 -38.91 11.47
C PHE F 85 32.10 -39.09 11.98
N ASP F 86 31.20 -39.43 11.05
CA ASP F 86 29.81 -39.65 11.43
C ASP F 86 29.68 -40.81 12.41
N GLU F 87 30.40 -41.90 12.16
CA GLU F 87 30.42 -43.06 13.05
C GLU F 87 31.67 -43.88 12.75
N CYS F 88 32.40 -44.23 13.79
CA CYS F 88 33.68 -44.90 13.60
C CYS F 88 33.48 -46.30 13.05
N PRO F 89 34.43 -46.81 12.26
CA PRO F 89 34.34 -48.19 11.78
C PRO F 89 34.41 -49.18 12.93
N ASP F 90 33.78 -50.33 12.73
CA ASP F 90 33.75 -51.36 13.74
C ASP F 90 35.14 -51.96 13.94
N GLY F 91 35.26 -52.80 14.96
CA GLY F 91 36.56 -53.37 15.32
C GLY F 91 37.52 -52.35 15.90
N PHE F 92 37.04 -51.43 16.72
CA PHE F 92 37.87 -50.43 17.36
C PHE F 92 37.43 -50.31 18.82
N ALA F 93 37.90 -49.27 19.50
CA ALA F 93 37.54 -49.07 20.89
C ALA F 93 36.04 -48.82 21.00
N PRO F 94 35.36 -49.42 21.98
CA PRO F 94 33.91 -49.21 22.12
C PRO F 94 33.56 -47.80 22.55
N LEU F 95 32.26 -47.53 22.70
CA LEU F 95 31.81 -46.21 23.11
C LEU F 95 32.34 -45.85 24.49
N ASP F 96 31.97 -46.64 25.51
CA ASP F 96 32.38 -46.44 26.89
C ASP F 96 31.95 -45.08 27.44
N GLU F 97 30.93 -44.48 26.83
CA GLU F 97 30.37 -43.19 27.25
C GLU F 97 31.38 -42.05 27.11
N THR F 98 32.56 -42.35 26.58
CA THR F 98 33.59 -41.34 26.36
C THR F 98 33.60 -40.78 24.95
N MET F 99 32.77 -41.33 24.05
CA MET F 99 32.67 -40.96 22.64
C MET F 99 33.92 -41.28 21.85
N GLU F 100 34.97 -41.82 22.49
CA GLU F 100 36.21 -42.16 21.82
C GLU F 100 36.14 -43.57 21.26
N CYS F 101 36.68 -43.76 20.06
CA CYS F 101 36.62 -45.04 19.39
C CYS F 101 37.89 -45.31 18.59
#